data_4ONT
#
_entry.id   4ONT
#
_cell.length_a   75.459
_cell.length_b   82.536
_cell.length_c   85.752
_cell.angle_alpha   112.50
_cell.angle_beta   110.71
_cell.angle_gamma   99.98
#
_symmetry.space_group_name_H-M   'P 1'
#
loop_
_entity.id
_entity.type
_entity.pdbx_description
1 polymer 'Complement factor H'
2 polymer 'Complement C3d fragment'
3 branched 'N-acetyl-alpha-neuraminic acid-(2-3)-beta-D-galactopyranose-(1-4)-beta-D-glucopyranose'
4 non-polymer GLYCEROL
5 water water
#
loop_
_entity_poly.entity_id
_entity_poly.type
_entity_poly.pdbx_seq_one_letter_code
_entity_poly.pdbx_strand_id
1 'polypeptide(L)'
;EAEFGKCGPPPPIDNGDITSFPLSVYAPASSVEYQCQNLYQLEGNKRITCRNGQWSEPPKCLHPCVISREIMENYNIALR
WTAKQKLYSRTGESVEFVCKRGYRLSSRSHTLRTTCWDGKLEYPTCAKR
;
F,D,E
2 'polypeptide(L)'
;GPLGSPEFRDAERLKHLIVTPSGAGEQNMIGMTPTVIAVHYLDETEQWEKFGLEKRQGALELIKKGYTQQLAFRQPSSAF
AAFVKRAPSTWLTAYVVKVFSLAVNLIAIDSQVLCGAVKWLILEKQKPDGVFQEDAPVIHQEMIGGLRNNNEKDMALTAF
VLISLQEAKDICEEQVNSLPGSITKAGDFLEANYMNLQRSYTVAIAGYALAQMGRLKGPLLNKFLTTAKDKNRWEDPGKQ
LYNVEATSYALLALLQLKDFDFVPPVVRWLNEQRYYGGGYGSTQATFMVFQALAQYQKDAPDHQELNLDVSLQLPSR
;
A,B,C
#
loop_
_chem_comp.id
_chem_comp.type
_chem_comp.name
_chem_comp.formula
BGC D-saccharide, beta linking beta-D-glucopyranose 'C6 H12 O6'
GAL D-saccharide, beta linking beta-D-galactopyranose 'C6 H12 O6'
GOL non-polymer GLYCEROL 'C3 H8 O3'
SIA D-saccharide, alpha linking 'N-acetyl-alpha-neuraminic acid' 'C11 H19 N O9'
#
# COMPACT_ATOMS: atom_id res chain seq x y z
N LYS A 6 34.45 -13.94 4.55
CA LYS A 6 33.08 -13.50 4.95
C LYS A 6 32.03 -14.62 4.74
N CYS A 7 31.35 -15.01 5.83
CA CYS A 7 30.33 -16.09 5.83
C CYS A 7 28.92 -15.55 5.69
N GLY A 8 28.00 -16.39 5.25
CA GLY A 8 26.55 -16.10 5.33
C GLY A 8 25.96 -16.39 6.71
N PRO A 9 24.62 -16.33 6.84
CA PRO A 9 23.99 -16.67 8.13
C PRO A 9 24.34 -18.10 8.61
N PRO A 10 24.55 -18.26 9.95
CA PRO A 10 24.83 -19.52 10.63
C PRO A 10 23.79 -20.61 10.40
N PRO A 11 24.20 -21.88 10.44
CA PRO A 11 23.27 -22.97 10.16
C PRO A 11 22.31 -23.15 11.31
N PRO A 12 21.15 -23.75 11.06
CA PRO A 12 20.25 -24.11 12.14
C PRO A 12 20.67 -25.43 12.76
N ILE A 13 20.26 -25.67 14.00
CA ILE A 13 20.32 -26.99 14.60
C ILE A 13 18.94 -27.32 15.16
N ASP A 14 18.62 -28.61 15.25
CA ASP A 14 17.36 -29.08 15.81
C ASP A 14 17.31 -28.70 17.29
N ASN A 15 16.11 -28.37 17.78
CA ASN A 15 15.91 -28.07 19.17
C ASN A 15 16.89 -27.08 19.77
N GLY A 16 17.34 -26.11 18.99
CA GLY A 16 18.23 -25.09 19.54
C GLY A 16 18.31 -23.91 18.59
N ASP A 17 19.13 -22.93 18.93
CA ASP A 17 19.27 -21.73 18.11
C ASP A 17 20.49 -20.99 18.66
N ILE A 18 20.88 -19.93 17.97
CA ILE A 18 21.97 -19.07 18.41
C ILE A 18 21.56 -18.08 19.50
N THR A 19 22.57 -17.59 20.22
CA THR A 19 22.30 -16.87 21.44
C THR A 19 22.29 -15.40 21.11
N SER A 20 22.49 -15.09 19.83
CA SER A 20 22.39 -13.70 19.37
C SER A 20 21.44 -13.61 18.18
N PHE A 21 21.08 -12.39 17.81
CA PHE A 21 20.36 -12.14 16.57
C PHE A 21 21.26 -12.30 15.36
N PRO A 22 20.78 -13.06 14.35
CA PRO A 22 21.45 -13.30 13.08
C PRO A 22 21.71 -12.04 12.27
N LEU A 23 22.83 -12.02 11.55
CA LEU A 23 23.10 -11.02 10.52
C LEU A 23 23.24 -11.72 9.17
N SER A 24 23.24 -10.93 8.10
CA SER A 24 23.26 -11.50 6.76
C SER A 24 24.65 -11.96 6.33
N VAL A 25 25.67 -11.20 6.71
CA VAL A 25 27.06 -11.51 6.40
C VAL A 25 27.93 -11.36 7.64
N TYR A 26 28.79 -12.35 7.88
CA TYR A 26 29.69 -12.34 9.03
C TYR A 26 31.15 -12.23 8.59
N ALA A 27 31.84 -11.18 9.03
CA ALA A 27 33.29 -11.05 8.81
C ALA A 27 34.04 -12.25 9.43
N PRO A 28 35.11 -12.75 8.76
CA PRO A 28 35.87 -13.88 9.32
C PRO A 28 36.45 -13.59 10.70
N ALA A 29 36.73 -14.63 11.48
CA ALA A 29 37.21 -14.48 12.86
C ALA A 29 36.07 -14.47 13.85
N SER A 30 34.90 -14.00 13.40
CA SER A 30 33.75 -13.77 14.26
C SER A 30 33.03 -15.08 14.59
N SER A 31 32.58 -15.19 15.82
CA SER A 31 31.97 -16.41 16.33
C SER A 31 30.48 -16.18 16.65
N VAL A 32 29.72 -17.28 16.77
CA VAL A 32 28.43 -17.25 17.49
C VAL A 32 28.26 -18.54 18.26
N GLU A 33 27.52 -18.46 19.36
CA GLU A 33 27.24 -19.62 20.22
C GLU A 33 25.81 -20.12 20.02
N TYR A 34 25.60 -21.42 20.24
CA TYR A 34 24.28 -22.02 20.28
C TYR A 34 23.80 -22.26 21.70
N GLN A 35 22.50 -22.48 21.83
CA GLN A 35 21.90 -22.93 23.07
C GLN A 35 20.76 -23.86 22.71
N CYS A 36 20.51 -24.89 23.50
CA CYS A 36 19.44 -25.84 23.21
C CYS A 36 18.16 -25.42 23.96
N GLN A 37 17.00 -25.94 23.55
CA GLN A 37 15.77 -25.78 24.31
C GLN A 37 15.87 -26.42 25.68
N ASN A 38 15.00 -25.98 26.59
CA ASN A 38 14.96 -26.43 27.98
C ASN A 38 15.02 -27.94 28.06
N LEU A 39 15.95 -28.47 28.87
CA LEU A 39 16.12 -29.91 29.08
C LEU A 39 16.86 -30.64 27.92
N TYR A 40 17.30 -29.91 26.90
CA TYR A 40 18.16 -30.51 25.88
C TYR A 40 19.60 -30.17 26.20
N GLN A 41 20.50 -31.08 25.87
CA GLN A 41 21.91 -31.04 26.27
C GLN A 41 22.82 -30.80 25.05
N LEU A 42 23.55 -29.69 25.05
CA LEU A 42 24.50 -29.40 23.98
C LEU A 42 25.60 -30.46 23.94
N GLU A 43 25.72 -31.17 22.81
CA GLU A 43 26.91 -31.98 22.54
C GLU A 43 27.82 -31.36 21.48
N GLY A 44 29.10 -31.23 21.81
CA GLY A 44 30.06 -30.58 20.95
C GLY A 44 30.38 -29.19 21.44
N ASN A 45 31.09 -28.43 20.62
CA ASN A 45 31.41 -27.07 20.99
C ASN A 45 30.25 -26.11 20.79
N LYS A 46 29.88 -25.35 21.83
CA LYS A 46 28.78 -24.37 21.71
C LYS A 46 29.07 -23.23 20.74
N ARG A 47 30.35 -23.06 20.37
CA ARG A 47 30.80 -21.92 19.56
C ARG A 47 31.24 -22.31 18.15
N ILE A 48 30.94 -21.45 17.18
CA ILE A 48 31.46 -21.64 15.83
C ILE A 48 32.18 -20.38 15.36
N THR A 49 33.04 -20.51 14.34
CA THR A 49 33.83 -19.39 13.81
C THR A 49 33.78 -19.26 12.28
N CYS A 50 33.89 -18.03 11.81
CA CYS A 50 33.87 -17.72 10.38
C CYS A 50 35.25 -18.02 9.77
N ARG A 51 35.46 -19.28 9.40
CA ARG A 51 36.75 -19.81 8.94
C ARG A 51 36.95 -19.73 7.41
N ASN A 52 37.58 -18.64 6.95
CA ASN A 52 37.83 -18.34 5.53
C ASN A 52 36.56 -18.25 4.67
N GLY A 53 35.57 -17.49 5.15
CA GLY A 53 34.25 -17.43 4.53
C GLY A 53 33.39 -18.67 4.77
N GLN A 54 33.59 -19.35 5.90
CA GLN A 54 32.92 -20.62 6.19
C GLN A 54 32.68 -20.88 7.69
N TRP A 55 31.50 -21.40 8.04
CA TRP A 55 31.22 -21.76 9.44
C TRP A 55 31.94 -23.03 9.85
N SER A 56 32.65 -22.96 10.99
CA SER A 56 33.08 -24.16 11.72
C SER A 56 31.88 -25.08 12.08
N GLU A 57 32.14 -26.28 12.59
CA GLU A 57 31.06 -27.25 12.85
C GLU A 57 30.17 -26.85 14.05
N PRO A 58 28.83 -27.04 13.93
CA PRO A 58 27.86 -26.72 14.99
C PRO A 58 27.46 -27.93 15.85
N PRO A 59 27.05 -27.68 17.12
CA PRO A 59 26.70 -28.73 18.11
C PRO A 59 25.43 -29.50 17.83
N LYS A 60 25.25 -30.58 18.59
CA LYS A 60 24.03 -31.38 18.60
C LYS A 60 23.26 -31.01 19.90
N CYS A 61 21.95 -31.31 19.94
CA CYS A 61 21.16 -31.19 21.18
C CYS A 61 20.59 -32.53 21.58
N LEU A 62 21.06 -33.05 22.68
CA LEU A 62 20.65 -34.37 23.09
C LEU A 62 19.28 -34.35 23.77
N HIS A 63 18.46 -35.28 23.34
CA HIS A 63 17.10 -35.36 23.78
C HIS A 63 17.01 -35.76 25.23
N PRO A 64 16.08 -35.14 25.96
CA PRO A 64 15.60 -35.60 27.25
C PRO A 64 14.70 -36.79 27.04
N CYS A 65 14.20 -37.36 28.11
CA CYS A 65 13.37 -38.56 28.04
C CYS A 65 12.10 -38.23 28.79
N VAL A 66 10.95 -38.49 28.19
CA VAL A 66 9.67 -38.11 28.78
C VAL A 66 9.03 -39.33 29.34
N ILE A 67 8.73 -39.33 30.63
CA ILE A 67 8.10 -40.47 31.28
C ILE A 67 6.59 -40.29 31.47
N SER A 68 5.81 -40.89 30.56
CA SER A 68 4.36 -40.67 30.49
C SER A 68 3.54 -41.52 31.46
N ARG A 69 2.32 -41.07 31.78
CA ARG A 69 1.31 -41.91 32.41
C ARG A 69 1.02 -43.12 31.53
N GLU A 70 1.22 -42.94 30.22
CA GLU A 70 1.08 -44.01 29.24
C GLU A 70 2.15 -45.09 29.44
N ILE A 71 3.43 -44.70 29.41
CA ILE A 71 4.51 -45.66 29.61
C ILE A 71 4.41 -46.32 30.99
N MET A 72 4.01 -45.55 32.00
CA MET A 72 3.86 -46.09 33.36
C MET A 72 2.91 -47.29 33.40
N GLU A 73 1.66 -47.08 32.97
CA GLU A 73 0.66 -48.16 32.96
C GLU A 73 1.17 -49.52 32.41
N ASN A 74 2.30 -49.53 31.70
CA ASN A 74 2.78 -50.73 31.00
C ASN A 74 3.82 -51.62 31.68
N TYR A 75 5.10 -51.30 31.49
CA TYR A 75 6.23 -52.09 32.03
C TYR A 75 6.02 -52.45 33.51
N ASN A 76 4.85 -52.05 34.02
CA ASN A 76 4.43 -52.19 35.42
C ASN A 76 5.40 -51.69 36.50
N ILE A 77 5.85 -50.46 36.25
CA ILE A 77 6.69 -49.67 37.14
C ILE A 77 5.97 -48.36 37.37
N ALA A 78 6.07 -47.80 38.58
CA ALA A 78 5.58 -46.44 38.87
C ALA A 78 6.63 -45.60 39.60
N LEU A 79 6.35 -44.31 39.77
CA LEU A 79 7.40 -43.36 40.19
C LEU A 79 7.78 -43.50 41.66
N ARG A 80 9.08 -43.71 41.90
CA ARG A 80 9.58 -44.10 43.22
C ARG A 80 9.47 -43.02 44.30
N TRP A 81 9.98 -41.82 44.00
CA TRP A 81 9.93 -40.72 44.95
C TRP A 81 8.67 -39.87 44.81
N THR A 82 8.58 -39.04 43.76
CA THR A 82 7.39 -38.21 43.53
C THR A 82 6.17 -38.98 42.99
N ALA A 83 5.02 -38.33 42.96
CA ALA A 83 3.78 -38.97 42.52
C ALA A 83 3.17 -38.28 41.30
N LYS A 84 3.99 -37.49 40.61
CA LYS A 84 3.62 -36.87 39.35
C LYS A 84 3.31 -37.96 38.32
N GLN A 85 2.20 -37.82 37.62
CA GLN A 85 1.82 -38.78 36.58
C GLN A 85 2.64 -38.64 35.29
N LYS A 86 3.64 -37.76 35.32
CA LYS A 86 4.56 -37.53 34.19
C LYS A 86 5.83 -36.82 34.68
N LEU A 87 6.96 -37.00 33.99
CA LEU A 87 8.25 -36.48 34.43
C LEU A 87 9.22 -36.37 33.26
N TYR A 88 10.07 -35.35 33.26
CA TYR A 88 11.05 -35.17 32.19
C TYR A 88 12.47 -35.39 32.72
N SER A 89 13.31 -36.09 31.96
CA SER A 89 14.70 -36.26 32.38
C SER A 89 15.70 -35.82 31.36
N ARG A 90 16.65 -34.98 31.77
CA ARG A 90 17.78 -34.62 30.93
C ARG A 90 18.66 -35.83 30.55
N THR A 91 19.41 -35.72 29.44
CA THR A 91 20.47 -36.69 29.16
C THR A 91 21.54 -36.56 30.24
N GLY A 92 21.92 -37.70 30.82
CA GLY A 92 23.05 -37.74 31.75
C GLY A 92 22.55 -37.76 33.17
N GLU A 93 21.24 -37.95 33.30
CA GLU A 93 20.53 -37.80 34.56
C GLU A 93 19.72 -39.06 34.71
N SER A 94 19.40 -39.42 35.95
CA SER A 94 18.90 -40.74 36.27
C SER A 94 17.50 -40.63 36.80
N VAL A 95 16.72 -41.66 36.52
CA VAL A 95 15.43 -41.84 37.18
C VAL A 95 15.41 -43.21 37.86
N GLU A 96 14.44 -43.38 38.76
CA GLU A 96 14.42 -44.47 39.72
C GLU A 96 12.96 -44.87 39.91
N PHE A 97 12.67 -46.14 39.70
CA PHE A 97 11.33 -46.64 39.95
C PHE A 97 11.40 -47.77 40.96
N VAL A 98 10.22 -48.15 41.43
CA VAL A 98 9.97 -49.47 42.00
C VAL A 98 8.79 -50.07 41.22
N CYS A 99 8.43 -51.33 41.49
CA CYS A 99 7.41 -52.05 40.71
C CYS A 99 5.94 -51.72 41.08
N LYS A 100 5.00 -52.21 40.27
CA LYS A 100 3.59 -51.83 40.38
C LYS A 100 2.93 -52.50 41.58
N ARG A 101 1.64 -52.82 41.44
CA ARG A 101 0.77 -53.25 42.55
C ARG A 101 1.10 -54.64 43.15
N GLY A 102 2.40 -54.93 43.29
CA GLY A 102 2.89 -56.20 43.87
C GLY A 102 3.59 -57.15 42.90
N TYR A 103 4.68 -56.68 42.28
CA TYR A 103 5.41 -57.44 41.25
C TYR A 103 6.89 -57.58 41.63
N ARG A 104 7.60 -58.48 40.94
CA ARG A 104 9.04 -58.67 41.13
C ARG A 104 9.82 -58.03 39.97
N LEU A 105 11.09 -57.65 40.22
CA LEU A 105 12.01 -57.15 39.18
C LEU A 105 12.46 -58.28 38.23
N SER A 106 11.99 -58.23 36.98
CA SER A 106 12.18 -59.35 36.06
C SER A 106 13.25 -59.05 35.02
N SER A 107 13.74 -57.81 35.01
CA SER A 107 14.90 -57.43 34.21
C SER A 107 16.21 -57.60 35.00
N ARG A 108 17.29 -57.03 34.48
CA ARG A 108 18.66 -57.31 34.94
C ARG A 108 18.95 -57.05 36.43
N SER A 109 20.09 -57.58 36.89
CA SER A 109 20.49 -57.53 38.30
C SER A 109 20.93 -56.14 38.79
N HIS A 110 20.25 -55.08 38.30
CA HIS A 110 20.65 -53.67 38.56
C HIS A 110 19.68 -52.59 38.05
N THR A 111 18.73 -52.93 37.17
CA THR A 111 18.13 -51.97 36.22
C THR A 111 17.09 -50.95 36.75
N LEU A 112 16.77 -50.96 38.05
CA LEU A 112 15.76 -50.01 38.56
C LEU A 112 16.22 -48.53 38.49
N ARG A 113 17.52 -48.35 38.30
CA ARG A 113 18.18 -47.04 38.28
C ARG A 113 18.91 -46.86 36.94
N THR A 114 18.46 -45.90 36.12
CA THR A 114 18.93 -45.75 34.74
C THR A 114 19.46 -44.37 34.34
N THR A 115 20.03 -44.29 33.14
CA THR A 115 20.68 -43.08 32.62
C THR A 115 19.89 -42.71 31.38
N CYS A 116 19.09 -41.65 31.44
CA CYS A 116 18.54 -41.12 30.19
C CYS A 116 19.73 -40.67 29.37
N TRP A 117 19.80 -41.16 28.13
CA TRP A 117 20.75 -40.62 27.15
C TRP A 117 20.03 -40.36 25.80
N ASP A 118 20.18 -39.13 25.29
CA ASP A 118 19.65 -38.71 23.98
C ASP A 118 18.32 -39.34 23.63
N GLY A 119 17.35 -39.25 24.53
CA GLY A 119 15.98 -39.66 24.23
C GLY A 119 15.74 -41.12 24.49
N LYS A 120 16.84 -41.87 24.53
CA LYS A 120 16.84 -43.30 24.90
C LYS A 120 16.90 -43.44 26.42
N LEU A 121 15.90 -44.08 27.00
CA LEU A 121 16.02 -44.53 28.37
C LEU A 121 15.44 -45.91 28.45
N GLU A 122 16.22 -46.86 28.98
CA GLU A 122 15.71 -48.22 29.09
C GLU A 122 15.06 -48.51 30.44
N TYR A 123 13.77 -48.82 30.37
CA TYR A 123 12.92 -49.03 31.52
C TYR A 123 13.18 -50.40 32.11
N PRO A 124 13.19 -50.52 33.45
CA PRO A 124 13.06 -51.87 34.00
C PRO A 124 11.63 -52.43 33.80
N THR A 125 11.59 -53.74 33.57
CA THR A 125 10.33 -54.45 33.49
C THR A 125 10.15 -55.16 34.82
N CYS A 126 8.93 -55.06 35.35
CA CYS A 126 8.47 -55.87 36.48
C CYS A 126 7.23 -56.63 36.03
N ALA A 127 7.29 -57.96 36.14
CA ALA A 127 6.19 -58.83 35.73
C ALA A 127 5.26 -59.22 36.89
N LYS A 128 4.01 -59.54 36.54
CA LYS A 128 2.92 -59.78 37.49
C LYS A 128 3.18 -60.90 38.51
N ARG A 129 2.65 -60.72 39.71
CA ARG A 129 2.71 -61.74 40.77
C ARG A 129 4.16 -62.11 41.11
N GLU B 7 -6.48 22.12 -12.95
CA GLU B 7 -6.89 21.37 -14.17
C GLU B 7 -6.48 19.89 -14.10
N PHE B 8 -5.57 19.48 -14.98
CA PHE B 8 -5.11 18.08 -15.03
C PHE B 8 -4.17 17.65 -13.87
N ARG B 9 -4.51 16.54 -13.20
CA ARG B 9 -3.69 15.97 -12.12
C ARG B 9 -2.25 15.73 -12.63
N ASP B 10 -1.26 16.21 -11.87
N ASP B 10 -1.25 16.21 -11.88
CA ASP B 10 0.13 16.24 -12.36
CA ASP B 10 0.10 16.27 -12.41
C ASP B 10 0.79 14.86 -12.38
C ASP B 10 0.84 14.92 -12.36
N ALA B 11 1.48 14.59 -13.48
CA ALA B 11 2.19 13.34 -13.69
C ALA B 11 2.98 12.89 -12.47
N GLU B 12 3.62 13.85 -11.81
CA GLU B 12 4.50 13.55 -10.70
C GLU B 12 3.77 12.95 -9.50
N ARG B 13 2.51 13.31 -9.33
CA ARG B 13 1.67 12.75 -8.29
C ARG B 13 1.10 11.36 -8.65
N LEU B 14 1.31 10.96 -9.90
CA LEU B 14 0.79 9.69 -10.41
C LEU B 14 1.87 8.70 -10.77
N LYS B 15 3.14 9.05 -10.49
CA LYS B 15 4.19 8.25 -11.07
C LYS B 15 4.28 6.87 -10.41
N HIS B 16 3.84 6.78 -9.16
CA HIS B 16 3.72 5.53 -8.41
C HIS B 16 2.75 4.52 -9.06
N LEU B 17 1.90 4.97 -9.99
CA LEU B 17 0.98 4.04 -10.73
C LEU B 17 1.68 3.18 -11.75
N ILE B 18 2.93 3.49 -12.09
CA ILE B 18 3.67 2.74 -13.12
C ILE B 18 4.41 1.69 -12.31
N VAL B 19 4.05 0.42 -12.51
CA VAL B 19 4.42 -0.62 -11.57
C VAL B 19 4.54 -1.98 -12.31
N THR B 20 5.41 -2.86 -11.85
CA THR B 20 5.49 -4.22 -12.42
C THR B 20 4.35 -5.09 -11.91
N PRO B 21 3.58 -5.67 -12.84
CA PRO B 21 2.45 -6.49 -12.38
C PRO B 21 2.95 -7.88 -12.02
N SER B 22 2.24 -8.52 -11.09
CA SER B 22 2.73 -9.71 -10.40
C SER B 22 1.51 -10.46 -9.83
N GLY B 23 1.72 -11.74 -9.53
CA GLY B 23 0.70 -12.60 -8.90
C GLY B 23 -0.06 -13.39 -9.95
N ALA B 24 -1.06 -14.13 -9.47
CA ALA B 24 -1.88 -14.99 -10.31
C ALA B 24 -3.05 -14.18 -10.96
N GLY B 25 -4.06 -14.88 -11.45
CA GLY B 25 -5.04 -14.27 -12.38
C GLY B 25 -5.84 -13.05 -11.88
N GLU B 26 -6.05 -12.94 -10.55
CA GLU B 26 -6.62 -11.71 -9.96
C GLU B 26 -5.54 -10.66 -9.71
N GLN B 27 -4.47 -11.01 -8.98
CA GLN B 27 -3.54 -9.99 -8.59
C GLN B 27 -2.81 -9.44 -9.79
N ASN B 28 -2.63 -10.23 -10.83
CA ASN B 28 -1.91 -9.67 -12.00
C ASN B 28 -2.71 -8.50 -12.57
N MET B 29 -4.02 -8.57 -12.47
CA MET B 29 -4.90 -7.52 -13.06
C MET B 29 -4.96 -6.37 -12.06
N ILE B 30 -4.79 -6.69 -10.78
CA ILE B 30 -4.63 -5.63 -9.79
C ILE B 30 -3.42 -4.77 -10.11
N GLY B 31 -2.30 -5.40 -10.47
CA GLY B 31 -1.13 -4.67 -10.85
C GLY B 31 -1.22 -3.96 -12.19
N MET B 32 -1.83 -4.62 -13.18
CA MET B 32 -1.87 -4.09 -14.54
C MET B 32 -2.72 -2.79 -14.55
N THR B 33 -3.74 -2.75 -13.72
CA THR B 33 -4.66 -1.61 -13.65
C THR B 33 -4.02 -0.18 -13.62
N PRO B 34 -3.21 0.08 -12.61
CA PRO B 34 -2.78 1.47 -12.41
C PRO B 34 -1.89 1.93 -13.58
N THR B 35 -1.06 1.04 -14.09
CA THR B 35 -0.16 1.33 -15.18
C THR B 35 -0.91 1.61 -16.49
N VAL B 36 -1.92 0.81 -16.79
CA VAL B 36 -2.73 1.00 -17.99
C VAL B 36 -3.44 2.36 -17.95
N ILE B 37 -4.06 2.67 -16.83
CA ILE B 37 -4.84 3.89 -16.79
C ILE B 37 -3.95 5.11 -16.68
N ALA B 38 -2.74 4.93 -16.12
CA ALA B 38 -1.80 6.06 -16.00
C ALA B 38 -1.35 6.44 -17.40
N VAL B 39 -1.02 5.44 -18.21
CA VAL B 39 -0.64 5.72 -19.55
C VAL B 39 -1.75 6.33 -20.33
N HIS B 40 -2.96 5.80 -20.18
CA HIS B 40 -4.11 6.29 -20.91
C HIS B 40 -4.32 7.80 -20.57
N TYR B 41 -4.12 8.13 -19.31
CA TYR B 41 -4.42 9.44 -18.83
C TYR B 41 -3.29 10.44 -19.19
N LEU B 42 -2.06 9.97 -19.24
CA LEU B 42 -0.94 10.85 -19.48
C LEU B 42 -0.82 11.05 -20.96
N ASP B 43 -1.18 10.04 -21.75
CA ASP B 43 -1.31 10.23 -23.17
C ASP B 43 -2.32 11.39 -23.41
N GLU B 44 -3.47 11.34 -22.77
CA GLU B 44 -4.59 12.23 -23.13
C GLU B 44 -4.34 13.69 -22.67
N THR B 45 -3.80 13.88 -21.48
CA THR B 45 -3.36 15.19 -21.03
C THR B 45 -1.94 15.60 -21.55
N GLU B 46 -1.45 14.87 -22.55
CA GLU B 46 -0.15 15.11 -23.19
C GLU B 46 0.97 15.49 -22.25
N GLN B 47 1.15 14.73 -21.18
CA GLN B 47 2.10 15.11 -20.12
C GLN B 47 3.47 14.48 -20.23
N TRP B 48 3.69 13.66 -21.26
CA TRP B 48 4.96 12.90 -21.32
C TRP B 48 6.20 13.78 -21.51
N GLU B 49 6.06 14.80 -22.37
CA GLU B 49 7.08 15.85 -22.60
C GLU B 49 7.67 16.35 -21.29
N LYS B 50 6.85 17.01 -20.47
CA LYS B 50 7.27 17.47 -19.15
C LYS B 50 7.79 16.34 -18.23
N PHE B 51 7.02 15.27 -18.11
CA PHE B 51 7.32 14.21 -17.14
C PHE B 51 8.51 13.37 -17.56
N GLY B 52 8.63 13.10 -18.85
CA GLY B 52 9.77 12.32 -19.33
C GLY B 52 9.31 11.32 -20.37
N LEU B 53 9.61 11.61 -21.63
CA LEU B 53 9.12 10.83 -22.76
C LEU B 53 9.70 9.41 -22.81
N GLU B 54 10.93 9.26 -22.32
CA GLU B 54 11.55 7.93 -22.35
C GLU B 54 10.81 7.03 -21.37
N LYS B 55 10.14 7.64 -20.39
CA LYS B 55 9.40 6.91 -19.36
C LYS B 55 8.16 6.22 -19.94
N ARG B 56 7.65 6.69 -21.09
CA ARG B 56 6.42 6.10 -21.65
C ARG B 56 6.76 4.71 -22.14
N GLN B 57 7.96 4.61 -22.66
CA GLN B 57 8.35 3.36 -23.28
C GLN B 57 8.48 2.24 -22.24
N GLY B 58 8.94 2.59 -21.05
CA GLY B 58 9.11 1.58 -19.98
C GLY B 58 7.72 1.17 -19.49
N ALA B 59 6.83 2.14 -19.34
CA ALA B 59 5.42 1.88 -18.99
C ALA B 59 4.72 0.95 -19.97
N LEU B 60 4.85 1.18 -21.29
CA LEU B 60 4.24 0.29 -22.28
C LEU B 60 4.73 -1.13 -22.13
N GLU B 61 6.00 -1.25 -21.77
CA GLU B 61 6.59 -2.57 -21.68
C GLU B 61 5.97 -3.31 -20.48
N LEU B 62 5.70 -2.57 -19.42
CA LEU B 62 5.11 -3.12 -18.20
C LEU B 62 3.67 -3.56 -18.51
N ILE B 63 2.97 -2.77 -19.32
CA ILE B 63 1.63 -3.11 -19.79
C ILE B 63 1.63 -4.33 -20.69
N LYS B 64 2.58 -4.42 -21.61
CA LYS B 64 2.69 -5.69 -22.35
C LYS B 64 2.98 -6.90 -21.47
N LYS B 65 3.76 -6.70 -20.41
CA LYS B 65 4.06 -7.83 -19.54
C LYS B 65 2.80 -8.24 -18.75
N GLY B 66 2.00 -7.27 -18.30
CA GLY B 66 0.79 -7.69 -17.57
C GLY B 66 -0.11 -8.49 -18.49
N TYR B 67 -0.16 -8.09 -19.76
CA TYR B 67 -1.05 -8.72 -20.71
C TYR B 67 -0.62 -10.17 -20.92
N THR B 68 0.67 -10.36 -21.17
CA THR B 68 1.22 -11.69 -21.50
C THR B 68 1.09 -12.56 -20.27
N GLN B 69 1.34 -12.00 -19.10
CA GLN B 69 1.14 -12.76 -17.87
C GLN B 69 -0.32 -13.11 -17.66
N GLN B 70 -1.26 -12.20 -17.96
CA GLN B 70 -2.68 -12.55 -17.78
C GLN B 70 -3.06 -13.77 -18.63
N LEU B 71 -2.41 -13.94 -19.79
CA LEU B 71 -2.73 -15.07 -20.69
C LEU B 71 -2.50 -16.45 -20.10
N ALA B 72 -1.63 -16.57 -19.09
CA ALA B 72 -1.44 -17.87 -18.43
C ALA B 72 -2.67 -18.30 -17.66
N PHE B 73 -3.61 -17.39 -17.45
CA PHE B 73 -4.82 -17.72 -16.66
C PHE B 73 -6.07 -17.69 -17.54
N ARG B 74 -5.88 -17.54 -18.84
CA ARG B 74 -6.98 -17.69 -19.75
C ARG B 74 -7.31 -19.18 -19.89
N GLN B 75 -8.54 -19.55 -19.53
CA GLN B 75 -9.01 -20.95 -19.60
C GLN B 75 -9.39 -21.34 -21.03
N PRO B 76 -9.54 -22.65 -21.30
CA PRO B 76 -9.80 -23.00 -22.70
C PRO B 76 -11.15 -22.44 -23.15
N SER B 77 -12.04 -22.14 -22.20
CA SER B 77 -13.28 -21.43 -22.49
C SER B 77 -13.10 -19.98 -22.96
N SER B 78 -11.88 -19.46 -22.95
CA SER B 78 -11.66 -18.02 -23.06
C SER B 78 -11.99 -17.16 -21.82
N ALA B 79 -12.51 -17.78 -20.75
CA ALA B 79 -12.76 -17.13 -19.44
C ALA B 79 -11.54 -17.04 -18.53
N PHE B 80 -11.66 -16.34 -17.40
CA PHE B 80 -10.51 -16.17 -16.48
C PHE B 80 -10.86 -16.49 -15.05
N ALA B 81 -9.83 -16.85 -14.30
CA ALA B 81 -9.98 -16.98 -12.84
C ALA B 81 -8.60 -16.85 -12.27
N ALA B 82 -8.51 -16.75 -10.94
CA ALA B 82 -7.21 -16.68 -10.25
C ALA B 82 -6.25 -17.77 -10.69
N PHE B 83 -6.78 -19.00 -10.84
CA PHE B 83 -5.92 -20.18 -11.18
C PHE B 83 -6.63 -20.98 -12.25
N VAL B 84 -5.90 -21.67 -13.13
CA VAL B 84 -6.55 -22.41 -14.23
C VAL B 84 -7.46 -23.53 -13.71
N LYS B 85 -7.27 -23.92 -12.47
CA LYS B 85 -8.13 -24.93 -11.87
C LYS B 85 -9.34 -24.37 -11.16
N ARG B 86 -9.42 -23.05 -11.00
CA ARG B 86 -10.59 -22.48 -10.30
C ARG B 86 -11.70 -22.23 -11.33
N ALA B 87 -12.96 -22.43 -10.92
CA ALA B 87 -14.10 -22.09 -11.75
C ALA B 87 -13.97 -20.60 -12.21
N PRO B 88 -14.31 -20.33 -13.47
CA PRO B 88 -14.05 -18.99 -13.97
C PRO B 88 -14.99 -17.93 -13.42
N SER B 89 -14.50 -16.70 -13.38
CA SER B 89 -15.23 -15.64 -12.72
C SER B 89 -15.90 -14.80 -13.77
N THR B 90 -17.19 -14.60 -13.62
CA THR B 90 -17.91 -13.68 -14.48
C THR B 90 -17.33 -12.26 -14.36
N TRP B 91 -17.20 -11.81 -13.12
CA TRP B 91 -16.64 -10.48 -12.84
C TRP B 91 -15.23 -10.32 -13.41
N LEU B 92 -14.33 -11.31 -13.14
CA LEU B 92 -12.93 -11.15 -13.49
C LEU B 92 -12.87 -11.11 -15.00
N THR B 93 -13.62 -12.01 -15.65
CA THR B 93 -13.57 -12.09 -17.11
C THR B 93 -14.05 -10.73 -17.69
N ALA B 94 -15.08 -10.12 -17.09
CA ALA B 94 -15.59 -8.87 -17.67
C ALA B 94 -14.59 -7.76 -17.35
N TYR B 95 -13.87 -7.90 -16.24
CA TYR B 95 -12.89 -6.90 -15.89
C TYR B 95 -11.72 -6.91 -16.85
N VAL B 96 -11.30 -8.09 -17.27
CA VAL B 96 -10.25 -8.24 -18.25
C VAL B 96 -10.65 -7.62 -19.60
N VAL B 97 -11.91 -7.80 -19.98
CA VAL B 97 -12.43 -7.17 -21.20
C VAL B 97 -12.39 -5.65 -21.01
N LYS B 98 -12.82 -5.12 -19.85
CA LYS B 98 -12.81 -3.65 -19.63
C LYS B 98 -11.38 -3.15 -19.81
N VAL B 99 -10.42 -3.84 -19.21
CA VAL B 99 -9.07 -3.35 -19.17
C VAL B 99 -8.41 -3.57 -20.52
N PHE B 100 -8.54 -4.77 -21.08
CA PHE B 100 -7.94 -4.95 -22.41
C PHE B 100 -8.53 -4.00 -23.49
N SER B 101 -9.83 -3.68 -23.42
CA SER B 101 -10.46 -2.85 -24.46
C SER B 101 -9.82 -1.46 -24.45
N LEU B 102 -9.63 -0.91 -23.26
CA LEU B 102 -9.10 0.43 -23.15
C LEU B 102 -7.63 0.41 -23.57
N ALA B 103 -6.95 -0.72 -23.41
CA ALA B 103 -5.56 -0.79 -23.73
C ALA B 103 -5.22 -1.16 -25.17
N VAL B 104 -6.22 -1.39 -26.03
CA VAL B 104 -5.93 -1.83 -27.40
C VAL B 104 -5.14 -0.82 -28.21
N ASN B 105 -5.22 0.47 -27.90
N ASN B 105 -5.17 0.44 -27.81
CA ASN B 105 -4.38 1.42 -28.65
CA ASN B 105 -4.46 1.52 -28.50
C ASN B 105 -2.97 1.55 -28.10
C ASN B 105 -3.23 1.89 -27.70
N LEU B 106 -2.71 0.94 -26.93
CA LEU B 106 -1.44 1.13 -26.30
C LEU B 106 -0.54 -0.03 -26.69
N ILE B 107 -1.10 -1.22 -26.82
CA ILE B 107 -0.31 -2.42 -27.11
C ILE B 107 -1.15 -3.34 -27.98
N ALA B 108 -0.59 -4.44 -28.45
CA ALA B 108 -1.29 -5.30 -29.38
C ALA B 108 -2.10 -6.24 -28.53
N ILE B 109 -3.42 -6.16 -28.65
CA ILE B 109 -4.33 -7.07 -27.95
C ILE B 109 -4.84 -8.05 -28.96
N ASP B 110 -4.73 -9.34 -28.64
CA ASP B 110 -5.29 -10.33 -29.56
C ASP B 110 -6.86 -10.37 -29.47
N SER B 111 -7.52 -10.09 -30.59
CA SER B 111 -8.96 -10.20 -30.74
C SER B 111 -9.60 -11.51 -30.36
N GLN B 112 -8.94 -12.62 -30.63
CA GLN B 112 -9.48 -13.88 -30.18
C GLN B 112 -9.58 -13.95 -28.67
N VAL B 113 -8.62 -13.33 -27.98
CA VAL B 113 -8.60 -13.34 -26.52
C VAL B 113 -9.75 -12.45 -26.03
N LEU B 114 -9.81 -11.27 -26.59
CA LEU B 114 -10.73 -10.26 -26.12
C LEU B 114 -12.17 -10.66 -26.47
N CYS B 115 -12.41 -10.98 -27.74
CA CYS B 115 -13.72 -11.36 -28.21
C CYS B 115 -14.11 -12.74 -27.77
N GLY B 116 -13.12 -13.61 -27.49
CA GLY B 116 -13.45 -14.93 -26.93
C GLY B 116 -14.04 -14.77 -25.53
N ALA B 117 -13.47 -13.86 -24.75
CA ALA B 117 -13.97 -13.65 -23.39
C ALA B 117 -15.39 -13.03 -23.44
N VAL B 118 -15.60 -12.10 -24.38
CA VAL B 118 -16.89 -11.49 -24.60
C VAL B 118 -17.96 -12.54 -24.98
N LYS B 119 -17.63 -13.40 -25.93
CA LYS B 119 -18.56 -14.46 -26.32
C LYS B 119 -18.88 -15.42 -25.15
N TRP B 120 -17.89 -15.66 -24.28
CA TRP B 120 -18.11 -16.58 -23.18
C TRP B 120 -19.13 -15.95 -22.26
N LEU B 121 -19.02 -14.63 -22.08
CA LEU B 121 -19.92 -13.96 -21.13
C LEU B 121 -21.33 -14.03 -21.64
N ILE B 122 -21.47 -13.85 -22.94
CA ILE B 122 -22.76 -13.76 -23.57
C ILE B 122 -23.46 -15.14 -23.60
N LEU B 123 -22.68 -16.17 -23.92
CA LEU B 123 -23.24 -17.49 -24.14
C LEU B 123 -23.39 -18.30 -22.84
N GLU B 124 -22.55 -18.05 -21.82
CA GLU B 124 -22.62 -18.81 -20.57
C GLU B 124 -23.27 -18.11 -19.41
N LYS B 125 -23.09 -16.78 -19.31
CA LYS B 125 -23.30 -16.14 -18.01
C LYS B 125 -24.45 -15.20 -17.99
N GLN B 126 -25.02 -14.89 -19.15
CA GLN B 126 -26.22 -14.06 -19.14
C GLN B 126 -27.48 -14.96 -19.03
N LYS B 127 -28.44 -14.50 -18.23
CA LYS B 127 -29.71 -15.18 -18.00
C LYS B 127 -30.83 -14.61 -18.94
N PRO B 128 -31.99 -15.30 -19.03
CA PRO B 128 -32.93 -14.97 -20.12
C PRO B 128 -33.50 -13.59 -19.93
N ASP B 129 -33.56 -13.07 -18.72
CA ASP B 129 -34.04 -11.70 -18.57
C ASP B 129 -32.97 -10.66 -18.72
N GLY B 130 -31.76 -11.05 -19.15
CA GLY B 130 -30.68 -10.04 -19.39
C GLY B 130 -29.65 -9.87 -18.27
N VAL B 131 -29.91 -10.47 -17.10
CA VAL B 131 -29.04 -10.37 -15.92
C VAL B 131 -27.78 -11.13 -16.19
N PHE B 132 -26.65 -10.59 -15.73
CA PHE B 132 -25.41 -11.36 -15.68
C PHE B 132 -25.19 -11.95 -14.31
N GLN B 133 -24.79 -13.23 -14.26
CA GLN B 133 -24.68 -13.93 -13.00
C GLN B 133 -23.23 -14.35 -12.74
N GLU B 134 -22.81 -14.23 -11.50
CA GLU B 134 -21.51 -14.70 -11.04
C GLU B 134 -21.65 -16.05 -10.34
N ASP B 135 -21.00 -17.08 -10.85
CA ASP B 135 -21.00 -18.36 -10.14
C ASP B 135 -19.68 -18.67 -9.44
N ALA B 136 -18.66 -17.82 -9.58
CA ALA B 136 -17.41 -18.10 -8.91
C ALA B 136 -16.70 -16.80 -8.49
N PRO B 137 -17.13 -16.21 -7.37
CA PRO B 137 -16.60 -14.90 -6.93
C PRO B 137 -15.08 -14.85 -6.87
N VAL B 138 -14.51 -13.68 -7.20
CA VAL B 138 -13.08 -13.49 -7.10
C VAL B 138 -12.69 -13.68 -5.63
N ILE B 139 -11.49 -14.21 -5.42
CA ILE B 139 -10.92 -14.21 -4.07
C ILE B 139 -10.68 -12.82 -3.51
N HIS B 140 -10.02 -11.93 -4.27
CA HIS B 140 -9.69 -10.58 -3.78
C HIS B 140 -10.83 -9.60 -3.95
N GLN B 141 -11.85 -9.74 -3.07
CA GLN B 141 -13.06 -8.92 -3.10
C GLN B 141 -12.74 -7.44 -3.08
N GLU B 142 -11.54 -7.10 -2.61
CA GLU B 142 -11.17 -5.70 -2.49
C GLU B 142 -10.96 -5.11 -3.89
N MET B 143 -10.85 -5.96 -4.93
CA MET B 143 -10.58 -5.46 -6.29
C MET B 143 -11.83 -5.01 -7.12
N ILE B 144 -13.02 -5.20 -6.58
CA ILE B 144 -14.28 -5.07 -7.37
C ILE B 144 -14.99 -3.76 -6.95
N GLY B 145 -14.35 -2.99 -6.08
CA GLY B 145 -14.83 -1.68 -5.71
C GLY B 145 -16.20 -1.73 -5.09
N GLY B 146 -17.05 -0.78 -5.43
CA GLY B 146 -18.37 -0.70 -4.76
C GLY B 146 -19.33 -1.85 -5.03
N LEU B 147 -18.94 -2.76 -5.91
CA LEU B 147 -19.79 -3.92 -6.14
C LEU B 147 -19.78 -4.78 -4.91
N ARG B 148 -18.76 -4.64 -4.06
CA ARG B 148 -18.55 -5.63 -3.01
C ARG B 148 -19.67 -5.57 -1.99
N ASN B 149 -20.18 -6.74 -1.61
CA ASN B 149 -21.25 -6.83 -0.57
C ASN B 149 -22.42 -5.85 -0.85
N ASN B 150 -22.65 -5.57 -2.13
CA ASN B 150 -23.70 -4.69 -2.54
C ASN B 150 -24.96 -5.53 -2.63
N ASN B 151 -26.03 -5.17 -1.91
CA ASN B 151 -27.24 -5.99 -1.99
C ASN B 151 -28.04 -5.87 -3.32
N GLU B 152 -28.00 -4.69 -3.98
CA GLU B 152 -28.55 -4.52 -5.34
C GLU B 152 -27.59 -5.15 -6.37
N LYS B 153 -27.26 -6.41 -6.11
CA LYS B 153 -26.21 -7.15 -6.79
C LYS B 153 -26.51 -7.42 -8.29
N ASP B 154 -27.74 -7.83 -8.60
CA ASP B 154 -28.04 -8.15 -10.00
C ASP B 154 -27.88 -6.96 -10.88
N MET B 155 -28.42 -5.81 -10.44
CA MET B 155 -28.28 -4.58 -11.22
C MET B 155 -26.80 -4.17 -11.36
N ALA B 156 -26.06 -4.22 -10.27
CA ALA B 156 -24.70 -3.68 -10.22
C ALA B 156 -23.75 -4.49 -11.12
N LEU B 157 -23.78 -5.81 -10.95
CA LEU B 157 -23.05 -6.75 -11.81
C LEU B 157 -23.49 -6.74 -13.27
N THR B 158 -24.80 -6.66 -13.51
CA THR B 158 -25.29 -6.58 -14.89
C THR B 158 -24.74 -5.31 -15.52
N ALA B 159 -24.80 -4.20 -14.79
CA ALA B 159 -24.27 -2.95 -15.31
C ALA B 159 -22.78 -3.07 -15.54
N PHE B 160 -22.07 -3.66 -14.58
CA PHE B 160 -20.60 -3.78 -14.75
C PHE B 160 -20.30 -4.57 -16.03
N VAL B 161 -20.98 -5.69 -16.21
CA VAL B 161 -20.68 -6.54 -17.35
C VAL B 161 -21.07 -5.83 -18.65
N LEU B 162 -22.20 -5.14 -18.64
CA LEU B 162 -22.67 -4.44 -19.81
C LEU B 162 -21.74 -3.38 -20.28
N ILE B 163 -21.16 -2.64 -19.33
CA ILE B 163 -20.16 -1.62 -19.64
C ILE B 163 -18.95 -2.23 -20.34
N SER B 164 -18.49 -3.37 -19.85
CA SER B 164 -17.39 -4.05 -20.55
C SER B 164 -17.78 -4.47 -21.95
N LEU B 165 -18.99 -5.04 -22.11
CA LEU B 165 -19.49 -5.37 -23.46
C LEU B 165 -19.51 -4.15 -24.37
N GLN B 166 -20.00 -3.03 -23.84
CA GLN B 166 -20.09 -1.85 -24.67
C GLN B 166 -18.69 -1.32 -25.00
N GLU B 167 -17.78 -1.44 -24.05
CA GLU B 167 -16.42 -0.99 -24.34
C GLU B 167 -15.70 -1.85 -25.32
N ALA B 168 -16.08 -3.12 -25.44
CA ALA B 168 -15.39 -4.03 -26.40
C ALA B 168 -16.10 -3.99 -27.76
N LYS B 169 -17.21 -3.24 -27.86
CA LYS B 169 -18.08 -3.29 -29.05
C LYS B 169 -17.40 -2.99 -30.41
N ASP B 170 -16.73 -1.87 -30.54
CA ASP B 170 -16.04 -1.60 -31.84
C ASP B 170 -15.13 -2.75 -32.27
N ILE B 171 -14.31 -3.24 -31.34
CA ILE B 171 -13.37 -4.32 -31.67
C ILE B 171 -14.08 -5.65 -31.97
N CYS B 172 -15.20 -5.92 -31.30
CA CYS B 172 -15.70 -7.30 -31.26
C CYS B 172 -17.04 -7.58 -32.02
N GLU B 173 -17.80 -6.53 -32.27
N GLU B 173 -17.80 -6.53 -32.31
CA GLU B 173 -19.14 -6.70 -32.80
CA GLU B 173 -19.18 -6.68 -32.83
C GLU B 173 -19.16 -7.53 -34.08
C GLU B 173 -19.19 -7.46 -34.12
N GLU B 174 -18.15 -7.35 -34.92
CA GLU B 174 -18.08 -8.14 -36.15
C GLU B 174 -17.82 -9.64 -35.93
N GLN B 175 -16.89 -9.94 -35.07
CA GLN B 175 -16.59 -11.34 -34.84
C GLN B 175 -17.61 -12.01 -33.94
N VAL B 176 -18.38 -11.21 -33.22
CA VAL B 176 -19.36 -11.77 -32.29
C VAL B 176 -20.73 -11.14 -32.52
N ASN B 177 -21.52 -11.71 -33.43
CA ASN B 177 -22.77 -11.01 -33.75
C ASN B 177 -23.87 -11.13 -32.70
N SER B 178 -23.66 -11.95 -31.67
CA SER B 178 -24.58 -11.94 -30.51
C SER B 178 -24.42 -10.70 -29.62
N LEU B 179 -23.38 -9.91 -29.84
CA LEU B 179 -23.08 -8.80 -28.95
C LEU B 179 -24.19 -7.74 -28.87
N PRO B 180 -24.66 -7.20 -30.02
CA PRO B 180 -25.75 -6.21 -29.89
C PRO B 180 -27.00 -6.78 -29.22
N GLY B 181 -27.33 -8.04 -29.48
CA GLY B 181 -28.54 -8.63 -28.84
C GLY B 181 -28.33 -8.76 -27.34
N SER B 182 -27.12 -9.11 -26.94
CA SER B 182 -26.87 -9.32 -25.53
C SER B 182 -26.90 -7.96 -24.79
N ILE B 183 -26.27 -6.98 -25.40
CA ILE B 183 -26.29 -5.61 -24.88
C ILE B 183 -27.73 -5.09 -24.65
N THR B 184 -28.57 -5.19 -25.69
CA THR B 184 -29.99 -4.83 -25.60
C THR B 184 -30.73 -5.57 -24.46
N LYS B 185 -30.60 -6.89 -24.39
CA LYS B 185 -31.27 -7.65 -23.31
C LYS B 185 -30.82 -7.17 -21.89
N ALA B 186 -29.52 -6.99 -21.69
CA ALA B 186 -29.04 -6.48 -20.39
C ALA B 186 -29.63 -5.08 -20.13
N GLY B 187 -29.64 -4.23 -21.16
CA GLY B 187 -30.15 -2.89 -20.99
C GLY B 187 -31.65 -2.92 -20.65
N ASP B 188 -32.38 -3.90 -21.17
CA ASP B 188 -33.80 -4.00 -20.85
C ASP B 188 -33.91 -4.26 -19.38
N PHE B 189 -33.08 -5.17 -18.86
CA PHE B 189 -33.15 -5.50 -17.44
C PHE B 189 -32.82 -4.28 -16.54
N LEU B 190 -31.80 -3.53 -16.89
CA LEU B 190 -31.51 -2.34 -16.12
C LEU B 190 -32.67 -1.32 -16.22
N GLU B 191 -33.18 -1.10 -17.43
CA GLU B 191 -34.18 -0.08 -17.65
C GLU B 191 -35.40 -0.44 -16.83
N ALA B 192 -35.73 -1.73 -16.77
CA ALA B 192 -36.88 -2.21 -16.00
C ALA B 192 -36.77 -2.02 -14.49
N ASN B 193 -35.56 -1.85 -13.96
CA ASN B 193 -35.43 -1.82 -12.52
C ASN B 193 -34.74 -0.56 -12.02
N TYR B 194 -34.42 0.33 -12.94
CA TYR B 194 -33.64 1.47 -12.58
C TYR B 194 -34.38 2.37 -11.58
N MET B 195 -35.69 2.53 -11.74
CA MET B 195 -36.42 3.57 -10.97
C MET B 195 -36.49 3.18 -9.51
N ASN B 196 -36.43 1.88 -9.25
CA ASN B 196 -36.38 1.32 -7.90
C ASN B 196 -35.02 1.24 -7.20
N LEU B 197 -33.95 1.67 -7.86
CA LEU B 197 -32.64 1.60 -7.19
C LEU B 197 -32.58 2.59 -6.01
N GLN B 198 -31.83 2.23 -4.97
CA GLN B 198 -31.70 3.02 -3.72
C GLN B 198 -30.29 3.59 -3.53
N ARG B 199 -29.28 2.77 -3.83
CA ARG B 199 -27.90 3.21 -3.64
C ARG B 199 -27.37 4.10 -4.75
N SER B 200 -26.72 5.19 -4.38
CA SER B 200 -26.10 6.04 -5.39
C SER B 200 -25.08 5.30 -6.29
N TYR B 201 -24.42 4.28 -5.75
CA TYR B 201 -23.40 3.56 -6.50
C TYR B 201 -24.05 2.86 -7.67
N THR B 202 -25.13 2.14 -7.41
CA THR B 202 -25.82 1.38 -8.43
C THR B 202 -26.42 2.29 -9.49
N VAL B 203 -26.97 3.42 -9.02
CA VAL B 203 -27.55 4.43 -9.88
C VAL B 203 -26.51 4.98 -10.85
N ALA B 204 -25.31 5.25 -10.34
CA ALA B 204 -24.23 5.78 -11.18
C ALA B 204 -23.79 4.76 -12.24
N ILE B 205 -23.55 3.52 -11.81
CA ILE B 205 -22.91 2.53 -12.69
C ILE B 205 -23.93 2.05 -13.73
N ALA B 206 -25.14 1.74 -13.29
CA ALA B 206 -26.20 1.37 -14.23
C ALA B 206 -26.59 2.58 -15.07
N GLY B 207 -26.43 3.77 -14.50
CA GLY B 207 -26.58 4.99 -15.25
C GLY B 207 -25.64 5.13 -16.41
N TYR B 208 -24.36 4.92 -16.18
CA TYR B 208 -23.46 4.91 -17.33
C TYR B 208 -23.80 3.78 -18.30
N ALA B 209 -24.09 2.57 -17.81
CA ALA B 209 -24.39 1.46 -18.76
C ALA B 209 -25.57 1.85 -19.74
N LEU B 210 -26.64 2.44 -19.17
CA LEU B 210 -27.76 2.95 -19.99
C LEU B 210 -27.40 4.13 -20.92
N ALA B 211 -26.64 5.11 -20.43
CA ALA B 211 -26.20 6.24 -21.27
C ALA B 211 -25.40 5.80 -22.48
N GLN B 212 -24.60 4.74 -22.36
CA GLN B 212 -23.77 4.32 -23.49
C GLN B 212 -24.63 3.85 -24.65
N MET B 213 -25.90 3.63 -24.34
CA MET B 213 -26.83 2.89 -25.17
C MET B 213 -27.90 3.90 -25.61
N GLY B 214 -27.82 5.13 -25.09
CA GLY B 214 -28.84 6.18 -25.35
C GLY B 214 -30.17 5.90 -24.67
N ARG B 215 -30.16 5.12 -23.59
CA ARG B 215 -31.39 4.66 -22.97
C ARG B 215 -31.49 5.17 -21.54
N LEU B 216 -30.73 6.22 -21.25
CA LEU B 216 -30.88 6.94 -19.99
C LEU B 216 -31.61 8.22 -20.32
N LYS B 217 -32.91 8.23 -20.08
CA LYS B 217 -33.70 9.36 -20.52
C LYS B 217 -34.95 9.47 -19.71
N GLY B 218 -35.66 10.58 -19.92
CA GLY B 218 -36.96 10.75 -19.32
C GLY B 218 -36.81 10.69 -17.82
N PRO B 219 -37.65 9.87 -17.18
CA PRO B 219 -37.62 9.77 -15.74
C PRO B 219 -36.28 9.14 -15.22
N LEU B 220 -35.65 8.32 -16.05
CA LEU B 220 -34.45 7.59 -15.59
C LEU B 220 -33.32 8.58 -15.50
N LEU B 221 -33.20 9.42 -16.53
CA LEU B 221 -32.17 10.46 -16.56
C LEU B 221 -32.39 11.35 -15.34
N ASN B 222 -33.65 11.64 -15.06
CA ASN B 222 -33.96 12.53 -13.97
C ASN B 222 -33.57 11.94 -12.61
N LYS B 223 -33.96 10.71 -12.34
CA LYS B 223 -33.49 10.04 -11.13
C LYS B 223 -31.94 10.05 -11.00
N PHE B 224 -31.26 9.66 -12.09
CA PHE B 224 -29.79 9.75 -12.15
C PHE B 224 -29.26 11.09 -11.70
N LEU B 225 -29.71 12.17 -12.37
CA LEU B 225 -29.28 13.53 -12.00
C LEU B 225 -29.58 13.92 -10.53
N THR B 226 -30.73 13.49 -10.02
CA THR B 226 -31.17 13.96 -8.71
C THR B 226 -30.62 13.15 -7.56
N THR B 227 -30.06 11.99 -7.86
CA THR B 227 -29.36 11.19 -6.85
C THR B 227 -28.02 11.85 -6.43
N ALA B 228 -27.50 12.75 -7.25
CA ALA B 228 -26.32 13.53 -6.87
C ALA B 228 -26.55 14.43 -5.64
N LYS B 229 -25.59 14.46 -4.71
CA LYS B 229 -25.57 15.46 -3.65
C LYS B 229 -24.91 16.73 -4.18
N ASP B 230 -25.60 17.86 -3.97
CA ASP B 230 -25.03 19.18 -4.24
C ASP B 230 -24.66 19.30 -5.69
N LYS B 231 -25.39 18.55 -6.52
CA LYS B 231 -25.15 18.50 -7.96
C LYS B 231 -23.67 18.27 -8.32
N ASN B 232 -22.92 17.56 -7.47
CA ASN B 232 -21.50 17.33 -7.78
C ASN B 232 -20.88 15.95 -7.47
N ARG B 233 -21.64 15.03 -6.91
CA ARG B 233 -21.02 13.77 -6.53
C ARG B 233 -22.11 12.77 -6.23
N TRP B 234 -21.79 11.48 -6.36
CA TRP B 234 -22.72 10.40 -6.05
C TRP B 234 -22.11 9.58 -4.95
N GLU B 235 -22.82 9.46 -3.83
CA GLU B 235 -22.21 8.86 -2.66
C GLU B 235 -23.21 8.14 -1.83
N ASP B 236 -22.69 7.16 -1.12
CA ASP B 236 -23.43 6.38 -0.17
C ASP B 236 -22.59 6.41 1.11
N PRO B 237 -23.19 6.05 2.24
CA PRO B 237 -22.36 6.12 3.44
C PRO B 237 -21.40 4.94 3.44
N GLY B 238 -20.16 5.14 3.87
CA GLY B 238 -19.19 4.04 3.85
C GLY B 238 -17.89 4.45 3.19
N LYS B 239 -17.17 3.48 2.64
CA LYS B 239 -15.87 3.75 2.00
C LYS B 239 -15.96 4.85 0.96
N GLN B 240 -15.11 5.83 1.14
CA GLN B 240 -15.02 6.94 0.22
C GLN B 240 -14.60 6.50 -1.19
N LEU B 241 -13.81 5.43 -1.28
CA LEU B 241 -13.32 4.91 -2.56
C LEU B 241 -14.50 4.51 -3.45
N TYR B 242 -15.55 3.92 -2.84
CA TYR B 242 -16.76 3.55 -3.54
C TYR B 242 -17.38 4.77 -4.15
N ASN B 243 -17.35 5.89 -3.44
CA ASN B 243 -17.91 7.15 -3.94
C ASN B 243 -17.15 7.79 -5.07
N VAL B 244 -15.83 7.76 -4.98
CA VAL B 244 -15.01 8.28 -6.05
C VAL B 244 -15.32 7.44 -7.30
N GLU B 245 -15.46 6.12 -7.09
CA GLU B 245 -15.77 5.20 -8.18
C GLU B 245 -17.16 5.52 -8.76
N ALA B 246 -18.17 5.53 -7.91
CA ALA B 246 -19.53 5.89 -8.34
C ALA B 246 -19.53 7.21 -9.15
N THR B 247 -18.85 8.22 -8.61
CA THR B 247 -18.89 9.53 -9.22
C THR B 247 -18.13 9.53 -10.54
N SER B 248 -17.13 8.67 -10.70
CA SER B 248 -16.45 8.63 -11.98
C SER B 248 -17.36 7.96 -13.01
N TYR B 249 -18.14 6.95 -12.58
CA TYR B 249 -19.12 6.35 -13.51
C TYR B 249 -20.14 7.46 -13.91
N ALA B 250 -20.48 8.33 -12.96
CA ALA B 250 -21.51 9.37 -13.21
C ALA B 250 -21.00 10.38 -14.22
N LEU B 251 -19.77 10.82 -14.02
CA LEU B 251 -19.10 11.70 -14.95
C LEU B 251 -19.05 11.10 -16.34
N LEU B 252 -18.76 9.81 -16.46
CA LEU B 252 -18.79 9.18 -17.80
C LEU B 252 -20.18 9.18 -18.41
N ALA B 253 -21.20 9.01 -17.58
CA ALA B 253 -22.57 9.06 -18.04
C ALA B 253 -22.90 10.46 -18.55
N LEU B 254 -22.62 11.47 -17.73
CA LEU B 254 -22.78 12.86 -18.12
C LEU B 254 -22.16 13.13 -19.46
N LEU B 255 -20.99 12.54 -19.68
CA LEU B 255 -20.27 12.79 -20.90
C LEU B 255 -20.91 12.13 -22.11
N GLN B 256 -21.54 10.97 -21.89
CA GLN B 256 -22.23 10.30 -22.98
C GLN B 256 -23.45 11.14 -23.33
N LEU B 257 -24.07 11.73 -22.31
CA LEU B 257 -25.28 12.55 -22.50
C LEU B 257 -24.98 13.89 -23.15
N LYS B 258 -23.70 14.22 -23.32
CA LYS B 258 -23.24 15.56 -23.72
C LYS B 258 -23.76 16.69 -22.83
N ASP B 259 -24.10 16.37 -21.58
CA ASP B 259 -24.64 17.37 -20.65
C ASP B 259 -23.56 18.25 -20.02
N PHE B 260 -22.91 19.08 -20.84
CA PHE B 260 -21.78 19.89 -20.38
C PHE B 260 -22.10 20.94 -19.32
N ASP B 261 -23.38 21.22 -19.07
CA ASP B 261 -23.79 22.08 -17.95
C ASP B 261 -23.46 21.46 -16.61
N PHE B 262 -23.86 20.20 -16.44
CA PHE B 262 -23.82 19.54 -15.15
C PHE B 262 -22.40 19.12 -14.81
N VAL B 263 -21.58 18.99 -15.85
CA VAL B 263 -20.22 18.43 -15.73
C VAL B 263 -19.30 19.16 -14.74
N PRO B 264 -18.99 20.47 -14.95
CA PRO B 264 -17.80 21.06 -14.29
C PRO B 264 -17.76 20.96 -12.76
N PRO B 265 -18.93 21.09 -12.07
CA PRO B 265 -18.92 20.84 -10.61
C PRO B 265 -18.57 19.39 -10.22
N VAL B 266 -18.95 18.42 -11.04
CA VAL B 266 -18.61 17.02 -10.75
C VAL B 266 -17.09 16.85 -10.87
N VAL B 267 -16.52 17.38 -11.95
CA VAL B 267 -15.08 17.38 -12.16
C VAL B 267 -14.37 18.12 -11.05
N ARG B 268 -14.95 19.25 -10.63
CA ARG B 268 -14.37 20.00 -9.52
C ARG B 268 -14.32 19.14 -8.27
N TRP B 269 -15.42 18.47 -7.94
CA TRP B 269 -15.44 17.66 -6.72
C TRP B 269 -14.38 16.57 -6.79
N LEU B 270 -14.24 15.94 -7.96
CA LEU B 270 -13.36 14.80 -8.14
C LEU B 270 -11.93 15.25 -7.97
N ASN B 271 -11.61 16.39 -8.60
CA ASN B 271 -10.26 16.94 -8.50
C ASN B 271 -9.92 17.30 -7.07
N GLU B 272 -10.88 17.90 -6.37
CA GLU B 272 -10.71 18.26 -4.96
C GLU B 272 -10.62 17.09 -4.02
N GLN B 273 -10.83 15.88 -4.52
CA GLN B 273 -10.55 14.70 -3.67
C GLN B 273 -9.05 14.50 -3.59
N ARG B 274 -8.34 14.96 -4.63
CA ARG B 274 -6.89 14.77 -4.65
C ARG B 274 -6.62 13.26 -4.45
N TYR B 275 -7.39 12.46 -5.17
CA TYR B 275 -7.17 11.05 -5.15
C TYR B 275 -6.26 10.71 -6.32
N TYR B 276 -5.11 10.14 -5.99
CA TYR B 276 -4.13 9.77 -6.99
C TYR B 276 -3.97 8.27 -7.18
N GLY B 277 -4.86 7.46 -6.59
CA GLY B 277 -4.95 6.07 -6.97
C GLY B 277 -3.90 5.19 -6.33
N GLY B 278 -4.06 3.87 -6.47
CA GLY B 278 -2.99 2.93 -6.18
C GLY B 278 -2.84 2.17 -4.86
N GLY B 279 -3.60 2.51 -3.82
CA GLY B 279 -3.49 1.83 -2.47
C GLY B 279 -4.32 0.54 -2.29
N TYR B 280 -4.54 0.10 -1.04
CA TYR B 280 -5.27 -1.18 -0.86
C TYR B 280 -6.72 -1.12 -1.40
N GLY B 281 -7.17 -2.10 -2.17
CA GLY B 281 -8.57 -2.08 -2.65
C GLY B 281 -8.97 -0.87 -3.47
N SER B 282 -8.01 -0.36 -4.23
CA SER B 282 -8.10 0.86 -5.06
C SER B 282 -8.30 0.57 -6.54
N THR B 283 -8.40 -0.70 -6.92
CA THR B 283 -8.41 -1.08 -8.36
C THR B 283 -9.52 -0.35 -9.17
N GLN B 284 -10.77 -0.45 -8.72
CA GLN B 284 -11.87 0.20 -9.44
C GLN B 284 -11.81 1.74 -9.37
N ALA B 285 -11.58 2.30 -8.19
CA ALA B 285 -11.40 3.75 -8.03
C ALA B 285 -10.29 4.28 -8.95
N THR B 286 -9.17 3.58 -9.01
CA THR B 286 -8.03 4.05 -9.83
C THR B 286 -8.35 3.97 -11.33
N PHE B 287 -8.90 2.84 -11.77
CA PHE B 287 -9.24 2.74 -13.18
C PHE B 287 -10.28 3.79 -13.52
N MET B 288 -11.35 3.86 -12.74
CA MET B 288 -12.52 4.62 -13.16
C MET B 288 -12.27 6.15 -13.10
N VAL B 289 -11.58 6.64 -12.05
CA VAL B 289 -11.39 8.07 -11.89
C VAL B 289 -10.47 8.57 -13.01
N PHE B 290 -9.47 7.79 -13.38
CA PHE B 290 -8.64 8.23 -14.49
C PHE B 290 -9.21 7.96 -15.86
N GLN B 291 -9.99 6.88 -15.98
CA GLN B 291 -10.77 6.73 -17.22
C GLN B 291 -11.71 8.00 -17.41
N ALA B 292 -12.43 8.34 -16.37
CA ALA B 292 -13.40 9.43 -16.41
C ALA B 292 -12.74 10.81 -16.68
N LEU B 293 -11.69 11.14 -15.93
CA LEU B 293 -10.97 12.39 -16.12
C LEU B 293 -10.29 12.46 -17.46
N ALA B 294 -9.81 11.33 -17.98
CA ALA B 294 -9.23 11.39 -19.31
C ALA B 294 -10.32 11.69 -20.35
N GLN B 295 -11.53 11.20 -20.12
CA GLN B 295 -12.57 11.30 -21.14
C GLN B 295 -13.09 12.73 -21.10
N TYR B 296 -13.20 13.30 -19.91
CA TYR B 296 -13.46 14.71 -19.75
C TYR B 296 -12.48 15.57 -20.53
N GLN B 297 -11.17 15.31 -20.37
CA GLN B 297 -10.13 16.02 -21.12
C GLN B 297 -10.26 15.94 -22.63
N LYS B 298 -10.67 14.78 -23.10
CA LYS B 298 -10.77 14.51 -24.52
C LYS B 298 -12.07 15.11 -25.11
N ASP B 299 -13.15 15.15 -24.34
CA ASP B 299 -14.35 15.86 -24.78
C ASP B 299 -14.19 17.36 -24.43
N ALA B 300 -13.09 17.95 -24.88
CA ALA B 300 -12.67 19.32 -24.48
C ALA B 300 -13.74 20.38 -24.77
N PRO B 301 -14.51 20.78 -23.73
CA PRO B 301 -15.64 21.72 -23.80
C PRO B 301 -15.39 22.92 -24.72
N PHE C 4 47.55 16.18 -34.88
CA PHE C 4 46.44 15.29 -35.34
C PHE C 4 45.34 15.14 -34.25
N GLY C 5 44.09 14.96 -34.70
CA GLY C 5 42.96 14.42 -33.91
C GLY C 5 42.48 15.02 -32.58
N LYS C 6 42.27 16.35 -32.53
CA LYS C 6 41.73 16.99 -31.33
C LYS C 6 40.23 16.67 -31.17
N CYS C 7 39.74 16.55 -29.93
CA CYS C 7 38.27 16.39 -29.70
C CYS C 7 37.57 17.71 -29.50
N GLY C 8 36.26 17.74 -29.74
CA GLY C 8 35.50 18.89 -29.24
C GLY C 8 35.00 18.74 -27.80
N PRO C 9 33.96 19.51 -27.42
CA PRO C 9 33.47 19.46 -26.05
C PRO C 9 32.91 18.10 -25.66
N PRO C 10 33.08 17.70 -24.40
CA PRO C 10 32.58 16.37 -24.03
C PRO C 10 31.04 16.33 -24.03
N PRO C 11 30.47 15.15 -24.29
CA PRO C 11 29.03 15.06 -24.35
C PRO C 11 28.29 15.33 -23.01
N PRO C 12 27.05 15.81 -23.08
CA PRO C 12 26.17 15.97 -21.92
C PRO C 12 25.60 14.64 -21.46
N ILE C 13 25.33 14.49 -20.17
CA ILE C 13 24.57 13.30 -19.70
C ILE C 13 23.48 13.76 -18.77
N ASP C 14 22.37 13.02 -18.70
CA ASP C 14 21.26 13.38 -17.83
C ASP C 14 21.64 13.12 -16.39
N ASN C 15 21.31 14.07 -15.51
CA ASN C 15 21.52 13.89 -14.08
C ASN C 15 22.96 13.76 -13.70
N GLY C 16 23.86 14.31 -14.52
CA GLY C 16 25.23 14.48 -14.07
C GLY C 16 25.97 15.46 -14.94
N ASP C 17 27.26 15.60 -14.68
CA ASP C 17 28.03 16.66 -15.31
C ASP C 17 29.47 16.29 -15.20
N ILE C 18 30.33 17.03 -15.91
CA ILE C 18 31.74 16.71 -15.82
C ILE C 18 32.32 17.39 -14.60
N THR C 19 33.45 16.90 -14.14
CA THR C 19 34.03 17.46 -12.89
C THR C 19 34.96 18.65 -13.17
N SER C 20 35.20 18.95 -14.43
CA SER C 20 36.04 20.04 -14.82
C SER C 20 35.14 20.99 -15.63
N PHE C 21 35.65 22.13 -16.06
CA PHE C 21 34.87 23.05 -16.89
C PHE C 21 35.10 22.72 -18.36
N PRO C 22 34.06 22.80 -19.22
CA PRO C 22 34.26 22.26 -20.58
C PRO C 22 35.21 23.17 -21.36
N LEU C 23 36.00 22.59 -22.25
CA LEU C 23 36.84 23.41 -23.17
C LEU C 23 36.26 23.29 -24.59
N SER C 24 36.67 24.20 -25.46
CA SER C 24 36.21 24.17 -26.84
C SER C 24 36.92 23.01 -27.57
N VAL C 25 38.16 22.75 -27.19
CA VAL C 25 38.95 21.76 -27.89
C VAL C 25 39.90 21.01 -26.95
N TYR C 26 40.11 19.72 -27.19
CA TYR C 26 40.93 18.88 -26.31
C TYR C 26 41.98 18.12 -27.16
N ALA C 27 43.21 18.05 -26.65
CA ALA C 27 44.30 17.31 -27.33
C ALA C 27 44.02 15.82 -27.30
N PRO C 28 44.67 15.07 -28.21
CA PRO C 28 44.56 13.60 -28.19
C PRO C 28 44.93 13.03 -26.82
N ALA C 29 44.29 11.93 -26.43
CA ALA C 29 44.57 11.26 -25.15
C ALA C 29 44.22 12.07 -23.89
N SER C 30 43.75 13.33 -24.02
CA SER C 30 43.21 13.97 -22.83
C SER C 30 41.90 13.31 -22.35
N SER C 31 41.51 13.59 -21.11
CA SER C 31 40.32 12.97 -20.57
C SER C 31 39.56 13.89 -19.63
N VAL C 32 38.28 13.61 -19.45
CA VAL C 32 37.53 14.26 -18.41
C VAL C 32 36.69 13.23 -17.65
N GLU C 33 36.21 13.61 -16.49
CA GLU C 33 35.43 12.68 -15.70
C GLU C 33 34.05 13.24 -15.44
N TYR C 34 33.10 12.31 -15.28
CA TYR C 34 31.70 12.62 -14.92
C TYR C 34 31.37 12.25 -13.50
N GLN C 35 30.45 13.00 -12.89
CA GLN C 35 29.85 12.66 -11.62
C GLN C 35 28.33 12.84 -11.76
N CYS C 36 27.58 11.95 -11.14
CA CYS C 36 26.12 11.99 -11.14
C CYS C 36 25.61 12.76 -9.93
N GLN C 37 24.37 13.21 -10.00
CA GLN C 37 23.69 13.91 -8.91
C GLN C 37 23.47 12.95 -7.76
N ASN C 38 23.28 13.52 -6.58
CA ASN C 38 23.13 12.74 -5.36
C ASN C 38 22.06 11.62 -5.55
N LEU C 39 22.46 10.38 -5.25
CA LEU C 39 21.54 9.23 -5.27
C LEU C 39 21.39 8.59 -6.65
N TYR C 40 21.90 9.27 -7.67
CA TYR C 40 21.97 8.65 -8.98
C TYR C 40 23.27 7.88 -9.05
N GLN C 41 23.26 6.82 -9.81
CA GLN C 41 24.37 5.97 -9.78
C GLN C 41 25.02 5.85 -11.14
N LEU C 42 26.34 6.02 -11.15
CA LEU C 42 27.09 6.01 -12.37
C LEU C 42 27.23 4.61 -12.93
N GLU C 43 26.88 4.43 -14.19
CA GLU C 43 27.16 3.16 -14.89
C GLU C 43 28.02 3.40 -16.12
N GLY C 44 29.03 2.56 -16.30
CA GLY C 44 30.02 2.75 -17.33
C GLY C 44 31.27 3.36 -16.69
N ASN C 45 32.23 3.70 -17.52
CA ASN C 45 33.46 4.37 -17.09
C ASN C 45 33.17 5.85 -16.76
N LYS C 46 33.63 6.29 -15.60
CA LYS C 46 33.40 7.65 -15.18
C LYS C 46 34.27 8.61 -16.00
N ARG C 47 35.25 8.06 -16.69
CA ARG C 47 36.20 8.88 -17.42
C ARG C 47 36.13 8.59 -18.89
N ILE C 48 36.17 9.64 -19.69
CA ILE C 48 36.22 9.47 -21.14
C ILE C 48 37.54 10.03 -21.63
N THR C 49 38.01 9.50 -22.75
CA THR C 49 39.31 9.85 -23.26
C THR C 49 39.23 10.24 -24.71
N CYS C 50 40.00 11.27 -25.07
CA CYS C 50 40.00 11.65 -26.49
C CYS C 50 40.95 10.74 -27.29
N ARG C 51 40.38 9.87 -28.13
CA ARG C 51 41.22 9.05 -29.01
C ARG C 51 40.75 9.06 -30.45
N ASN C 52 41.66 9.40 -31.36
CA ASN C 52 41.34 9.46 -32.78
C ASN C 52 40.37 10.59 -33.06
N GLY C 53 40.50 11.67 -32.28
CA GLY C 53 39.56 12.79 -32.37
C GLY C 53 38.10 12.48 -32.01
N GLN C 54 37.82 11.35 -31.36
CA GLN C 54 36.49 11.11 -30.78
C GLN C 54 36.57 10.77 -29.29
N TRP C 55 35.56 11.14 -28.52
CA TRP C 55 35.52 10.76 -27.10
C TRP C 55 35.04 9.34 -27.03
N SER C 56 35.63 8.55 -26.14
CA SER C 56 35.05 7.26 -25.78
C SER C 56 33.66 7.45 -25.14
N GLU C 57 32.94 6.35 -24.98
CA GLU C 57 31.56 6.35 -24.52
C GLU C 57 31.40 6.92 -23.10
N PRO C 58 30.47 7.90 -22.95
CA PRO C 58 30.19 8.58 -21.69
C PRO C 58 29.36 7.66 -20.84
N PRO C 59 29.43 7.80 -19.52
CA PRO C 59 28.63 6.91 -18.67
C PRO C 59 27.17 7.35 -18.61
N LYS C 60 26.36 6.63 -17.84
CA LYS C 60 24.96 6.93 -17.65
C LYS C 60 24.76 7.18 -16.16
N CYS C 61 23.74 7.94 -15.80
CA CYS C 61 23.37 8.07 -14.38
C CYS C 61 22.02 7.38 -14.07
N LEU C 62 22.06 6.18 -13.49
CA LEU C 62 20.85 5.36 -13.26
C LEU C 62 20.03 5.94 -12.10
N HIS C 63 18.72 6.04 -12.30
CA HIS C 63 17.81 6.62 -11.31
C HIS C 63 17.73 5.78 -10.07
N PRO C 64 17.50 6.46 -8.93
CA PRO C 64 17.17 5.86 -7.65
C PRO C 64 15.69 5.50 -7.77
N CYS C 65 15.19 4.64 -6.88
CA CYS C 65 13.78 4.22 -6.94
C CYS C 65 13.07 4.89 -5.79
N VAL C 66 11.85 5.34 -6.02
CA VAL C 66 11.03 5.79 -4.92
C VAL C 66 10.31 4.56 -4.38
N ILE C 67 10.25 4.41 -3.06
CA ILE C 67 9.50 3.31 -2.46
C ILE C 67 8.06 3.75 -2.28
N SER C 68 7.11 3.15 -3.00
CA SER C 68 5.72 3.67 -2.94
C SER C 68 4.91 2.88 -1.90
N ARG C 69 4.45 3.58 -0.86
CA ARG C 69 3.53 3.00 0.12
C ARG C 69 2.18 2.60 -0.47
N GLU C 70 1.70 3.36 -1.46
CA GLU C 70 0.46 3.01 -2.18
C GLU C 70 0.58 1.64 -2.85
N ILE C 71 1.68 1.37 -3.54
CA ILE C 71 1.84 0.06 -4.19
C ILE C 71 1.96 -1.04 -3.11
N MET C 72 2.75 -0.77 -2.10
CA MET C 72 2.89 -1.75 -1.05
C MET C 72 1.52 -2.15 -0.49
N GLU C 73 0.68 -1.18 -0.18
CA GLU C 73 -0.67 -1.49 0.35
C GLU C 73 -1.51 -2.20 -0.73
N ASN C 74 -1.31 -1.81 -1.99
CA ASN C 74 -2.04 -2.48 -3.07
C ASN C 74 -1.62 -3.96 -3.24
N TYR C 75 -0.33 -4.28 -3.00
CA TYR C 75 0.18 -5.63 -3.10
C TYR C 75 0.18 -6.47 -1.80
N ASN C 76 -0.35 -5.90 -0.72
CA ASN C 76 -0.44 -6.58 0.59
C ASN C 76 0.92 -6.83 1.24
N ILE C 77 1.83 -5.87 1.10
CA ILE C 77 3.16 -6.03 1.65
C ILE C 77 3.52 -4.87 2.53
N ALA C 78 4.64 -5.01 3.23
CA ALA C 78 5.18 -3.94 4.09
C ALA C 78 6.67 -4.13 4.13
N LEU C 79 7.38 -3.12 4.62
CA LEU C 79 8.83 -3.26 4.88
C LEU C 79 9.15 -4.29 5.98
N ARG C 80 10.15 -5.13 5.75
CA ARG C 80 10.74 -5.88 6.87
C ARG C 80 11.27 -5.01 8.00
N TRP C 81 11.98 -3.94 7.66
CA TRP C 81 12.59 -3.10 8.68
C TRP C 81 11.93 -1.76 8.62
N THR C 82 11.14 -1.44 9.64
CA THR C 82 10.17 -0.35 9.50
C THR C 82 10.69 0.95 10.11
N ALA C 83 11.84 0.93 10.78
CA ALA C 83 12.33 2.16 11.43
C ALA C 83 13.22 2.92 10.44
N LYS C 84 13.35 4.23 10.61
CA LYS C 84 14.30 5.00 9.80
C LYS C 84 13.95 4.79 8.32
N GLN C 85 12.73 5.19 7.97
CA GLN C 85 12.24 5.02 6.62
C GLN C 85 12.77 6.06 5.64
N LYS C 86 13.09 5.61 4.44
CA LYS C 86 13.75 6.46 3.46
C LYS C 86 12.86 6.48 2.24
N LEU C 87 12.83 7.62 1.57
CA LEU C 87 11.95 7.74 0.44
C LEU C 87 12.58 7.02 -0.77
N TYR C 88 13.91 7.07 -0.87
CA TYR C 88 14.60 6.58 -2.06
C TYR C 88 15.49 5.38 -1.76
N SER C 89 15.59 4.55 -2.76
CA SER C 89 16.56 3.53 -2.77
C SER C 89 17.47 3.82 -3.97
N ARG C 90 18.76 3.60 -3.80
CA ARG C 90 19.75 3.76 -4.84
C ARG C 90 19.73 2.56 -5.78
N THR C 91 19.90 2.79 -7.08
CA THR C 91 20.16 1.71 -8.02
C THR C 91 21.19 0.78 -7.39
N GLY C 92 20.98 -0.53 -7.48
CA GLY C 92 21.92 -1.53 -6.92
C GLY C 92 21.66 -1.76 -5.43
N GLU C 93 20.89 -0.90 -4.80
CA GLU C 93 20.54 -1.14 -3.39
C GLU C 93 19.23 -1.98 -3.24
N SER C 94 19.16 -2.80 -2.22
CA SER C 94 18.05 -3.72 -2.19
C SER C 94 17.08 -3.42 -1.06
N VAL C 95 15.80 -3.74 -1.26
CA VAL C 95 14.76 -3.46 -0.27
C VAL C 95 14.13 -4.78 0.17
N GLU C 96 13.88 -4.93 1.46
CA GLU C 96 13.29 -6.20 1.94
C GLU C 96 11.88 -5.96 2.40
N PHE C 97 10.98 -6.74 1.83
CA PHE C 97 9.56 -6.64 2.19
C PHE C 97 9.17 -7.85 2.99
N VAL C 98 7.99 -7.77 3.59
CA VAL C 98 7.32 -8.93 4.16
C VAL C 98 5.86 -8.93 3.77
N CYS C 99 5.20 -10.09 3.84
CA CYS C 99 3.73 -10.11 3.69
C CYS C 99 3.10 -9.43 4.87
N LYS C 100 1.99 -8.73 4.60
CA LYS C 100 1.21 -8.16 5.66
C LYS C 100 0.46 -9.39 6.23
N ARG C 101 -0.11 -9.23 7.42
CA ARG C 101 -0.70 -10.31 8.21
C ARG C 101 -1.93 -10.84 7.48
N GLY C 102 -2.05 -12.16 7.34
CA GLY C 102 -3.20 -12.70 6.63
C GLY C 102 -2.93 -12.99 5.16
N TYR C 103 -1.70 -12.74 4.72
CA TYR C 103 -1.41 -12.94 3.31
C TYR C 103 -0.14 -13.77 3.25
N ARG C 104 0.11 -14.39 2.10
CA ARG C 104 1.31 -15.20 1.87
C ARG C 104 1.84 -14.94 0.46
N LEU C 105 3.17 -15.02 0.32
CA LEU C 105 3.83 -14.75 -0.95
C LEU C 105 3.09 -15.41 -2.09
N SER C 106 2.78 -14.67 -3.15
CA SER C 106 1.98 -15.25 -4.19
C SER C 106 2.88 -16.14 -5.05
N SER C 107 2.25 -17.06 -5.79
CA SER C 107 2.96 -18.11 -6.51
C SER C 107 3.77 -17.52 -7.65
N ARG C 108 3.24 -16.47 -8.27
CA ARG C 108 3.87 -15.85 -9.43
C ARG C 108 4.43 -14.48 -9.04
N SER C 109 5.31 -14.50 -8.03
CA SER C 109 5.87 -13.29 -7.42
C SER C 109 7.41 -13.34 -7.43
N HIS C 110 8.01 -12.16 -7.59
CA HIS C 110 9.43 -11.87 -7.26
C HIS C 110 9.67 -12.12 -5.75
N THR C 111 10.93 -12.30 -5.35
CA THR C 111 11.24 -12.55 -3.94
C THR C 111 10.93 -11.30 -3.10
N LEU C 112 10.78 -11.55 -1.81
CA LEU C 112 10.56 -10.52 -0.81
C LEU C 112 11.70 -9.51 -0.75
N ARG C 113 12.89 -9.94 -1.17
CA ARG C 113 14.07 -9.12 -1.15
C ARG C 113 14.31 -8.69 -2.58
N THR C 114 14.28 -7.39 -2.83
CA THR C 114 14.31 -6.94 -4.21
C THR C 114 15.25 -5.73 -4.43
N THR C 115 15.77 -5.63 -5.64
CA THR C 115 16.84 -4.66 -5.92
C THR C 115 16.40 -3.52 -6.83
N CYS C 116 16.57 -2.29 -6.39
CA CYS C 116 16.32 -1.16 -7.26
C CYS C 116 17.27 -1.16 -8.49
N TRP C 117 16.72 -0.99 -9.69
CA TRP C 117 17.52 -0.72 -10.87
C TRP C 117 16.93 0.44 -11.73
N ASP C 118 17.71 1.51 -11.82
CA ASP C 118 17.33 2.64 -12.70
C ASP C 118 15.90 3.10 -12.57
N GLY C 119 15.44 3.28 -11.35
CA GLY C 119 14.11 3.83 -11.19
C GLY C 119 13.07 2.72 -10.97
N LYS C 120 13.42 1.47 -11.26
CA LYS C 120 12.44 0.37 -11.19
C LYS C 120 12.69 -0.57 -10.00
N LEU C 121 11.72 -0.68 -9.12
CA LEU C 121 11.72 -1.66 -8.09
C LEU C 121 10.62 -2.69 -8.41
N GLU C 122 10.93 -3.99 -8.50
CA GLU C 122 9.85 -4.99 -8.66
C GLU C 122 9.25 -5.38 -7.33
N TYR C 123 8.08 -4.90 -7.02
CA TYR C 123 7.47 -5.25 -5.75
C TYR C 123 6.91 -6.67 -5.75
N PRO C 124 7.13 -7.42 -4.66
CA PRO C 124 6.49 -8.76 -4.59
C PRO C 124 4.98 -8.63 -4.36
N THR C 125 4.20 -9.66 -4.64
CA THR C 125 2.81 -9.64 -4.19
C THR C 125 2.57 -10.71 -3.14
N CYS C 126 1.71 -10.40 -2.18
CA CYS C 126 1.16 -11.44 -1.31
C CYS C 126 -0.32 -11.54 -1.49
N ALA C 127 -0.81 -12.78 -1.53
CA ALA C 127 -2.22 -13.09 -1.76
C ALA C 127 -2.94 -13.51 -0.50
N LYS C 128 -4.28 -13.37 -0.45
CA LYS C 128 -5.04 -13.82 0.75
C LYS C 128 -4.77 -15.29 0.97
N ARG C 129 -4.60 -15.66 2.24
CA ARG C 129 -4.49 -17.07 2.63
C ARG C 129 -5.82 -17.79 2.41
N THR D 20 -5.80 2.49 40.14
CA THR D 20 -4.72 1.79 39.34
C THR D 20 -3.95 0.77 40.21
N PRO D 21 -4.07 -0.52 39.89
CA PRO D 21 -3.21 -1.52 40.54
C PRO D 21 -1.71 -1.48 40.11
N SER D 22 -0.84 -1.90 41.04
CA SER D 22 0.59 -1.62 40.97
C SER D 22 1.52 -2.35 39.96
N GLY D 23 1.32 -3.61 39.63
CA GLY D 23 2.37 -4.20 38.78
C GLY D 23 2.25 -3.75 37.33
N ALA D 24 2.93 -2.66 36.94
CA ALA D 24 2.70 -2.01 35.64
C ALA D 24 3.18 -2.82 34.40
N GLY D 25 4.12 -3.74 34.54
CA GLY D 25 4.38 -4.63 33.40
C GLY D 25 3.12 -5.31 32.89
N GLU D 26 2.16 -5.55 33.80
CA GLU D 26 0.88 -6.16 33.43
C GLU D 26 -0.15 -5.06 33.17
N GLN D 27 -0.27 -4.09 34.07
CA GLN D 27 -1.31 -3.09 33.93
C GLN D 27 -1.17 -2.30 32.63
N ASN D 28 0.05 -1.97 32.25
CA ASN D 28 0.23 -1.29 30.97
C ASN D 28 -0.34 -2.09 29.81
N MET D 29 -0.25 -3.42 29.85
CA MET D 29 -0.80 -4.25 28.77
C MET D 29 -2.33 -4.29 28.78
N ILE D 30 -2.90 -4.29 29.98
CA ILE D 30 -4.33 -4.15 30.14
C ILE D 30 -4.82 -2.82 29.48
N GLY D 31 -4.11 -1.73 29.72
CA GLY D 31 -4.43 -0.43 29.16
C GLY D 31 -4.10 -0.33 27.67
N MET D 32 -3.04 -0.97 27.18
CA MET D 32 -2.77 -0.99 25.74
C MET D 32 -3.89 -1.67 24.97
N THR D 33 -4.49 -2.69 25.59
CA THR D 33 -5.37 -3.60 24.87
C THR D 33 -6.55 -2.97 24.10
N PRO D 34 -7.40 -2.17 24.76
CA PRO D 34 -8.51 -1.49 24.02
C PRO D 34 -8.10 -0.71 22.77
N THR D 35 -7.00 0.02 22.82
CA THR D 35 -6.58 0.86 21.73
C THR D 35 -6.06 0.07 20.56
N VAL D 36 -5.23 -0.94 20.84
CA VAL D 36 -4.63 -1.73 19.77
C VAL D 36 -5.75 -2.47 19.10
N ILE D 37 -6.69 -3.03 19.86
CA ILE D 37 -7.64 -3.89 19.16
C ILE D 37 -8.74 -3.10 18.41
N ALA D 38 -9.02 -1.90 18.91
CA ALA D 38 -9.94 -0.97 18.23
C ALA D 38 -9.38 -0.56 16.88
N VAL D 39 -8.13 -0.10 16.87
CA VAL D 39 -7.48 0.35 15.65
C VAL D 39 -7.42 -0.77 14.63
N HIS D 40 -7.02 -1.94 15.10
CA HIS D 40 -7.04 -3.13 14.31
C HIS D 40 -8.42 -3.37 13.70
N TYR D 41 -9.44 -3.32 14.52
CA TYR D 41 -10.80 -3.62 14.07
C TYR D 41 -11.20 -2.64 12.94
N LEU D 42 -10.96 -1.36 13.16
CA LEU D 42 -11.37 -0.33 12.25
C LEU D 42 -10.54 -0.38 10.96
N ASP D 43 -9.27 -0.81 11.04
CA ASP D 43 -8.39 -0.92 9.88
C ASP D 43 -8.86 -2.10 9.05
N GLU D 44 -9.22 -3.16 9.74
CA GLU D 44 -9.45 -4.42 9.07
C GLU D 44 -10.79 -4.37 8.40
N THR D 45 -11.78 -3.75 9.06
CA THR D 45 -13.11 -3.64 8.47
C THR D 45 -13.23 -2.40 7.61
N GLU D 46 -12.17 -1.61 7.55
CA GLU D 46 -12.14 -0.33 6.86
C GLU D 46 -13.32 0.56 7.25
N GLN D 47 -13.50 0.82 8.54
CA GLN D 47 -14.61 1.64 8.99
C GLN D 47 -14.16 2.93 9.62
N TRP D 48 -12.94 3.35 9.31
CA TRP D 48 -12.45 4.61 9.79
C TRP D 48 -13.25 5.84 9.35
N GLU D 49 -13.86 5.79 8.16
CA GLU D 49 -14.57 6.95 7.61
C GLU D 49 -15.77 7.34 8.47
N LYS D 50 -16.59 6.34 8.79
CA LYS D 50 -17.71 6.48 9.68
C LYS D 50 -17.29 6.96 11.09
N PHE D 51 -16.35 6.27 11.72
CA PHE D 51 -15.94 6.55 13.07
C PHE D 51 -15.36 7.94 13.26
N GLY D 52 -14.66 8.43 12.24
CA GLY D 52 -13.88 9.63 12.40
C GLY D 52 -12.41 9.44 12.07
N LEU D 53 -12.10 9.43 10.78
CA LEU D 53 -10.74 9.22 10.30
C LEU D 53 -9.75 10.20 10.89
N GLU D 54 -10.25 11.32 11.40
CA GLU D 54 -9.37 12.34 11.98
C GLU D 54 -8.72 11.73 13.24
N LYS D 55 -9.43 10.81 13.90
CA LYS D 55 -9.01 10.25 15.19
C LYS D 55 -7.99 9.11 15.12
N ARG D 56 -7.57 8.74 13.91
CA ARG D 56 -6.66 7.59 13.77
C ARG D 56 -5.28 7.92 14.25
N GLN D 57 -4.80 9.10 13.88
CA GLN D 57 -3.43 9.51 14.19
C GLN D 57 -3.19 9.52 15.70
N GLY D 58 -4.17 10.03 16.43
CA GLY D 58 -4.18 10.08 17.90
C GLY D 58 -4.12 8.69 18.52
N ALA D 59 -4.98 7.80 18.05
CA ALA D 59 -4.92 6.40 18.46
C ALA D 59 -3.56 5.76 18.20
N LEU D 60 -2.94 6.05 17.06
CA LEU D 60 -1.64 5.52 16.79
C LEU D 60 -0.59 5.99 17.78
N GLU D 61 -0.76 7.20 18.29
CA GLU D 61 0.24 7.73 19.19
C GLU D 61 0.07 7.14 20.58
N LEU D 62 -1.18 6.89 20.98
CA LEU D 62 -1.50 6.22 22.22
C LEU D 62 -0.91 4.78 22.22
N ILE D 63 -0.93 4.12 21.06
CA ILE D 63 -0.36 2.80 20.94
C ILE D 63 1.15 2.86 21.07
N LYS D 64 1.76 3.80 20.36
CA LYS D 64 3.20 4.05 20.54
C LYS D 64 3.61 4.23 22.04
N LYS D 65 2.83 5.02 22.74
CA LYS D 65 3.13 5.30 24.13
C LYS D 65 2.96 4.07 25.03
N GLY D 66 1.94 3.23 24.78
CA GLY D 66 1.84 1.90 25.44
C GLY D 66 3.07 1.02 25.18
N TYR D 67 3.46 0.92 23.91
CA TYR D 67 4.58 0.07 23.50
C TYR D 67 5.85 0.55 24.18
N THR D 68 6.08 1.87 24.17
CA THR D 68 7.33 2.43 24.71
C THR D 68 7.38 2.20 26.23
N GLN D 69 6.27 2.49 26.88
CA GLN D 69 6.14 2.19 28.32
C GLN D 69 6.37 0.71 28.63
N GLN D 70 5.91 -0.22 27.79
CA GLN D 70 6.15 -1.65 28.08
C GLN D 70 7.63 -1.99 28.09
N LEU D 71 8.43 -1.23 27.32
CA LEU D 71 9.88 -1.52 27.18
C LEU D 71 10.61 -1.46 28.50
N ALA D 72 10.13 -0.61 29.41
CA ALA D 72 10.79 -0.55 30.73
C ALA D 72 10.59 -1.83 31.58
N PHE D 73 9.76 -2.77 31.10
CA PHE D 73 9.54 -4.01 31.85
C PHE D 73 10.12 -5.21 31.15
N ARG D 74 10.82 -4.89 30.06
CA ARG D 74 11.47 -5.91 29.33
C ARG D 74 12.77 -6.26 30.07
N GLN D 75 12.95 -7.53 30.41
CA GLN D 75 14.09 -7.93 31.19
C GLN D 75 15.27 -8.23 30.26
N PRO D 76 16.48 -8.34 30.83
CA PRO D 76 17.67 -8.63 29.99
C PRO D 76 17.46 -9.89 29.20
N SER D 77 16.54 -10.74 29.66
CA SER D 77 16.30 -12.02 28.95
C SER D 77 15.38 -11.81 27.77
N SER D 78 14.84 -10.59 27.64
CA SER D 78 13.83 -10.29 26.61
C SER D 78 12.42 -10.78 27.02
N ALA D 79 12.32 -11.41 28.18
CA ALA D 79 10.98 -11.67 28.75
C ALA D 79 10.38 -10.49 29.51
N PHE D 80 9.07 -10.56 29.79
CA PHE D 80 8.34 -9.56 30.57
C PHE D 80 7.74 -10.07 31.90
N ALA D 81 7.59 -9.17 32.87
CA ALA D 81 6.96 -9.41 34.19
C ALA D 81 6.34 -8.10 34.67
N ALA D 82 5.51 -8.21 35.71
CA ALA D 82 4.81 -7.07 36.27
C ALA D 82 5.80 -6.04 36.82
N PHE D 83 6.92 -6.52 37.36
CA PHE D 83 7.97 -5.64 37.94
C PHE D 83 9.34 -6.08 37.42
N VAL D 84 10.31 -5.19 37.52
CA VAL D 84 11.71 -5.45 37.19
C VAL D 84 12.30 -6.69 37.91
N LYS D 85 12.02 -6.86 39.20
CA LYS D 85 12.59 -7.97 39.99
C LYS D 85 11.59 -9.13 40.25
N ARG D 86 10.52 -9.21 39.50
CA ARG D 86 9.67 -10.43 39.55
C ARG D 86 10.07 -11.40 38.42
N ALA D 87 9.94 -12.71 38.62
CA ALA D 87 10.37 -13.66 37.59
C ALA D 87 9.45 -13.44 36.38
N PRO D 88 9.93 -13.64 35.15
CA PRO D 88 8.99 -13.34 34.09
C PRO D 88 7.91 -14.37 33.89
N SER D 89 6.74 -13.88 33.46
CA SER D 89 5.61 -14.72 33.16
C SER D 89 5.60 -15.23 31.71
N THR D 90 5.44 -16.53 31.52
CA THR D 90 5.19 -17.10 30.19
C THR D 90 3.97 -16.54 29.48
N TRP D 91 2.86 -16.45 30.22
CA TRP D 91 1.61 -15.95 29.67
C TRP D 91 1.77 -14.49 29.26
N LEU D 92 2.30 -13.64 30.15
CA LEU D 92 2.43 -12.21 29.85
C LEU D 92 3.36 -12.02 28.62
N THR D 93 4.45 -12.79 28.55
CA THR D 93 5.44 -12.62 27.48
C THR D 93 4.80 -13.00 26.14
N ALA D 94 3.96 -14.03 26.18
CA ALA D 94 3.19 -14.40 24.96
C ALA D 94 2.08 -13.38 24.63
N TYR D 95 1.42 -12.83 25.64
CA TYR D 95 0.41 -11.81 25.33
C TYR D 95 1.12 -10.56 24.72
N VAL D 96 2.29 -10.19 25.22
CA VAL D 96 3.05 -9.09 24.64
C VAL D 96 3.38 -9.34 23.14
N VAL D 97 3.88 -10.53 22.84
CA VAL D 97 4.15 -10.91 21.46
C VAL D 97 2.91 -10.77 20.59
N LYS D 98 1.75 -11.27 21.06
CA LYS D 98 0.53 -11.15 20.24
C LYS D 98 0.15 -9.67 20.02
N VAL D 99 0.13 -8.87 21.08
CA VAL D 99 -0.26 -7.46 20.95
C VAL D 99 0.74 -6.67 20.08
N PHE D 100 2.03 -6.90 20.28
CA PHE D 100 3.03 -6.17 19.50
C PHE D 100 2.93 -6.58 18.05
N SER D 101 2.54 -7.84 17.81
CA SER D 101 2.50 -8.37 16.41
C SER D 101 1.36 -7.70 15.66
N LEU D 102 0.23 -7.48 16.31
CA LEU D 102 -0.86 -6.70 15.66
C LEU D 102 -0.51 -5.24 15.37
N ALA D 103 0.54 -4.78 16.00
CA ALA D 103 0.91 -3.38 15.88
C ALA D 103 2.08 -3.19 14.93
N VAL D 104 2.68 -4.25 14.39
CA VAL D 104 3.88 -4.05 13.55
C VAL D 104 3.80 -3.06 12.36
N ASN D 105 2.62 -2.89 11.77
CA ASN D 105 2.48 -1.95 10.65
C ASN D 105 1.62 -0.78 11.07
N LEU D 106 1.47 -0.67 12.39
CA LEU D 106 0.86 0.51 13.01
C LEU D 106 1.90 1.46 13.57
N ILE D 107 2.94 0.91 14.20
CA ILE D 107 4.02 1.72 14.74
C ILE D 107 5.27 0.94 14.47
N ALA D 108 6.43 1.53 14.78
CA ALA D 108 7.71 0.81 14.64
C ALA D 108 7.92 -0.07 15.85
N ILE D 109 7.93 -1.37 15.63
CA ILE D 109 8.13 -2.30 16.70
C ILE D 109 9.50 -2.82 16.39
N ASP D 110 10.43 -2.69 17.33
CA ASP D 110 11.77 -3.28 17.20
C ASP D 110 11.65 -4.81 17.24
N SER D 111 12.21 -5.41 16.20
CA SER D 111 12.16 -6.83 15.98
C SER D 111 12.95 -7.58 17.01
N GLN D 112 13.91 -6.90 17.58
CA GLN D 112 14.67 -7.57 18.60
C GLN D 112 13.82 -7.75 19.85
N VAL D 113 12.98 -6.75 20.16
CA VAL D 113 12.02 -6.85 21.28
C VAL D 113 11.03 -7.99 21.03
N LEU D 114 10.42 -8.02 19.86
CA LEU D 114 9.37 -8.98 19.58
C LEU D 114 9.98 -10.39 19.44
N CYS D 115 11.02 -10.51 18.62
CA CYS D 115 11.61 -11.84 18.32
C CYS D 115 12.49 -12.38 19.45
N GLY D 116 13.09 -11.48 20.23
CA GLY D 116 13.70 -11.85 21.52
C GLY D 116 12.71 -12.49 22.51
N ALA D 117 11.50 -11.91 22.61
CA ALA D 117 10.46 -12.50 23.47
C ALA D 117 10.03 -13.87 22.93
N VAL D 118 9.85 -13.98 21.61
CA VAL D 118 9.55 -15.23 20.96
C VAL D 118 10.64 -16.27 21.24
N LYS D 119 11.91 -15.87 21.12
CA LYS D 119 13.01 -16.84 21.28
C LYS D 119 13.10 -17.35 22.76
N TRP D 120 12.89 -16.44 23.70
CA TRP D 120 12.84 -16.80 25.11
C TRP D 120 11.74 -17.84 25.36
N LEU D 121 10.55 -17.65 24.76
CA LEU D 121 9.49 -18.62 24.96
C LEU D 121 10.01 -19.98 24.53
N ILE D 122 10.66 -19.99 23.36
CA ILE D 122 10.97 -21.23 22.65
C ILE D 122 12.11 -21.92 23.39
N LEU D 123 13.13 -21.14 23.70
CA LEU D 123 14.34 -21.69 24.32
C LEU D 123 14.17 -22.02 25.79
N GLU D 124 13.28 -21.31 26.50
CA GLU D 124 13.24 -21.43 27.95
C GLU D 124 12.01 -22.10 28.53
N LYS D 125 10.85 -21.95 27.87
CA LYS D 125 9.58 -22.28 28.52
C LYS D 125 8.84 -23.41 27.87
N GLN D 126 9.33 -23.88 26.71
CA GLN D 126 8.65 -25.01 26.05
C GLN D 126 9.33 -26.29 26.52
N LYS D 127 8.50 -27.24 26.92
CA LYS D 127 8.90 -28.56 27.36
C LYS D 127 9.06 -29.52 26.16
N PRO D 128 9.86 -30.58 26.34
CA PRO D 128 10.30 -31.47 25.24
C PRO D 128 9.16 -32.01 24.42
N ASP D 129 8.05 -32.33 25.05
CA ASP D 129 6.84 -32.78 24.32
C ASP D 129 5.96 -31.64 23.71
N GLY D 130 6.44 -30.39 23.74
CA GLY D 130 5.71 -29.26 23.12
C GLY D 130 4.94 -28.32 24.03
N VAL D 131 4.69 -28.74 25.27
CA VAL D 131 3.89 -27.96 26.25
C VAL D 131 4.60 -26.66 26.58
N PHE D 132 3.85 -25.58 26.68
CA PHE D 132 4.39 -24.40 27.34
C PHE D 132 4.01 -24.34 28.79
N GLN D 133 4.97 -23.92 29.61
CA GLN D 133 4.74 -23.91 31.03
C GLN D 133 4.91 -22.51 31.62
N GLU D 134 4.11 -22.22 32.62
CA GLU D 134 4.17 -20.97 33.35
C GLU D 134 4.91 -21.20 34.68
N ASP D 135 6.06 -20.56 34.83
CA ASP D 135 6.76 -20.61 36.11
C ASP D 135 6.53 -19.40 37.00
N ALA D 136 5.90 -18.35 36.51
CA ALA D 136 5.69 -17.17 37.35
C ALA D 136 4.36 -16.51 36.93
N PRO D 137 3.23 -17.05 37.40
CA PRO D 137 1.93 -16.58 36.94
C PRO D 137 1.78 -15.06 37.05
N VAL D 138 0.96 -14.47 36.20
CA VAL D 138 0.68 -13.03 36.36
C VAL D 138 -0.02 -12.76 37.69
N ILE D 139 0.22 -11.58 38.23
CA ILE D 139 -0.39 -11.12 39.45
C ILE D 139 -1.85 -10.83 39.17
N HIS D 140 -2.10 -10.09 38.12
CA HIS D 140 -3.46 -9.72 37.75
C HIS D 140 -4.18 -10.80 36.96
N GLN D 141 -4.64 -11.82 37.67
CA GLN D 141 -5.27 -12.98 37.03
C GLN D 141 -6.53 -12.63 36.27
N GLU D 142 -7.12 -11.46 36.50
CA GLU D 142 -8.33 -11.14 35.73
C GLU D 142 -7.97 -10.86 34.25
N MET D 143 -6.68 -10.64 33.96
CA MET D 143 -6.33 -10.24 32.55
C MET D 143 -6.20 -11.42 31.58
N ILE D 144 -6.32 -12.64 32.10
CA ILE D 144 -6.02 -13.81 31.30
C ILE D 144 -7.30 -14.54 30.89
N GLY D 145 -8.44 -13.96 31.27
CA GLY D 145 -9.74 -14.48 30.86
C GLY D 145 -9.87 -15.93 31.31
N GLY D 146 -10.35 -16.78 30.42
CA GLY D 146 -10.81 -18.10 30.83
C GLY D 146 -9.64 -19.04 31.08
N LEU D 147 -8.40 -18.60 30.85
CA LEU D 147 -7.28 -19.40 31.32
C LEU D 147 -7.27 -19.53 32.83
N ARG D 148 -7.91 -18.60 33.52
CA ARG D 148 -7.82 -18.61 34.97
C ARG D 148 -8.34 -19.97 35.57
N ASN D 149 -9.08 -20.76 34.79
CA ASN D 149 -9.32 -22.19 35.07
C ASN D 149 -8.09 -23.11 35.26
N ASN D 150 -8.20 -24.10 36.15
CA ASN D 150 -7.08 -25.00 36.43
C ASN D 150 -7.04 -26.37 35.74
N ASN D 151 -8.18 -26.87 35.24
CA ASN D 151 -8.12 -28.06 34.40
C ASN D 151 -7.66 -27.70 33.00
N GLU D 152 -6.84 -28.58 32.43
CA GLU D 152 -6.51 -28.56 31.01
C GLU D 152 -5.66 -27.37 30.74
N LYS D 153 -4.88 -26.97 31.75
CA LYS D 153 -4.05 -25.77 31.68
C LYS D 153 -2.87 -26.01 30.75
N ASP D 154 -2.40 -27.26 30.66
CA ASP D 154 -1.30 -27.53 29.74
C ASP D 154 -1.74 -27.28 28.31
N MET D 155 -2.88 -27.85 27.96
CA MET D 155 -3.48 -27.63 26.64
C MET D 155 -3.90 -26.16 26.42
N ALA D 156 -4.51 -25.53 27.41
CA ALA D 156 -5.06 -24.22 27.21
C ALA D 156 -3.89 -23.23 27.01
N LEU D 157 -2.86 -23.36 27.84
CA LEU D 157 -1.73 -22.45 27.80
C LEU D 157 -0.89 -22.72 26.59
N THR D 158 -0.71 -23.98 26.25
CA THR D 158 0.10 -24.30 25.08
C THR D 158 -0.56 -23.68 23.82
N ALA D 159 -1.89 -23.77 23.76
CA ALA D 159 -2.64 -23.19 22.66
C ALA D 159 -2.48 -21.68 22.67
N PHE D 160 -2.63 -21.07 23.85
CA PHE D 160 -2.50 -19.64 23.93
C PHE D 160 -1.13 -19.20 23.41
N VAL D 161 -0.04 -19.87 23.82
CA VAL D 161 1.28 -19.44 23.46
C VAL D 161 1.53 -19.67 21.96
N LEU D 162 1.15 -20.84 21.47
CA LEU D 162 1.28 -21.16 20.07
C LEU D 162 0.55 -20.14 19.20
N ILE D 163 -0.64 -19.72 19.62
CA ILE D 163 -1.35 -18.70 18.84
C ILE D 163 -0.47 -17.48 18.78
N SER D 164 0.17 -17.12 19.89
CA SER D 164 1.02 -15.96 19.79
C SER D 164 2.22 -16.22 18.85
N LEU D 165 2.85 -17.40 18.94
CA LEU D 165 3.95 -17.77 18.01
C LEU D 165 3.52 -17.68 16.54
N GLN D 166 2.31 -18.18 16.23
CA GLN D 166 1.75 -18.05 14.90
C GLN D 166 1.68 -16.60 14.47
N GLU D 167 1.33 -15.68 15.37
CA GLU D 167 1.21 -14.30 14.94
C GLU D 167 2.57 -13.75 14.54
N ALA D 168 3.62 -14.26 15.17
CA ALA D 168 4.95 -13.71 14.97
C ALA D 168 5.76 -14.41 13.88
N LYS D 169 5.23 -15.49 13.34
CA LYS D 169 5.99 -16.39 12.47
C LYS D 169 6.71 -15.68 11.33
N ASP D 170 6.01 -14.76 10.67
CA ASP D 170 6.54 -14.11 9.46
C ASP D 170 7.46 -12.95 9.74
N ILE D 171 7.21 -12.23 10.83
CA ILE D 171 8.18 -11.25 11.32
C ILE D 171 9.50 -11.91 11.76
N CYS D 172 9.43 -13.07 12.40
CA CYS D 172 10.56 -13.61 13.17
C CYS D 172 11.20 -14.86 12.63
N GLU D 173 10.56 -15.52 11.66
CA GLU D 173 11.00 -16.85 11.19
C GLU D 173 12.48 -16.77 10.79
N GLU D 174 12.84 -15.63 10.22
CA GLU D 174 14.21 -15.30 9.85
C GLU D 174 15.08 -14.99 11.07
N GLN D 175 14.67 -14.02 11.89
CA GLN D 175 15.43 -13.67 13.09
C GLN D 175 15.58 -14.84 14.04
N VAL D 176 14.70 -15.84 13.93
CA VAL D 176 14.62 -16.91 14.93
C VAL D 176 14.31 -18.20 14.22
N ASN D 177 15.36 -18.96 13.90
CA ASN D 177 15.22 -20.19 13.09
C ASN D 177 14.51 -21.31 13.77
N SER D 178 14.56 -21.36 15.10
CA SER D 178 13.92 -22.46 15.83
C SER D 178 12.40 -22.31 15.86
N LEU D 179 11.89 -21.18 15.39
CA LEU D 179 10.44 -20.91 15.52
C LEU D 179 9.49 -21.95 14.86
N PRO D 180 9.68 -22.31 13.54
CA PRO D 180 8.76 -23.27 12.92
C PRO D 180 8.74 -24.65 13.56
N GLY D 181 9.88 -25.15 14.01
CA GLY D 181 9.88 -26.44 14.71
C GLY D 181 9.24 -26.38 16.09
N SER D 182 9.38 -25.25 16.78
CA SER D 182 8.76 -25.12 18.10
C SER D 182 7.24 -25.03 17.89
N ILE D 183 6.84 -24.28 16.84
CA ILE D 183 5.44 -24.28 16.41
C ILE D 183 4.92 -25.71 16.19
N THR D 184 5.62 -26.48 15.36
CA THR D 184 5.19 -27.87 15.03
C THR D 184 5.10 -28.71 16.28
N LYS D 185 6.12 -28.59 17.12
CA LYS D 185 6.11 -29.40 18.32
C LYS D 185 4.91 -29.08 19.24
N ALA D 186 4.55 -27.78 19.33
CA ALA D 186 3.33 -27.39 20.12
C ALA D 186 2.09 -27.94 19.48
N GLY D 187 1.99 -27.84 18.17
CA GLY D 187 0.84 -28.45 17.47
C GLY D 187 0.68 -29.96 17.73
N ASP D 188 1.80 -30.70 17.74
CA ASP D 188 1.75 -32.17 17.97
C ASP D 188 1.09 -32.42 19.30
N PHE D 189 1.54 -31.66 20.31
CA PHE D 189 1.00 -31.87 21.63
C PHE D 189 -0.49 -31.58 21.65
N LEU D 190 -0.92 -30.49 21.00
CA LEU D 190 -2.36 -30.20 20.97
C LEU D 190 -3.10 -31.34 20.24
N GLU D 191 -2.54 -31.80 19.15
CA GLU D 191 -3.23 -32.80 18.31
C GLU D 191 -3.37 -34.12 19.08
N ALA D 192 -2.30 -34.51 19.77
CA ALA D 192 -2.30 -35.74 20.54
C ALA D 192 -3.22 -35.72 21.75
N ASN D 193 -3.72 -34.57 22.14
CA ASN D 193 -4.54 -34.57 23.36
C ASN D 193 -5.91 -33.99 23.18
N TYR D 194 -6.22 -33.64 21.94
CA TYR D 194 -7.41 -32.86 21.67
C TYR D 194 -8.64 -33.68 21.99
N MET D 195 -8.56 -34.98 21.70
CA MET D 195 -9.74 -35.83 21.83
C MET D 195 -10.17 -36.01 23.28
N ASN D 196 -9.21 -36.03 24.22
CA ASN D 196 -9.54 -36.14 25.65
C ASN D 196 -10.14 -34.91 26.30
N LEU D 197 -10.17 -33.79 25.59
CA LEU D 197 -10.56 -32.52 26.20
C LEU D 197 -12.02 -32.57 26.62
N GLN D 198 -12.34 -31.92 27.73
CA GLN D 198 -13.71 -31.81 28.25
C GLN D 198 -14.32 -30.40 28.20
N ARG D 199 -13.49 -29.37 28.33
CA ARG D 199 -14.02 -28.02 28.48
C ARG D 199 -14.16 -27.38 27.14
N SER D 200 -15.25 -26.68 26.94
CA SER D 200 -15.52 -26.00 25.68
C SER D 200 -14.41 -24.95 25.39
N TYR D 201 -13.91 -24.31 26.46
CA TYR D 201 -12.92 -23.24 26.33
C TYR D 201 -11.66 -23.79 25.67
N THR D 202 -11.15 -24.91 26.18
CA THR D 202 -9.94 -25.50 25.62
C THR D 202 -10.13 -25.99 24.19
N VAL D 203 -11.32 -26.55 23.94
CA VAL D 203 -11.70 -27.05 22.62
C VAL D 203 -11.71 -25.88 21.65
N ALA D 204 -12.22 -24.74 22.10
CA ALA D 204 -12.28 -23.57 21.22
C ALA D 204 -10.84 -23.01 20.97
N ILE D 205 -10.08 -22.80 22.05
CA ILE D 205 -8.75 -22.18 21.91
C ILE D 205 -7.76 -23.09 21.20
N ALA D 206 -7.69 -24.36 21.61
CA ALA D 206 -6.83 -25.34 20.89
C ALA D 206 -7.30 -25.62 19.46
N GLY D 207 -8.61 -25.54 19.26
CA GLY D 207 -9.18 -25.72 17.93
C GLY D 207 -8.83 -24.61 16.97
N TYR D 208 -8.86 -23.36 17.44
CA TYR D 208 -8.28 -22.29 16.63
C TYR D 208 -6.80 -22.55 16.34
N ALA D 209 -6.04 -22.91 17.37
CA ALA D 209 -4.59 -23.10 17.18
C ALA D 209 -4.33 -24.18 16.12
N LEU D 210 -5.08 -25.27 16.18
CA LEU D 210 -4.90 -26.35 15.23
C LEU D 210 -5.39 -25.97 13.84
N ALA D 211 -6.56 -25.34 13.78
CA ALA D 211 -7.14 -24.93 12.52
C ALA D 211 -6.18 -24.01 11.77
N GLN D 212 -5.48 -23.17 12.50
CA GLN D 212 -4.60 -22.20 11.88
C GLN D 212 -3.49 -22.89 11.08
N MET D 213 -3.11 -24.08 11.53
CA MET D 213 -2.03 -24.85 10.98
C MET D 213 -2.63 -25.91 10.06
N GLY D 214 -3.93 -25.81 9.80
CA GLY D 214 -4.64 -26.83 9.03
C GLY D 214 -4.67 -28.21 9.68
N ARG D 215 -4.50 -28.28 10.99
CA ARG D 215 -4.30 -29.60 11.59
C ARG D 215 -5.48 -30.00 12.41
N LEU D 216 -6.61 -29.37 12.11
CA LEU D 216 -7.88 -29.67 12.75
C LEU D 216 -8.79 -30.37 11.73
N LYS D 217 -8.96 -31.67 11.88
CA LYS D 217 -9.78 -32.43 10.94
C LYS D 217 -10.20 -33.76 11.55
N GLY D 218 -10.84 -34.60 10.75
CA GLY D 218 -11.27 -35.91 11.19
C GLY D 218 -12.11 -35.86 12.45
N PRO D 219 -11.81 -36.74 13.42
CA PRO D 219 -12.60 -36.74 14.68
C PRO D 219 -12.43 -35.42 15.44
N LEU D 220 -11.31 -34.75 15.22
CA LEU D 220 -11.01 -33.52 15.97
C LEU D 220 -11.92 -32.39 15.53
N LEU D 221 -12.05 -32.23 14.20
CA LEU D 221 -12.97 -31.25 13.62
C LEU D 221 -14.40 -31.49 14.08
N ASN D 222 -14.83 -32.74 13.97
CA ASN D 222 -16.14 -33.18 14.43
C ASN D 222 -16.34 -32.83 15.89
N LYS D 223 -15.36 -33.20 16.72
CA LYS D 223 -15.45 -32.86 18.13
C LYS D 223 -15.52 -31.35 18.33
N PHE D 224 -14.68 -30.61 17.62
CA PHE D 224 -14.69 -29.13 17.73
C PHE D 224 -16.09 -28.57 17.45
N LEU D 225 -16.66 -28.97 16.31
CA LEU D 225 -17.95 -28.45 15.87
C LEU D 225 -19.10 -28.94 16.78
N THR D 226 -19.10 -30.23 17.13
CA THR D 226 -20.17 -30.78 17.97
C THR D 226 -20.10 -30.33 19.43
N THR D 227 -19.01 -29.67 19.83
CA THR D 227 -18.93 -29.15 21.20
C THR D 227 -19.79 -27.92 21.38
N ALA D 228 -19.99 -27.15 20.30
CA ALA D 228 -20.86 -25.95 20.41
C ALA D 228 -22.26 -26.30 20.99
N LYS D 229 -22.89 -25.34 21.67
CA LYS D 229 -24.31 -25.38 22.02
C LYS D 229 -25.12 -24.63 21.00
N ASP D 230 -26.20 -25.28 20.54
CA ASP D 230 -27.17 -24.70 19.60
C ASP D 230 -26.47 -24.24 18.33
N LYS D 231 -25.35 -24.88 18.00
CA LYS D 231 -24.61 -24.51 16.79
C LYS D 231 -24.26 -23.03 16.75
N ASN D 232 -24.20 -22.38 17.93
CA ASN D 232 -23.97 -20.93 17.99
C ASN D 232 -23.00 -20.34 19.07
N ARG D 233 -22.57 -21.18 20.02
CA ARG D 233 -21.65 -20.78 21.08
C ARG D 233 -20.80 -21.94 21.61
N TRP D 234 -19.60 -21.59 22.10
CA TRP D 234 -18.82 -22.49 22.95
C TRP D 234 -18.83 -22.00 24.42
N GLU D 235 -19.35 -22.83 25.32
CA GLU D 235 -19.60 -22.37 26.70
C GLU D 235 -19.35 -23.47 27.73
N ASP D 236 -19.06 -23.03 28.95
CA ASP D 236 -18.83 -23.92 30.09
C ASP D 236 -19.51 -23.23 31.26
N PRO D 237 -19.87 -23.99 32.31
CA PRO D 237 -20.42 -23.34 33.51
C PRO D 237 -19.41 -22.35 34.04
N GLY D 238 -19.81 -21.11 34.27
CA GLY D 238 -18.88 -20.16 34.85
C GLY D 238 -19.10 -18.75 34.37
N LYS D 239 -18.15 -17.87 34.67
CA LYS D 239 -18.19 -16.48 34.19
C LYS D 239 -18.49 -16.51 32.70
N GLN D 240 -19.48 -15.73 32.30
CA GLN D 240 -19.92 -15.74 30.92
C GLN D 240 -18.88 -15.07 30.02
N LEU D 241 -18.12 -14.14 30.59
CA LEU D 241 -17.02 -13.49 29.87
C LEU D 241 -16.03 -14.51 29.30
N TYR D 242 -15.91 -15.67 29.93
CA TYR D 242 -15.05 -16.72 29.40
C TYR D 242 -15.64 -17.39 28.14
N ASN D 243 -16.97 -17.41 28.06
CA ASN D 243 -17.65 -17.98 26.91
C ASN D 243 -17.64 -17.04 25.72
N VAL D 244 -17.74 -15.76 25.98
CA VAL D 244 -17.56 -14.83 24.91
C VAL D 244 -16.16 -15.09 24.28
N GLU D 245 -15.15 -15.20 25.14
CA GLU D 245 -13.76 -15.31 24.68
C GLU D 245 -13.59 -16.66 23.96
N ALA D 246 -14.16 -17.72 24.53
CA ALA D 246 -14.13 -19.06 23.90
C ALA D 246 -14.72 -19.04 22.51
N THR D 247 -15.88 -18.39 22.39
CA THR D 247 -16.67 -18.42 21.16
C THR D 247 -15.98 -17.62 20.05
N SER D 248 -15.39 -16.49 20.44
CA SER D 248 -14.45 -15.74 19.60
C SER D 248 -13.31 -16.61 18.99
N TYR D 249 -12.66 -17.46 19.79
CA TYR D 249 -11.65 -18.34 19.26
C TYR D 249 -12.33 -19.26 18.27
N ALA D 250 -13.50 -19.78 18.68
CA ALA D 250 -14.22 -20.74 17.85
C ALA D 250 -14.55 -20.10 16.50
N LEU D 251 -15.00 -18.85 16.53
CA LEU D 251 -15.32 -18.08 15.32
C LEU D 251 -14.07 -17.88 14.44
N LEU D 252 -12.93 -17.61 15.07
CA LEU D 252 -11.63 -17.61 14.35
C LEU D 252 -11.26 -18.98 13.76
N ALA D 253 -11.49 -20.03 14.53
CA ALA D 253 -11.26 -21.37 13.96
C ALA D 253 -12.18 -21.61 12.73
N LEU D 254 -13.46 -21.20 12.81
CA LEU D 254 -14.38 -21.40 11.67
C LEU D 254 -13.95 -20.59 10.44
N LEU D 255 -13.52 -19.35 10.64
CA LEU D 255 -12.98 -18.58 9.56
C LEU D 255 -11.71 -19.20 8.92
N GLN D 256 -10.81 -19.76 9.73
CA GLN D 256 -9.68 -20.53 9.20
C GLN D 256 -10.14 -21.69 8.32
N LEU D 257 -11.19 -22.37 8.77
CA LEU D 257 -11.72 -23.53 8.10
C LEU D 257 -12.51 -23.11 6.85
N LYS D 258 -12.76 -21.81 6.68
CA LYS D 258 -13.67 -21.29 5.64
C LYS D 258 -15.10 -21.87 5.71
N ASP D 259 -15.52 -22.30 6.90
CA ASP D 259 -16.85 -22.86 7.12
C ASP D 259 -17.92 -21.76 7.32
N PHE D 260 -18.24 -21.04 6.24
CA PHE D 260 -19.14 -19.89 6.32
C PHE D 260 -20.60 -20.26 6.54
N ASP D 261 -20.94 -21.51 6.24
CA ASP D 261 -22.21 -22.07 6.62
C ASP D 261 -22.44 -22.10 8.15
N PHE D 262 -21.42 -22.47 8.93
CA PHE D 262 -21.61 -22.59 10.38
C PHE D 262 -21.62 -21.23 11.07
N VAL D 263 -21.17 -20.20 10.38
CA VAL D 263 -20.77 -18.95 11.01
C VAL D 263 -21.85 -17.95 11.44
N PRO D 264 -22.91 -17.74 10.62
CA PRO D 264 -23.89 -16.68 10.99
C PRO D 264 -24.57 -16.75 12.38
N PRO D 265 -24.93 -17.96 12.86
CA PRO D 265 -25.52 -17.99 14.22
C PRO D 265 -24.51 -17.65 15.33
N VAL D 266 -23.26 -18.09 15.12
CA VAL D 266 -22.15 -17.76 16.01
C VAL D 266 -21.97 -16.23 16.07
N VAL D 267 -21.87 -15.59 14.92
CA VAL D 267 -21.71 -14.14 14.86
C VAL D 267 -22.91 -13.45 15.51
N ARG D 268 -24.11 -13.95 15.27
CA ARG D 268 -25.26 -13.31 15.91
C ARG D 268 -25.21 -13.45 17.41
N TRP D 269 -24.90 -14.65 17.91
CA TRP D 269 -24.85 -14.82 19.36
C TRP D 269 -23.79 -13.90 19.98
N LEU D 270 -22.61 -13.82 19.35
CA LEU D 270 -21.55 -12.93 19.83
C LEU D 270 -21.98 -11.48 19.77
N ASN D 271 -22.54 -11.07 18.63
CA ASN D 271 -22.96 -9.67 18.52
C ASN D 271 -23.97 -9.28 19.61
N GLU D 272 -24.83 -10.24 19.99
CA GLU D 272 -25.84 -10.01 21.02
C GLU D 272 -25.28 -9.90 22.45
N GLN D 273 -24.00 -10.15 22.64
CA GLN D 273 -23.45 -10.21 23.99
C GLN D 273 -22.78 -8.92 24.42
N ARG D 274 -22.97 -7.84 23.66
CA ARG D 274 -22.52 -6.50 24.06
C ARG D 274 -23.11 -6.09 25.41
N GLY D 279 -15.06 -3.26 31.43
CA GLY D 279 -15.33 -3.87 32.73
C GLY D 279 -14.06 -4.37 33.42
N TYR D 280 -14.22 -4.95 34.62
CA TYR D 280 -13.15 -5.70 35.30
C TYR D 280 -12.98 -7.13 34.71
N GLY D 281 -11.72 -7.54 34.50
CA GLY D 281 -11.43 -8.86 33.94
C GLY D 281 -11.87 -9.09 32.49
N SER D 282 -11.99 -8.03 31.69
CA SER D 282 -12.47 -8.19 30.32
C SER D 282 -11.43 -7.94 29.23
N THR D 283 -10.14 -7.96 29.60
CA THR D 283 -9.05 -7.81 28.60
C THR D 283 -9.19 -8.85 27.47
N GLN D 284 -9.30 -10.13 27.84
CA GLN D 284 -9.39 -11.20 26.83
C GLN D 284 -10.67 -11.21 26.01
N ALA D 285 -11.82 -10.98 26.64
CA ALA D 285 -13.09 -10.90 25.92
C ALA D 285 -13.07 -9.82 24.87
N THR D 286 -12.60 -8.67 25.26
CA THR D 286 -12.49 -7.53 24.41
C THR D 286 -11.51 -7.77 23.27
N PHE D 287 -10.30 -8.21 23.60
CA PHE D 287 -9.37 -8.54 22.55
C PHE D 287 -9.96 -9.56 21.56
N MET D 288 -10.49 -10.66 22.07
CA MET D 288 -10.94 -11.73 21.18
C MET D 288 -12.22 -11.44 20.38
N VAL D 289 -13.16 -10.70 20.97
CA VAL D 289 -14.40 -10.39 20.21
C VAL D 289 -14.07 -9.44 19.07
N PHE D 290 -13.26 -8.42 19.34
CA PHE D 290 -12.96 -7.46 18.32
C PHE D 290 -12.10 -8.11 17.25
N GLN D 291 -11.14 -8.96 17.63
CA GLN D 291 -10.38 -9.71 16.61
C GLN D 291 -11.30 -10.55 15.73
N ALA D 292 -12.17 -11.37 16.35
CA ALA D 292 -12.95 -12.34 15.60
C ALA D 292 -13.97 -11.66 14.68
N LEU D 293 -14.70 -10.70 15.23
CA LEU D 293 -15.66 -9.94 14.43
C LEU D 293 -14.97 -9.12 13.34
N ALA D 294 -13.73 -8.67 13.55
CA ALA D 294 -13.06 -7.93 12.48
C ALA D 294 -12.81 -8.89 11.35
N GLN D 295 -12.34 -10.09 11.69
CA GLN D 295 -12.00 -11.00 10.62
C GLN D 295 -13.23 -11.54 9.93
N TYR D 296 -14.30 -11.79 10.70
CA TYR D 296 -15.57 -12.15 10.08
C TYR D 296 -16.01 -11.13 9.01
N GLN D 297 -16.04 -9.84 9.32
CA GLN D 297 -16.37 -8.87 8.30
C GLN D 297 -15.35 -8.77 7.13
N LYS D 298 -14.07 -8.92 7.44
CA LYS D 298 -13.06 -8.86 6.41
C LYS D 298 -13.22 -10.01 5.43
N ASP D 299 -13.60 -11.20 5.93
CA ASP D 299 -13.56 -12.39 5.08
C ASP D 299 -14.87 -12.83 4.48
N ALA D 300 -15.98 -12.60 5.17
CA ALA D 300 -17.21 -13.33 4.84
C ALA D 300 -18.05 -12.53 3.87
N PRO D 301 -18.42 -13.17 2.75
CA PRO D 301 -19.20 -12.51 1.68
C PRO D 301 -20.55 -12.07 2.22
N ASP D 302 -20.97 -10.85 1.88
CA ASP D 302 -22.26 -10.33 2.40
C ASP D 302 -22.52 -10.56 3.90
N HIS D 303 -21.47 -10.42 4.71
CA HIS D 303 -21.62 -10.45 6.18
C HIS D 303 -22.77 -9.58 6.73
N GLN D 304 -23.29 -9.95 7.90
CA GLN D 304 -24.30 -9.14 8.58
C GLN D 304 -23.73 -7.81 9.07
N GLU D 305 -24.62 -6.82 9.17
CA GLU D 305 -24.29 -5.51 9.74
C GLU D 305 -23.97 -5.62 11.25
N LEU D 306 -22.85 -5.03 11.69
CA LEU D 306 -22.54 -5.00 13.11
C LEU D 306 -22.47 -3.58 13.66
N LEU D 308 -20.94 -3.38 16.23
CA LEU D 308 -21.08 -2.71 17.52
C LEU D 308 -20.16 -1.48 17.58
N ASP D 309 -19.94 -0.95 18.79
CA ASP D 309 -19.41 0.41 18.96
C ASP D 309 -18.00 0.49 19.53
N VAL D 310 -17.13 1.19 18.81
CA VAL D 310 -15.71 1.19 19.13
C VAL D 310 -15.24 2.33 20.05
N SER D 311 -16.10 3.32 20.28
CA SER D 311 -15.71 4.55 21.01
C SER D 311 -15.56 4.31 22.52
N LEU D 312 -16.28 3.31 23.02
CA LEU D 312 -16.04 2.74 24.33
C LEU D 312 -14.54 2.40 24.43
N GLN D 313 -14.04 1.59 23.48
CA GLN D 313 -12.63 1.17 23.44
C GLN D 313 -11.67 2.28 23.09
N LEU D 314 -12.19 3.33 22.47
CA LEU D 314 -11.33 4.37 21.90
C LEU D 314 -11.94 5.76 22.09
N PRO D 315 -11.90 6.30 23.32
CA PRO D 315 -12.60 7.54 23.64
C PRO D 315 -11.78 8.80 23.33
N SER D 316 -12.46 9.94 23.20
CA SER D 316 -11.78 11.24 23.18
C SER D 316 -12.69 12.36 23.67
N PHE E 4 -16.12 -25.43 -56.87
CA PHE E 4 -16.23 -23.98 -57.21
C PHE E 4 -17.11 -23.20 -56.22
N GLY E 5 -17.94 -23.92 -55.47
CA GLY E 5 -19.05 -23.32 -54.73
C GLY E 5 -18.77 -22.87 -53.29
N LYS E 6 -18.06 -21.77 -53.13
CA LYS E 6 -17.85 -21.12 -51.83
C LYS E 6 -19.16 -20.58 -51.20
N CYS E 7 -19.32 -20.71 -49.89
CA CYS E 7 -20.40 -19.97 -49.20
C CYS E 7 -19.89 -18.65 -48.66
N GLY E 8 -20.82 -17.69 -48.49
CA GLY E 8 -20.58 -16.44 -47.74
C GLY E 8 -20.62 -16.67 -46.23
N PRO E 9 -20.73 -15.60 -45.41
CA PRO E 9 -20.76 -15.79 -43.95
C PRO E 9 -21.96 -16.61 -43.49
N PRO E 10 -21.81 -17.36 -42.37
CA PRO E 10 -22.96 -18.11 -41.85
C PRO E 10 -24.04 -17.19 -41.29
N PRO E 11 -25.28 -17.66 -41.26
CA PRO E 11 -26.40 -16.80 -40.82
C PRO E 11 -26.30 -16.38 -39.34
N PRO E 12 -26.81 -15.17 -38.98
CA PRO E 12 -26.99 -14.81 -37.56
C PRO E 12 -28.20 -15.56 -36.98
N ILE E 13 -28.14 -15.97 -35.71
CA ILE E 13 -29.32 -16.48 -35.01
C ILE E 13 -29.64 -15.70 -33.74
N ASP E 14 -30.89 -15.63 -33.37
CA ASP E 14 -31.27 -14.93 -32.16
C ASP E 14 -30.81 -15.70 -30.93
N ASN E 15 -30.34 -14.99 -29.92
CA ASN E 15 -29.98 -15.60 -28.64
C ASN E 15 -29.00 -16.74 -28.78
N GLY E 16 -28.08 -16.61 -29.73
CA GLY E 16 -26.98 -17.57 -29.88
C GLY E 16 -25.93 -17.08 -30.88
N ASP E 17 -24.91 -17.88 -31.10
CA ASP E 17 -23.82 -17.52 -31.99
C ASP E 17 -23.12 -18.80 -32.45
N ILE E 18 -22.18 -18.69 -33.36
CA ILE E 18 -21.27 -19.82 -33.70
C ILE E 18 -20.10 -20.06 -32.72
N THR E 19 -19.51 -21.24 -32.76
CA THR E 19 -18.53 -21.62 -31.74
C THR E 19 -17.15 -21.24 -32.22
N SER E 20 -17.10 -20.67 -33.42
CA SER E 20 -15.86 -20.18 -34.01
C SER E 20 -16.05 -18.68 -34.41
N PHE E 21 -15.01 -18.07 -34.96
CA PHE E 21 -15.17 -16.70 -35.49
C PHE E 21 -15.50 -16.69 -36.97
N PRO E 22 -16.46 -15.86 -37.34
CA PRO E 22 -17.00 -15.80 -38.69
C PRO E 22 -15.91 -15.44 -39.71
N LEU E 23 -15.90 -16.13 -40.86
CA LEU E 23 -15.10 -15.71 -42.03
C LEU E 23 -16.02 -15.05 -43.03
N SER E 24 -15.47 -14.21 -43.89
CA SER E 24 -16.22 -13.69 -45.02
C SER E 24 -16.49 -14.73 -46.14
N VAL E 25 -15.56 -15.66 -46.37
CA VAL E 25 -15.71 -16.72 -47.40
C VAL E 25 -15.37 -18.11 -46.82
N TYR E 26 -16.14 -19.14 -47.16
CA TYR E 26 -15.90 -20.52 -46.69
C TYR E 26 -15.78 -21.51 -47.85
N ALA E 27 -14.88 -22.48 -47.73
CA ALA E 27 -14.77 -23.50 -48.77
C ALA E 27 -15.96 -24.48 -48.83
N PRO E 28 -16.18 -25.12 -50.00
CA PRO E 28 -17.17 -26.18 -50.09
C PRO E 28 -16.81 -27.20 -49.06
N ALA E 29 -17.83 -27.78 -48.44
CA ALA E 29 -17.69 -28.78 -47.39
C ALA E 29 -17.41 -28.22 -46.00
N SER E 30 -17.14 -26.90 -45.88
CA SER E 30 -16.96 -26.23 -44.55
C SER E 30 -18.15 -26.50 -43.67
N SER E 31 -17.93 -26.67 -42.36
CA SER E 31 -19.04 -26.50 -41.44
C SER E 31 -18.80 -25.50 -40.30
N VAL E 32 -19.89 -24.98 -39.72
CA VAL E 32 -19.80 -24.24 -38.47
C VAL E 32 -20.90 -24.74 -37.54
N GLU E 33 -20.70 -24.52 -36.25
CA GLU E 33 -21.67 -24.96 -35.27
C GLU E 33 -22.16 -23.81 -34.45
N TYR E 34 -23.42 -23.89 -34.07
CA TYR E 34 -24.02 -22.88 -33.25
C TYR E 34 -24.11 -23.33 -31.81
N GLN E 35 -24.19 -22.32 -30.95
CA GLN E 35 -24.53 -22.52 -29.54
C GLN E 35 -25.49 -21.38 -29.08
N CYS E 36 -26.53 -21.75 -28.35
CA CYS E 36 -27.50 -20.83 -27.79
C CYS E 36 -27.02 -20.36 -26.42
N GLN E 37 -27.59 -19.24 -25.97
CA GLN E 37 -27.36 -18.71 -24.65
C GLN E 37 -27.98 -19.63 -23.60
N ASN E 38 -27.59 -19.37 -22.37
CA ASN E 38 -27.84 -20.26 -21.30
C ASN E 38 -29.35 -20.43 -21.12
N LEU E 39 -29.81 -21.69 -20.99
CA LEU E 39 -31.21 -22.00 -20.79
C LEU E 39 -32.07 -21.90 -22.08
N TYR E 40 -31.44 -21.66 -23.23
CA TYR E 40 -32.16 -21.62 -24.51
C TYR E 40 -31.92 -22.95 -25.10
N GLN E 41 -32.93 -23.50 -25.77
CA GLN E 41 -32.83 -24.87 -26.27
C GLN E 41 -32.57 -24.83 -27.76
N LEU E 42 -31.43 -25.37 -28.17
CA LEU E 42 -31.14 -25.43 -29.58
C LEU E 42 -32.09 -26.40 -30.30
N GLU E 43 -32.82 -25.90 -31.31
CA GLU E 43 -33.70 -26.72 -32.16
C GLU E 43 -33.23 -26.79 -33.61
N GLY E 44 -32.99 -28.00 -34.08
CA GLY E 44 -32.55 -28.20 -35.44
C GLY E 44 -31.17 -28.79 -35.39
N ASN E 45 -30.49 -28.75 -36.51
CA ASN E 45 -29.12 -29.18 -36.57
C ASN E 45 -28.16 -28.10 -36.01
N LYS E 46 -27.28 -28.53 -35.12
CA LYS E 46 -26.28 -27.70 -34.46
C LYS E 46 -25.19 -27.31 -35.45
N ARG E 47 -24.94 -28.18 -36.42
CA ARG E 47 -23.93 -27.93 -37.46
C ARG E 47 -24.61 -27.58 -38.79
N ILE E 48 -23.98 -26.70 -39.59
CA ILE E 48 -24.49 -26.33 -40.90
C ILE E 48 -23.30 -26.46 -41.83
N THR E 49 -23.58 -26.80 -43.08
CA THR E 49 -22.51 -27.20 -43.97
C THR E 49 -22.64 -26.40 -45.23
N CYS E 50 -21.51 -26.06 -45.82
CA CYS E 50 -21.48 -25.39 -47.08
C CYS E 50 -21.52 -26.41 -48.23
N ARG E 51 -22.66 -26.48 -48.91
CA ARG E 51 -22.80 -27.33 -50.10
C ARG E 51 -23.38 -26.52 -51.26
N ASN E 52 -22.65 -26.50 -52.37
CA ASN E 52 -23.11 -25.84 -53.58
C ASN E 52 -23.31 -24.36 -53.40
N GLY E 53 -22.50 -23.75 -52.55
CA GLY E 53 -22.54 -22.32 -52.39
C GLY E 53 -23.67 -21.84 -51.53
N GLN E 54 -24.27 -22.75 -50.77
CA GLN E 54 -25.35 -22.43 -49.84
C GLN E 54 -25.11 -23.13 -48.50
N TRP E 55 -25.42 -22.44 -47.41
CA TRP E 55 -25.42 -23.08 -46.09
C TRP E 55 -26.62 -24.00 -45.91
N SER E 56 -26.43 -25.16 -45.25
CA SER E 56 -27.61 -25.82 -44.73
C SER E 56 -28.42 -24.91 -43.80
N GLU E 57 -29.67 -25.29 -43.55
CA GLU E 57 -30.59 -24.52 -42.75
C GLU E 57 -30.06 -24.40 -41.32
N PRO E 58 -30.06 -23.17 -40.77
CA PRO E 58 -29.50 -22.91 -39.46
C PRO E 58 -30.48 -23.29 -38.36
N PRO E 59 -29.98 -23.57 -37.16
CA PRO E 59 -30.92 -23.95 -36.10
C PRO E 59 -31.61 -22.72 -35.52
N LYS E 60 -32.54 -22.92 -34.58
CA LYS E 60 -33.05 -21.82 -33.74
C LYS E 60 -32.87 -22.08 -32.24
N CYS E 61 -33.03 -21.03 -31.44
CA CYS E 61 -32.86 -21.17 -30.01
C CYS E 61 -34.21 -20.94 -29.38
N LEU E 62 -34.79 -21.99 -28.78
CA LEU E 62 -36.14 -21.88 -28.21
C LEU E 62 -36.12 -21.22 -26.84
N HIS E 63 -37.10 -20.36 -26.54
CA HIS E 63 -36.97 -19.53 -25.40
C HIS E 63 -37.27 -20.31 -24.15
N PRO E 64 -36.68 -19.91 -23.04
CA PRO E 64 -37.20 -20.47 -21.81
C PRO E 64 -38.28 -19.57 -21.28
N CYS E 65 -38.80 -19.90 -20.11
CA CYS E 65 -39.90 -19.16 -19.56
C CYS E 65 -39.40 -18.66 -18.19
N VAL E 66 -39.72 -17.42 -17.85
CA VAL E 66 -39.44 -16.93 -16.50
C VAL E 66 -40.73 -17.05 -15.71
N ILE E 67 -40.68 -17.71 -14.56
CA ILE E 67 -41.86 -17.94 -13.72
C ILE E 67 -42.14 -16.72 -12.81
N SER E 68 -43.37 -16.22 -12.82
CA SER E 68 -43.69 -14.88 -12.26
C SER E 68 -44.45 -14.95 -10.93
N ARG E 69 -43.74 -14.69 -9.83
CA ARG E 69 -44.34 -14.66 -8.48
C ARG E 69 -45.57 -13.75 -8.38
N GLU E 70 -45.62 -12.74 -9.23
CA GLU E 70 -46.75 -11.81 -9.20
C GLU E 70 -47.99 -12.48 -9.80
N ILE E 71 -47.81 -13.14 -10.95
CA ILE E 71 -48.90 -13.91 -11.57
C ILE E 71 -49.39 -15.02 -10.62
N MET E 72 -48.44 -15.67 -9.96
CA MET E 72 -48.79 -16.73 -9.05
C MET E 72 -49.82 -16.22 -8.04
N GLU E 73 -49.53 -15.06 -7.44
CA GLU E 73 -50.37 -14.49 -6.40
C GLU E 73 -51.73 -14.08 -6.92
N ASN E 74 -51.77 -13.52 -8.14
CA ASN E 74 -53.02 -13.32 -8.86
C ASN E 74 -53.84 -14.59 -9.03
N TYR E 75 -53.16 -15.73 -9.19
CA TYR E 75 -53.87 -16.95 -9.56
C TYR E 75 -54.15 -17.85 -8.38
N ASN E 76 -53.64 -17.47 -7.22
CA ASN E 76 -53.87 -18.21 -5.99
C ASN E 76 -53.11 -19.53 -6.00
N ILE E 77 -51.92 -19.48 -6.58
CA ILE E 77 -51.11 -20.67 -6.70
C ILE E 77 -49.74 -20.43 -6.13
N ALA E 78 -49.10 -21.50 -5.69
CA ALA E 78 -47.72 -21.45 -5.21
C ALA E 78 -46.97 -22.58 -5.91
N LEU E 79 -45.64 -22.46 -5.99
CA LEU E 79 -44.74 -23.57 -6.35
C LEU E 79 -44.83 -24.72 -5.36
N ARG E 80 -45.06 -25.91 -5.87
CA ARG E 80 -45.19 -27.07 -5.00
C ARG E 80 -43.88 -27.36 -4.29
N TRP E 81 -42.76 -27.10 -4.97
CA TRP E 81 -41.46 -27.61 -4.51
C TRP E 81 -40.40 -26.61 -4.07
N THR E 82 -40.48 -25.35 -4.48
CA THR E 82 -39.35 -24.48 -4.09
C THR E 82 -39.74 -23.16 -3.46
N ALA E 83 -38.80 -22.56 -2.74
CA ALA E 83 -38.96 -21.22 -2.19
C ALA E 83 -38.96 -20.14 -3.29
N LYS E 84 -38.23 -20.40 -4.38
CA LYS E 84 -37.89 -19.37 -5.37
C LYS E 84 -39.07 -18.57 -5.99
N GLN E 85 -38.75 -17.38 -6.47
CA GLN E 85 -39.73 -16.56 -7.19
C GLN E 85 -39.21 -16.05 -8.54
N LYS E 86 -37.91 -16.24 -8.80
CA LYS E 86 -37.40 -16.23 -10.18
C LYS E 86 -36.79 -17.58 -10.57
N LEU E 87 -37.65 -18.47 -11.04
CA LEU E 87 -37.21 -19.67 -11.70
C LEU E 87 -37.19 -19.37 -13.19
N TYR E 88 -36.26 -20.01 -13.90
CA TYR E 88 -36.39 -20.13 -15.32
C TYR E 88 -36.61 -21.59 -15.63
N SER E 89 -37.37 -21.83 -16.67
CA SER E 89 -37.68 -23.18 -17.05
C SER E 89 -37.33 -23.23 -18.52
N ARG E 90 -36.48 -24.18 -18.91
N ARG E 90 -36.49 -24.16 -18.92
CA ARG E 90 -36.18 -24.49 -20.30
CA ARG E 90 -36.18 -24.34 -20.33
C ARG E 90 -37.46 -24.85 -21.05
C ARG E 90 -37.45 -24.79 -21.05
N THR E 91 -37.41 -24.75 -22.38
N THR E 91 -37.46 -24.66 -22.38
CA THR E 91 -38.45 -25.29 -23.22
CA THR E 91 -38.53 -25.26 -23.15
C THR E 91 -38.47 -26.80 -23.01
C THR E 91 -38.47 -26.74 -22.82
N GLY E 92 -39.65 -27.37 -22.75
CA GLY E 92 -39.72 -28.81 -22.45
C GLY E 92 -39.66 -29.16 -20.95
N GLU E 93 -39.30 -28.21 -20.12
CA GLU E 93 -39.23 -28.44 -18.70
C GLU E 93 -40.52 -27.97 -18.02
N SER E 94 -40.91 -28.63 -16.93
CA SER E 94 -42.18 -28.39 -16.30
C SER E 94 -41.99 -27.76 -14.94
N VAL E 95 -43.04 -27.18 -14.41
CA VAL E 95 -43.05 -26.83 -13.02
C VAL E 95 -44.39 -27.24 -12.47
N GLU E 96 -44.45 -27.50 -11.17
CA GLU E 96 -45.66 -27.92 -10.58
C GLU E 96 -46.03 -26.87 -9.61
N PHE E 97 -47.28 -26.45 -9.66
CA PHE E 97 -47.88 -25.52 -8.73
C PHE E 97 -48.81 -26.27 -7.79
N VAL E 98 -49.29 -25.58 -6.77
CA VAL E 98 -50.36 -26.13 -5.95
C VAL E 98 -51.32 -24.97 -5.65
N CYS E 99 -52.58 -25.25 -5.36
CA CYS E 99 -53.46 -24.17 -4.94
C CYS E 99 -53.00 -23.75 -3.55
N LYS E 100 -52.97 -22.43 -3.31
CA LYS E 100 -52.87 -21.88 -1.96
C LYS E 100 -54.03 -22.42 -1.11
N ARG E 101 -53.78 -22.53 0.19
CA ARG E 101 -54.74 -23.02 1.17
C ARG E 101 -56.13 -22.42 1.00
N GLY E 102 -57.15 -23.27 1.08
CA GLY E 102 -58.53 -22.85 0.95
C GLY E 102 -59.00 -22.50 -0.47
N TYR E 103 -58.11 -22.65 -1.45
CA TYR E 103 -58.48 -22.50 -2.88
C TYR E 103 -58.48 -23.85 -3.63
N ARG E 104 -59.25 -23.96 -4.71
CA ARG E 104 -59.28 -25.20 -5.51
C ARG E 104 -59.11 -24.82 -7.01
N LEU E 105 -58.71 -25.78 -7.86
CA LEU E 105 -58.67 -25.51 -9.32
C LEU E 105 -60.00 -24.95 -9.84
N SER E 106 -59.95 -23.84 -10.57
CA SER E 106 -61.14 -23.37 -11.28
C SER E 106 -61.46 -24.37 -12.40
N SER E 107 -62.72 -24.43 -12.81
CA SER E 107 -63.20 -25.55 -13.65
C SER E 107 -62.53 -25.69 -15.03
N ARG E 108 -62.29 -24.56 -15.69
CA ARG E 108 -61.63 -24.58 -16.99
C ARG E 108 -60.10 -24.30 -16.92
N SER E 109 -59.49 -24.69 -15.78
CA SER E 109 -58.10 -24.38 -15.46
C SER E 109 -57.12 -25.29 -16.19
N HIS E 110 -56.04 -24.69 -16.65
CA HIS E 110 -54.87 -25.46 -17.01
C HIS E 110 -54.53 -26.36 -15.80
N THR E 111 -53.98 -27.56 -16.06
CA THR E 111 -53.46 -28.44 -15.01
C THR E 111 -52.40 -27.73 -14.14
N LEU E 112 -52.23 -28.21 -12.90
CA LEU E 112 -51.29 -27.67 -11.95
C LEU E 112 -49.87 -27.88 -12.38
N ARG E 113 -49.62 -28.95 -13.10
CA ARG E 113 -48.28 -29.22 -13.63
C ARG E 113 -48.21 -28.65 -15.04
N THR E 114 -47.25 -27.78 -15.33
CA THR E 114 -47.27 -27.05 -16.58
C THR E 114 -45.89 -26.96 -17.17
N THR E 115 -45.82 -26.94 -18.49
CA THR E 115 -44.54 -27.07 -19.17
C THR E 115 -44.23 -25.81 -19.96
N CYS E 116 -42.96 -25.43 -20.05
CA CYS E 116 -42.57 -24.26 -20.87
C CYS E 116 -42.40 -24.75 -22.30
N TRP E 117 -43.05 -24.10 -23.27
CA TRP E 117 -42.67 -24.41 -24.67
C TRP E 117 -42.36 -23.08 -25.41
N ASP E 118 -41.08 -22.87 -25.74
CA ASP E 118 -40.63 -21.67 -26.51
C ASP E 118 -41.15 -20.36 -25.92
N GLY E 119 -40.87 -20.15 -24.64
CA GLY E 119 -41.31 -18.95 -23.98
C GLY E 119 -42.78 -18.83 -23.65
N LYS E 120 -43.58 -19.86 -23.95
CA LYS E 120 -44.99 -19.87 -23.55
C LYS E 120 -45.18 -20.87 -22.40
N LEU E 121 -45.80 -20.41 -21.33
CA LEU E 121 -46.05 -21.22 -20.15
C LEU E 121 -47.43 -20.86 -19.67
N GLU E 122 -48.33 -21.83 -19.62
CA GLU E 122 -49.70 -21.51 -19.21
C GLU E 122 -49.85 -21.76 -17.74
N TYR E 123 -50.43 -20.80 -17.02
CA TYR E 123 -50.57 -20.92 -15.58
C TYR E 123 -51.93 -21.50 -15.18
N PRO E 124 -51.94 -22.45 -14.24
CA PRO E 124 -53.22 -22.81 -13.64
C PRO E 124 -53.88 -21.62 -12.89
N THR E 125 -55.19 -21.71 -12.64
CA THR E 125 -55.90 -20.74 -11.78
C THR E 125 -56.65 -21.47 -10.66
N CYS E 126 -56.50 -21.00 -9.42
CA CYS E 126 -57.33 -21.51 -8.34
C CYS E 126 -58.35 -20.48 -7.88
N ALA E 127 -59.50 -20.93 -7.40
CA ALA E 127 -60.53 -20.03 -6.85
C ALA E 127 -60.89 -20.44 -5.41
N LYS E 128 -61.48 -19.51 -4.64
CA LYS E 128 -61.89 -19.80 -3.25
C LYS E 128 -62.87 -20.96 -3.17
N ARG E 129 -62.67 -21.86 -2.21
CA ARG E 129 -63.43 -23.11 -2.12
C ARG E 129 -64.83 -22.84 -1.62
N ASP F 10 15.82 55.93 2.41
CA ASP F 10 17.12 56.08 3.11
C ASP F 10 17.98 57.12 2.40
N ALA F 11 17.79 58.39 2.74
CA ALA F 11 18.54 59.49 2.14
C ALA F 11 20.00 59.54 2.65
N GLU F 12 20.72 58.44 2.48
CA GLU F 12 22.15 58.30 2.81
C GLU F 12 22.57 58.53 4.28
N ARG F 13 21.85 57.88 5.21
CA ARG F 13 22.34 57.63 6.56
C ARG F 13 22.85 56.17 6.66
N LEU F 14 23.77 55.81 5.76
CA LEU F 14 24.19 54.41 5.56
C LEU F 14 25.69 54.20 5.66
N LYS F 15 26.45 55.25 5.97
CA LYS F 15 27.91 55.17 6.02
C LYS F 15 28.38 53.98 6.87
N HIS F 16 27.53 53.54 7.79
CA HIS F 16 27.87 52.43 8.68
C HIS F 16 27.94 51.10 7.93
N LEU F 17 27.39 51.07 6.72
CA LEU F 17 27.36 49.86 5.89
C LEU F 17 28.66 49.60 5.16
N ILE F 18 29.50 50.62 5.06
CA ILE F 18 30.83 50.45 4.45
C ILE F 18 31.74 49.85 5.51
N VAL F 19 32.10 48.58 5.34
CA VAL F 19 32.74 47.81 6.40
C VAL F 19 34.02 47.19 5.82
N THR F 20 35.09 47.14 6.61
CA THR F 20 36.20 46.24 6.30
C THR F 20 35.87 44.78 6.68
N PRO F 21 35.93 43.87 5.69
CA PRO F 21 35.57 42.50 5.96
C PRO F 21 36.74 41.79 6.63
N SER F 22 36.45 40.89 7.55
CA SER F 22 37.52 40.11 8.16
C SER F 22 36.98 38.80 8.71
N GLY F 23 37.91 37.94 9.07
CA GLY F 23 37.56 36.72 9.75
C GLY F 23 37.61 35.59 8.74
N ALA F 24 36.97 34.49 9.11
CA ALA F 24 37.10 33.29 8.30
C ALA F 24 35.90 33.23 7.32
N GLY F 25 35.63 32.06 6.77
CA GLY F 25 34.76 31.96 5.62
C GLY F 25 33.32 32.33 5.85
N GLU F 26 32.84 32.28 7.10
CA GLU F 26 31.52 32.84 7.36
C GLU F 26 31.58 34.32 7.70
N GLN F 27 32.38 34.66 8.70
CA GLN F 27 32.38 36.03 9.18
C GLN F 27 32.83 37.00 8.12
N ASN F 28 33.80 36.59 7.30
CA ASN F 28 34.17 37.39 6.12
C ASN F 28 32.97 37.79 5.25
N MET F 29 32.02 36.87 5.11
CA MET F 29 30.84 37.15 4.33
C MET F 29 29.88 38.01 5.13
N ILE F 30 29.92 37.90 6.44
CA ILE F 30 29.16 38.85 7.26
C ILE F 30 29.63 40.29 6.94
N GLY F 31 30.93 40.47 6.77
CA GLY F 31 31.53 41.77 6.51
C GLY F 31 31.31 42.24 5.09
N MET F 32 31.39 41.32 4.13
CA MET F 32 31.29 41.70 2.74
C MET F 32 29.88 42.12 2.37
N THR F 33 28.88 41.50 2.99
CA THR F 33 27.45 41.74 2.76
C THR F 33 26.99 43.21 2.74
N PRO F 34 27.13 43.95 3.88
CA PRO F 34 26.62 45.33 3.90
C PRO F 34 27.30 46.22 2.88
N THR F 35 28.58 45.97 2.63
CA THR F 35 29.33 46.81 1.70
C THR F 35 28.89 46.58 0.25
N VAL F 36 28.68 45.32 -0.13
CA VAL F 36 28.17 45.02 -1.47
C VAL F 36 26.77 45.63 -1.66
N ILE F 37 25.85 45.40 -0.74
CA ILE F 37 24.47 45.78 -1.02
C ILE F 37 24.31 47.29 -0.97
N ALA F 38 25.24 47.96 -0.29
CA ALA F 38 25.26 49.41 -0.22
C ALA F 38 25.64 49.98 -1.56
N VAL F 39 26.78 49.54 -2.07
CA VAL F 39 27.23 49.97 -3.38
C VAL F 39 26.16 49.69 -4.45
N HIS F 40 25.56 48.52 -4.40
CA HIS F 40 24.55 48.16 -5.39
C HIS F 40 23.35 49.11 -5.23
N TYR F 41 23.01 49.46 -4.01
CA TYR F 41 21.81 50.26 -3.77
C TYR F 41 22.00 51.75 -4.01
N LEU F 42 23.19 52.24 -3.67
CA LEU F 42 23.61 53.60 -4.01
C LEU F 42 23.80 53.75 -5.50
N ASP F 43 24.35 52.72 -6.15
CA ASP F 43 24.42 52.73 -7.60
C ASP F 43 23.03 52.94 -8.18
N GLU F 44 22.07 52.16 -7.69
CA GLU F 44 20.71 52.11 -8.26
C GLU F 44 19.85 53.34 -8.04
N THR F 45 19.76 53.83 -6.80
CA THR F 45 19.11 55.13 -6.57
C THR F 45 20.04 56.28 -6.96
N GLU F 46 21.01 55.98 -7.84
CA GLU F 46 21.98 56.96 -8.36
C GLU F 46 22.33 58.05 -7.35
N GLN F 47 22.64 57.65 -6.11
CA GLN F 47 22.78 58.59 -4.99
C GLN F 47 24.22 58.88 -4.59
N TRP F 48 25.14 58.73 -5.53
CA TRP F 48 26.57 58.85 -5.21
C TRP F 48 27.05 60.29 -5.01
N GLU F 49 26.68 61.20 -5.92
CA GLU F 49 27.03 62.61 -5.76
C GLU F 49 26.42 63.11 -4.45
N LYS F 50 25.24 62.59 -4.11
CA LYS F 50 24.61 62.85 -2.82
C LYS F 50 25.47 62.32 -1.68
N PHE F 51 25.94 61.08 -1.80
CA PHE F 51 26.68 60.42 -0.74
C PHE F 51 28.13 60.92 -0.63
N GLY F 52 28.75 61.20 -1.78
CA GLY F 52 30.18 61.52 -1.83
C GLY F 52 30.87 60.70 -2.89
N LEU F 53 30.71 61.11 -4.15
CA LEU F 53 31.07 60.34 -5.34
C LEU F 53 32.43 59.64 -5.29
N GLU F 54 33.31 60.14 -4.43
CA GLU F 54 34.70 59.66 -4.39
C GLU F 54 34.97 58.61 -3.29
N LYS F 55 33.99 58.41 -2.40
CA LYS F 55 34.05 57.33 -1.41
C LYS F 55 33.67 55.98 -2.06
N ARG F 56 33.26 56.03 -3.32
CA ARG F 56 32.88 54.83 -4.06
C ARG F 56 34.09 53.96 -4.41
N GLN F 57 35.14 54.58 -4.95
CA GLN F 57 36.40 53.90 -5.26
C GLN F 57 36.93 53.06 -4.10
N GLY F 58 36.82 53.59 -2.88
CA GLY F 58 37.32 52.92 -1.69
C GLY F 58 36.43 51.75 -1.31
N ALA F 59 35.13 52.02 -1.25
CA ALA F 59 34.11 50.99 -1.14
C ALA F 59 34.34 49.81 -2.10
N LEU F 60 34.70 50.10 -3.36
CA LEU F 60 34.98 49.04 -4.33
C LEU F 60 36.20 48.22 -3.96
N GLU F 61 37.24 48.88 -3.46
CA GLU F 61 38.43 48.19 -2.99
C GLU F 61 38.12 47.30 -1.79
N LEU F 62 37.16 47.71 -0.96
CA LEU F 62 36.71 46.87 0.16
C LEU F 62 35.98 45.58 -0.31
N ILE F 63 35.08 45.72 -1.27
CA ILE F 63 34.42 44.59 -1.96
C ILE F 63 35.40 43.59 -2.59
N LYS F 64 36.41 44.09 -3.30
CA LYS F 64 37.48 43.22 -3.80
C LYS F 64 38.29 42.52 -2.70
N LYS F 65 38.37 43.13 -1.53
CA LYS F 65 39.11 42.55 -0.42
C LYS F 65 38.31 41.38 0.15
N GLY F 66 37.01 41.56 0.35
CA GLY F 66 36.16 40.47 0.87
C GLY F 66 36.17 39.29 -0.10
N TYR F 67 36.07 39.64 -1.39
CA TYR F 67 36.11 38.66 -2.46
C TYR F 67 37.39 37.84 -2.40
N THR F 68 38.53 38.51 -2.23
CA THR F 68 39.81 37.81 -2.32
C THR F 68 40.04 37.00 -1.08
N GLN F 69 39.57 37.53 0.05
CA GLN F 69 39.71 36.85 1.32
C GLN F 69 38.85 35.60 1.27
N GLN F 70 37.67 35.73 0.68
CA GLN F 70 36.74 34.61 0.61
C GLN F 70 37.28 33.42 -0.17
N LEU F 71 38.16 33.69 -1.13
CA LEU F 71 38.72 32.62 -1.95
C LEU F 71 39.63 31.72 -1.14
N ALA F 72 40.12 32.19 0.00
CA ALA F 72 40.93 31.32 0.85
C ALA F 72 40.04 30.21 1.50
N PHE F 73 38.74 30.41 1.44
CA PHE F 73 37.82 29.44 1.98
C PHE F 73 37.13 28.61 0.90
N ARG F 74 37.55 28.80 -0.35
CA ARG F 74 37.06 28.00 -1.48
C ARG F 74 37.71 26.64 -1.44
N GLN F 75 36.96 25.58 -1.20
CA GLN F 75 37.62 24.28 -1.10
C GLN F 75 37.87 23.74 -2.50
N PRO F 76 38.70 22.70 -2.64
CA PRO F 76 38.99 22.18 -3.99
C PRO F 76 37.76 21.76 -4.74
N SER F 77 36.72 21.33 -4.01
CA SER F 77 35.41 21.01 -4.61
C SER F 77 34.67 22.28 -5.06
N SER F 78 35.17 23.48 -4.72
CA SER F 78 34.46 24.72 -5.14
C SER F 78 33.36 25.16 -4.20
N ALA F 79 33.16 24.39 -3.14
CA ALA F 79 32.23 24.77 -2.09
C ALA F 79 32.95 25.64 -1.05
N PHE F 80 32.17 26.23 -0.14
CA PHE F 80 32.65 27.06 0.99
C PHE F 80 32.19 26.53 2.37
N ALA F 81 33.05 26.72 3.36
CA ALA F 81 32.77 26.48 4.76
C ALA F 81 33.60 27.49 5.53
N ALA F 82 33.21 27.81 6.77
CA ALA F 82 34.02 28.73 7.60
C ALA F 82 35.55 28.48 7.58
N PHE F 83 35.96 27.20 7.52
CA PHE F 83 37.37 26.82 7.56
C PHE F 83 37.62 25.70 6.55
N VAL F 84 38.88 25.56 6.10
CA VAL F 84 39.19 24.61 5.04
C VAL F 84 39.11 23.18 5.54
N LYS F 85 39.05 23.04 6.86
CA LYS F 85 38.92 21.72 7.48
C LYS F 85 37.52 21.44 8.03
N ARG F 86 36.58 22.34 7.76
CA ARG F 86 35.19 22.08 8.06
C ARG F 86 34.45 21.61 6.77
N ALA F 87 33.52 20.67 6.89
CA ALA F 87 32.75 20.21 5.74
C ALA F 87 31.98 21.41 5.16
N PRO F 88 31.88 21.49 3.81
CA PRO F 88 31.24 22.63 3.18
C PRO F 88 29.77 22.75 3.52
N SER F 89 29.30 23.98 3.57
CA SER F 89 27.90 24.22 3.84
C SER F 89 27.09 24.53 2.60
N THR F 90 25.92 23.91 2.50
CA THR F 90 25.04 24.20 1.42
C THR F 90 24.61 25.65 1.44
N TRP F 91 24.24 26.13 2.61
CA TRP F 91 23.64 27.43 2.71
C TRP F 91 24.73 28.47 2.39
N LEU F 92 25.91 28.31 3.00
CA LEU F 92 27.00 29.29 2.83
C LEU F 92 27.43 29.31 1.37
N THR F 93 27.55 28.13 0.74
CA THR F 93 27.90 28.08 -0.66
C THR F 93 26.92 28.85 -1.56
N ALA F 94 25.62 28.72 -1.26
CA ALA F 94 24.60 29.37 -2.06
C ALA F 94 24.66 30.84 -1.81
N TYR F 95 25.06 31.21 -0.59
CA TYR F 95 25.01 32.62 -0.20
C TYR F 95 26.17 33.30 -0.83
N VAL F 96 27.31 32.63 -0.86
CA VAL F 96 28.41 33.15 -1.63
C VAL F 96 27.98 33.46 -3.08
N VAL F 97 27.24 32.56 -3.71
CA VAL F 97 26.78 32.84 -5.06
C VAL F 97 25.86 34.08 -5.14
N LYS F 98 24.90 34.20 -4.21
CA LYS F 98 23.96 35.30 -4.22
C LYS F 98 24.74 36.62 -4.19
N VAL F 99 25.70 36.72 -3.27
CA VAL F 99 26.44 37.97 -3.04
C VAL F 99 27.33 38.30 -4.23
N PHE F 100 28.13 37.33 -4.65
CA PHE F 100 29.08 37.50 -5.73
C PHE F 100 28.36 37.93 -7.03
N SER F 101 27.14 37.43 -7.21
CA SER F 101 26.30 37.80 -8.35
C SER F 101 26.00 39.28 -8.41
N LEU F 102 25.67 39.88 -7.27
CA LEU F 102 25.39 41.28 -7.27
C LEU F 102 26.66 42.14 -7.42
N ALA F 103 27.82 41.51 -7.42
CA ALA F 103 29.06 42.27 -7.46
C ALA F 103 29.82 42.10 -8.78
N VAL F 104 29.25 41.32 -9.71
CA VAL F 104 29.94 41.01 -10.98
C VAL F 104 30.20 42.21 -11.88
N ASN F 105 29.29 43.17 -11.88
CA ASN F 105 29.51 44.44 -12.57
C ASN F 105 30.40 45.36 -11.73
N LEU F 106 30.51 45.05 -10.45
CA LEU F 106 31.15 45.94 -9.48
C LEU F 106 32.66 45.70 -9.35
N ILE F 107 33.10 44.43 -9.48
CA ILE F 107 34.54 44.09 -9.55
C ILE F 107 34.69 42.88 -10.46
N ALA F 108 35.91 42.39 -10.63
CA ALA F 108 36.15 41.22 -11.48
C ALA F 108 35.95 39.93 -10.69
N ILE F 109 34.78 39.30 -10.85
CA ILE F 109 34.45 38.01 -10.27
C ILE F 109 34.79 36.89 -11.24
N ASP F 110 35.65 35.98 -10.84
CA ASP F 110 35.97 34.80 -11.64
C ASP F 110 34.75 33.88 -11.76
N SER F 111 34.25 33.72 -12.99
CA SER F 111 33.00 33.02 -13.22
C SER F 111 33.15 31.57 -12.84
N GLN F 112 34.37 31.03 -12.94
CA GLN F 112 34.58 29.67 -12.55
C GLN F 112 34.32 29.44 -11.05
N VAL F 113 34.42 30.50 -10.23
CA VAL F 113 34.26 30.34 -8.79
C VAL F 113 32.78 30.29 -8.59
N LEU F 114 32.10 31.14 -9.33
CA LEU F 114 30.66 31.25 -9.26
C LEU F 114 29.99 29.97 -9.78
N CYS F 115 30.42 29.50 -10.94
CA CYS F 115 29.87 28.30 -11.55
C CYS F 115 30.34 27.03 -10.91
N GLY F 116 31.51 27.08 -10.30
CA GLY F 116 31.97 25.91 -9.52
C GLY F 116 31.10 25.69 -8.28
N ALA F 117 30.65 26.79 -7.64
CA ALA F 117 29.86 26.72 -6.41
C ALA F 117 28.50 26.12 -6.84
N VAL F 118 27.95 26.70 -7.88
CA VAL F 118 26.71 26.28 -8.50
C VAL F 118 26.76 24.80 -8.83
N LYS F 119 27.85 24.33 -9.41
CA LYS F 119 27.89 22.95 -9.87
C LYS F 119 27.94 22.01 -8.69
N TRP F 120 28.65 22.46 -7.66
CA TRP F 120 28.74 21.68 -6.45
C TRP F 120 27.36 21.53 -5.83
N LEU F 121 26.63 22.63 -5.71
CA LEU F 121 25.28 22.56 -5.16
C LEU F 121 24.44 21.49 -5.89
N ILE F 122 24.52 21.50 -7.22
CA ILE F 122 23.68 20.63 -8.03
C ILE F 122 24.10 19.17 -7.91
N LEU F 123 25.38 18.91 -7.94
CA LEU F 123 25.81 17.53 -8.05
C LEU F 123 25.84 16.82 -6.69
N GLU F 124 25.93 17.58 -5.62
CA GLU F 124 26.12 16.95 -4.32
C GLU F 124 24.95 17.14 -3.37
N LYS F 125 24.25 18.26 -3.48
CA LYS F 125 23.39 18.72 -2.36
C LYS F 125 21.91 18.82 -2.69
N GLN F 126 21.54 18.42 -3.91
CA GLN F 126 20.12 18.41 -4.32
C GLN F 126 19.60 16.96 -4.37
N LYS F 127 18.46 16.71 -3.74
CA LYS F 127 17.94 15.35 -3.69
C LYS F 127 17.08 15.11 -4.94
N PRO F 128 16.80 13.81 -5.25
CA PRO F 128 16.11 13.52 -6.51
C PRO F 128 14.78 14.24 -6.66
N ASP F 129 14.15 14.67 -5.57
CA ASP F 129 12.88 15.39 -5.74
C ASP F 129 13.08 16.87 -5.86
N GLY F 130 14.32 17.34 -5.91
CA GLY F 130 14.53 18.78 -6.10
C GLY F 130 15.03 19.55 -4.89
N VAL F 131 14.85 18.95 -3.70
CA VAL F 131 15.10 19.62 -2.41
C VAL F 131 16.59 19.78 -2.24
N PHE F 132 17.01 20.93 -1.73
CA PHE F 132 18.43 21.11 -1.35
C PHE F 132 18.60 20.88 0.11
N GLN F 133 19.73 20.31 0.50
CA GLN F 133 19.91 19.92 1.90
C GLN F 133 21.26 20.34 2.50
N GLU F 134 21.23 20.82 3.74
CA GLU F 134 22.43 21.24 4.43
C GLU F 134 22.96 20.04 5.20
N ASP F 135 24.21 19.66 4.95
CA ASP F 135 24.89 18.61 5.70
C ASP F 135 25.96 19.12 6.68
N ALA F 136 26.18 20.43 6.69
CA ALA F 136 27.19 21.07 7.55
C ALA F 136 26.79 22.52 7.86
N PRO F 137 25.90 22.73 8.83
CA PRO F 137 25.24 24.04 9.00
C PRO F 137 26.25 25.10 9.28
N VAL F 138 25.99 26.36 8.95
CA VAL F 138 26.97 27.39 9.33
C VAL F 138 27.01 27.48 10.87
N ILE F 139 28.19 27.77 11.39
CA ILE F 139 28.34 27.99 12.81
C ILE F 139 27.56 29.26 13.20
N HIS F 140 27.69 30.35 12.43
CA HIS F 140 27.02 31.63 12.73
C HIS F 140 25.56 31.62 12.32
N GLN F 141 24.72 30.95 13.11
CA GLN F 141 23.33 30.79 12.73
C GLN F 141 22.61 32.15 12.61
N GLU F 142 23.20 33.21 13.12
CA GLU F 142 22.50 34.47 13.11
C GLU F 142 22.57 35.09 11.71
N MET F 143 23.52 34.63 10.89
CA MET F 143 23.73 35.22 9.53
C MET F 143 22.73 34.73 8.47
N ILE F 144 21.88 33.75 8.83
CA ILE F 144 20.95 33.13 7.88
C ILE F 144 19.52 33.62 8.05
N GLY F 145 19.31 34.64 8.89
CA GLY F 145 18.00 35.31 8.99
C GLY F 145 16.87 34.35 9.31
N GLY F 146 15.73 34.57 8.70
CA GLY F 146 14.55 33.78 9.03
C GLY F 146 14.63 32.31 8.70
N LEU F 147 15.73 31.90 8.10
CA LEU F 147 15.85 30.48 7.86
C LEU F 147 16.18 29.74 9.16
N ARG F 148 16.71 30.45 10.17
CA ARG F 148 17.01 29.84 11.46
C ARG F 148 15.81 29.14 12.14
N ASN F 149 14.63 29.77 12.05
CA ASN F 149 13.31 29.10 12.22
C ASN F 149 13.27 27.63 11.86
N ASN F 150 13.20 26.79 12.88
CA ASN F 150 13.11 25.34 12.71
C ASN F 150 12.33 24.88 11.46
N ASN F 151 11.07 25.30 11.36
CA ASN F 151 10.09 24.58 10.54
C ASN F 151 10.14 24.86 9.05
N GLU F 152 9.91 23.80 8.29
CA GLU F 152 9.80 23.90 6.84
C GLU F 152 11.15 24.28 6.22
N LYS F 153 12.22 23.67 6.76
CA LYS F 153 13.59 23.91 6.29
C LYS F 153 13.69 23.54 4.81
N ASP F 154 13.09 22.42 4.43
CA ASP F 154 13.21 21.87 3.08
C ASP F 154 12.73 22.89 2.08
N MET F 155 11.53 23.44 2.31
CA MET F 155 11.00 24.46 1.42
C MET F 155 11.84 25.72 1.50
N ALA F 156 12.26 26.08 2.70
CA ALA F 156 12.90 27.38 2.89
C ALA F 156 14.26 27.41 2.21
N LEU F 157 15.05 26.37 2.48
CA LEU F 157 16.41 26.28 2.00
C LEU F 157 16.40 25.99 0.49
N THR F 158 15.49 25.12 0.03
CA THR F 158 15.28 24.91 -1.40
C THR F 158 14.97 26.24 -2.06
N ALA F 159 14.16 27.07 -1.43
CA ALA F 159 13.83 28.34 -2.08
C ALA F 159 15.03 29.28 -2.11
N PHE F 160 15.79 29.28 -1.02
CA PHE F 160 16.94 30.15 -0.89
C PHE F 160 18.02 29.76 -1.92
N VAL F 161 18.30 28.47 -2.05
CA VAL F 161 19.35 28.06 -2.96
C VAL F 161 18.90 28.35 -4.39
N LEU F 162 17.65 28.02 -4.68
CA LEU F 162 17.05 28.30 -5.99
C LEU F 162 17.20 29.75 -6.39
N ILE F 163 16.97 30.66 -5.45
CA ILE F 163 17.13 32.07 -5.76
C ILE F 163 18.58 32.35 -6.18
N SER F 164 19.53 31.70 -5.54
CA SER F 164 20.94 31.89 -5.91
C SER F 164 21.24 31.31 -7.31
N LEU F 165 20.78 30.09 -7.57
CA LEU F 165 20.89 29.53 -8.91
C LEU F 165 20.33 30.46 -9.99
N GLN F 166 19.16 31.02 -9.76
CA GLN F 166 18.53 31.88 -10.75
C GLN F 166 19.45 33.03 -11.04
N GLU F 167 20.09 33.52 -9.99
CA GLU F 167 20.95 34.66 -10.11
C GLU F 167 22.21 34.33 -10.93
N ALA F 168 22.70 33.09 -10.84
CA ALA F 168 23.91 32.65 -11.57
C ALA F 168 23.60 32.05 -12.96
N LYS F 169 22.33 32.01 -13.35
CA LYS F 169 21.90 31.21 -14.51
C LYS F 169 22.51 31.64 -15.87
N ASP F 170 22.30 32.90 -16.25
CA ASP F 170 22.93 33.49 -17.45
C ASP F 170 24.40 33.10 -17.54
N ILE F 171 25.12 33.37 -16.46
CA ILE F 171 26.55 33.23 -16.42
C ILE F 171 26.99 31.79 -16.47
N CYS F 172 26.21 30.89 -15.89
CA CYS F 172 26.73 29.56 -15.63
C CYS F 172 26.14 28.47 -16.53
N GLU F 173 25.01 28.78 -17.15
CA GLU F 173 24.22 27.79 -17.93
C GLU F 173 25.08 27.03 -18.94
N GLU F 174 25.87 27.81 -19.68
CA GLU F 174 26.78 27.17 -20.63
C GLU F 174 27.88 26.34 -19.99
N GLN F 175 28.42 26.81 -18.89
CA GLN F 175 29.51 26.01 -18.29
C GLN F 175 28.99 24.79 -17.50
N VAL F 176 27.77 24.88 -17.01
CA VAL F 176 27.26 23.80 -16.12
C VAL F 176 25.98 23.29 -16.74
N ASN F 177 26.11 22.32 -17.64
CA ASN F 177 24.94 22.01 -18.43
C ASN F 177 23.83 21.28 -17.67
N SER F 178 24.18 20.67 -16.53
CA SER F 178 23.15 20.17 -15.59
C SER F 178 22.42 21.26 -14.81
N LEU F 179 22.90 22.52 -14.89
CA LEU F 179 22.16 23.61 -14.21
C LEU F 179 20.66 23.74 -14.54
N PRO F 180 20.27 23.83 -15.83
CA PRO F 180 18.84 24.23 -15.94
C PRO F 180 17.86 23.07 -15.56
N GLY F 181 18.35 21.83 -15.55
CA GLY F 181 17.51 20.71 -15.10
C GLY F 181 17.33 20.75 -13.58
N SER F 182 18.39 21.14 -12.90
CA SER F 182 18.35 21.32 -11.47
C SER F 182 17.39 22.45 -11.08
N ILE F 183 17.44 23.56 -11.79
CA ILE F 183 16.58 24.65 -11.43
C ILE F 183 15.11 24.24 -11.52
N THR F 184 14.73 23.49 -12.56
CA THR F 184 13.32 23.30 -12.75
C THR F 184 12.82 22.31 -11.71
N LYS F 185 13.63 21.27 -11.44
CA LYS F 185 13.37 20.31 -10.38
C LYS F 185 13.17 21.00 -9.02
N ALA F 186 13.95 22.04 -8.74
CA ALA F 186 13.75 22.73 -7.48
C ALA F 186 12.43 23.49 -7.51
N GLY F 187 12.11 24.04 -8.68
CA GLY F 187 10.84 24.74 -8.88
C GLY F 187 9.67 23.77 -8.69
N ASP F 188 9.84 22.53 -9.16
CA ASP F 188 8.75 21.54 -9.10
C ASP F 188 8.42 21.29 -7.64
N PHE F 189 9.48 21.07 -6.84
CA PHE F 189 9.33 20.84 -5.43
C PHE F 189 8.65 22.00 -4.74
N LEU F 190 9.08 23.21 -5.01
CA LEU F 190 8.43 24.34 -4.37
C LEU F 190 6.95 24.42 -4.78
N GLU F 191 6.68 24.22 -6.08
CA GLU F 191 5.32 24.31 -6.61
C GLU F 191 4.41 23.26 -5.97
N ALA F 192 4.90 22.04 -5.86
CA ALA F 192 4.10 20.93 -5.40
C ALA F 192 3.71 21.01 -3.92
N ASN F 193 4.32 21.93 -3.17
CA ASN F 193 4.20 21.87 -1.75
C ASN F 193 3.84 23.20 -1.20
N TYR F 194 3.64 24.16 -2.09
CA TYR F 194 3.47 25.53 -1.64
C TYR F 194 2.21 25.71 -0.77
N MET F 195 1.12 25.07 -1.18
CA MET F 195 -0.16 25.26 -0.52
C MET F 195 -0.13 24.82 0.94
N ASN F 196 0.73 23.84 1.26
CA ASN F 196 0.87 23.32 2.64
C ASN F 196 1.61 24.22 3.62
N LEU F 197 2.26 25.28 3.13
CA LEU F 197 3.04 26.17 3.98
C LEU F 197 2.19 26.89 5.03
N GLN F 198 2.75 27.06 6.22
CA GLN F 198 2.09 27.76 7.33
C GLN F 198 2.79 29.08 7.58
N ARG F 199 4.10 29.10 7.41
CA ARG F 199 4.89 30.22 7.86
C ARG F 199 4.92 31.29 6.81
N SER F 200 4.67 32.51 7.24
CA SER F 200 4.71 33.63 6.35
C SER F 200 6.07 33.72 5.66
N TYR F 201 7.15 33.60 6.45
CA TYR F 201 8.52 33.73 5.93
C TYR F 201 8.73 32.79 4.71
N THR F 202 8.38 31.51 4.87
CA THR F 202 8.49 30.51 3.81
C THR F 202 7.61 30.86 2.61
N VAL F 203 6.40 31.30 2.87
CA VAL F 203 5.51 31.74 1.81
C VAL F 203 6.12 32.91 1.02
N ALA F 204 6.81 33.81 1.73
CA ALA F 204 7.43 34.94 1.05
C ALA F 204 8.66 34.54 0.22
N ILE F 205 9.55 33.71 0.78
CA ILE F 205 10.80 33.42 0.09
C ILE F 205 10.53 32.44 -1.06
N ALA F 206 9.71 31.43 -0.78
CA ALA F 206 9.25 30.49 -1.79
C ALA F 206 8.42 31.18 -2.87
N GLY F 207 7.72 32.24 -2.49
CA GLY F 207 6.91 33.02 -3.42
C GLY F 207 7.78 33.69 -4.47
N TYR F 208 8.86 34.32 -4.03
CA TYR F 208 9.78 35.00 -4.93
C TYR F 208 10.56 34.03 -5.80
N ALA F 209 11.04 32.94 -5.22
CA ALA F 209 11.60 31.89 -6.06
C ALA F 209 10.64 31.49 -7.18
N LEU F 210 9.37 31.35 -6.87
CA LEU F 210 8.41 30.86 -7.89
C LEU F 210 8.04 31.94 -8.89
N ALA F 211 7.82 33.17 -8.41
CA ALA F 211 7.54 34.31 -9.26
C ALA F 211 8.63 34.49 -10.34
N GLN F 212 9.88 34.26 -9.96
CA GLN F 212 11.00 34.35 -10.88
C GLN F 212 10.95 33.38 -12.05
N MET F 213 10.32 32.24 -11.85
CA MET F 213 10.23 31.20 -12.86
C MET F 213 8.90 31.26 -13.57
N GLY F 214 8.13 32.32 -13.29
CA GLY F 214 6.75 32.45 -13.77
C GLY F 214 5.79 31.34 -13.30
N ARG F 215 6.09 30.70 -12.17
CA ARG F 215 5.21 29.64 -11.69
C ARG F 215 4.38 30.03 -10.45
N LEU F 216 4.39 31.30 -10.07
CA LEU F 216 3.52 31.70 -8.96
C LEU F 216 2.16 32.18 -9.49
N LYS F 217 1.24 31.23 -9.66
CA LYS F 217 -0.01 31.46 -10.41
C LYS F 217 -1.23 30.98 -9.63
N GLY F 218 -2.41 31.38 -10.09
CA GLY F 218 -3.66 30.82 -9.59
C GLY F 218 -3.80 30.82 -8.08
N PRO F 219 -4.08 29.64 -7.49
CA PRO F 219 -4.26 29.50 -6.03
C PRO F 219 -2.99 29.81 -5.22
N LEU F 220 -1.83 29.43 -5.77
CA LEU F 220 -0.53 29.73 -5.14
C LEU F 220 -0.33 31.23 -5.03
N LEU F 221 -0.59 31.93 -6.14
CA LEU F 221 -0.51 33.39 -6.17
C LEU F 221 -1.48 33.95 -5.14
N ASN F 222 -2.65 33.34 -5.05
CA ASN F 222 -3.62 33.78 -4.08
C ASN F 222 -3.16 33.56 -2.63
N LYS F 223 -2.75 32.32 -2.32
CA LYS F 223 -2.06 32.03 -1.05
C LYS F 223 -1.01 33.09 -0.71
N PHE F 224 -0.17 33.44 -1.69
CA PHE F 224 0.94 34.35 -1.43
C PHE F 224 0.44 35.71 -0.95
N LEU F 225 -0.48 36.32 -1.69
CA LEU F 225 -1.10 37.61 -1.33
C LEU F 225 -1.93 37.55 -0.04
N THR F 226 -2.81 36.55 0.04
CA THR F 226 -3.56 36.19 1.26
C THR F 226 -2.77 36.36 2.54
N THR F 227 -1.52 35.89 2.55
CA THR F 227 -0.74 35.68 3.77
C THR F 227 -0.23 37.00 4.36
N ALA F 228 -0.13 38.01 3.52
CA ALA F 228 0.22 39.36 3.97
C ALA F 228 -0.72 39.90 5.07
N LYS F 229 -0.14 40.40 6.16
CA LYS F 229 -0.93 41.11 7.20
C LYS F 229 -1.27 42.51 6.72
N ASP F 230 -2.57 42.84 6.79
CA ASP F 230 -3.05 44.16 6.41
C ASP F 230 -2.66 44.53 4.99
N LYS F 231 -2.49 43.52 4.14
CA LYS F 231 -2.05 43.71 2.76
C LYS F 231 -0.79 44.59 2.61
N ASN F 232 0.13 44.50 3.58
CA ASN F 232 1.38 45.27 3.55
C ASN F 232 2.67 44.68 4.19
N ARG F 233 2.60 43.46 4.71
CA ARG F 233 3.75 42.79 5.34
C ARG F 233 3.53 41.30 5.49
N TRP F 234 4.62 40.54 5.46
CA TRP F 234 4.57 39.09 5.70
C TRP F 234 5.29 38.87 7.00
N GLU F 235 4.62 38.24 7.96
CA GLU F 235 5.13 38.26 9.31
C GLU F 235 4.76 37.04 10.15
N ASP F 236 5.66 36.70 11.05
CA ASP F 236 5.40 35.67 12.04
C ASP F 236 5.64 36.20 13.44
N PRO F 237 4.86 35.71 14.42
CA PRO F 237 5.42 35.53 15.75
C PRO F 237 6.84 35.00 15.61
N GLY F 238 7.81 35.75 16.12
CA GLY F 238 9.23 35.43 15.95
C GLY F 238 10.06 36.69 16.05
N LYS F 239 11.36 36.57 15.83
CA LYS F 239 12.21 37.76 15.78
C LYS F 239 11.74 38.70 14.65
N GLN F 240 11.91 40.00 14.89
CA GLN F 240 11.38 41.03 14.01
C GLN F 240 12.18 41.18 12.69
N LEU F 241 13.49 41.02 12.78
CA LEU F 241 14.35 41.01 11.58
C LEU F 241 13.92 40.00 10.51
N TYR F 242 13.32 38.89 10.93
CA TYR F 242 12.72 37.94 10.00
C TYR F 242 11.68 38.57 9.10
N ASN F 243 10.79 39.38 9.67
CA ASN F 243 9.63 39.87 8.95
C ASN F 243 10.05 40.93 7.95
N VAL F 244 11.11 41.64 8.29
CA VAL F 244 11.71 42.63 7.42
C VAL F 244 12.31 41.91 6.20
N GLU F 245 13.11 40.88 6.48
CA GLU F 245 13.61 39.96 5.47
C GLU F 245 12.46 39.39 4.63
N ALA F 246 11.51 38.73 5.30
CA ALA F 246 10.41 38.09 4.59
C ALA F 246 9.60 39.06 3.71
N THR F 247 9.27 40.23 4.24
CA THR F 247 8.55 41.24 3.47
C THR F 247 9.43 41.79 2.32
N SER F 248 10.75 41.79 2.51
CA SER F 248 11.67 42.14 1.42
C SER F 248 11.60 41.14 0.26
N TYR F 249 11.56 39.85 0.60
CA TYR F 249 11.35 38.82 -0.40
C TYR F 249 9.97 39.01 -1.06
N ALA F 250 8.97 39.30 -0.26
CA ALA F 250 7.61 39.43 -0.78
C ALA F 250 7.50 40.59 -1.77
N LEU F 251 8.16 41.71 -1.45
CA LEU F 251 8.24 42.82 -2.39
C LEU F 251 8.84 42.40 -3.73
N LEU F 252 9.91 41.62 -3.71
CA LEU F 252 10.61 41.29 -4.95
C LEU F 252 9.76 40.34 -5.77
N ALA F 253 9.04 39.46 -5.08
CA ALA F 253 8.04 38.64 -5.73
C ALA F 253 6.98 39.52 -6.41
N LEU F 254 6.51 40.56 -5.71
CA LEU F 254 5.50 41.47 -6.26
C LEU F 254 6.00 42.25 -7.48
N LEU F 255 7.22 42.79 -7.38
CA LEU F 255 7.88 43.45 -8.49
C LEU F 255 8.14 42.55 -9.70
N GLN F 256 8.41 41.28 -9.45
CA GLN F 256 8.66 40.34 -10.52
C GLN F 256 7.33 40.09 -11.24
N LEU F 257 6.25 40.09 -10.46
CA LEU F 257 4.90 39.85 -10.96
C LEU F 257 4.34 41.12 -11.57
N LYS F 258 5.01 42.24 -11.28
CA LYS F 258 4.59 43.58 -11.74
C LYS F 258 3.19 43.97 -11.26
N ASP F 259 2.72 43.31 -10.20
CA ASP F 259 1.51 43.71 -9.49
C ASP F 259 1.78 45.03 -8.77
N PHE F 260 1.91 46.10 -9.56
CA PHE F 260 2.26 47.44 -9.09
C PHE F 260 1.19 48.05 -8.14
N ASP F 261 -0.04 47.58 -8.25
CA ASP F 261 -1.13 48.11 -7.43
C ASP F 261 -0.98 47.68 -5.96
N PHE F 262 -0.61 46.41 -5.76
CA PHE F 262 -0.45 45.82 -4.42
C PHE F 262 0.72 46.42 -3.63
N VAL F 263 1.66 47.02 -4.36
CA VAL F 263 3.02 47.30 -3.88
C VAL F 263 3.21 48.48 -2.90
N PRO F 264 2.62 49.66 -3.20
CA PRO F 264 3.03 50.83 -2.40
C PRO F 264 2.77 50.77 -0.89
N PRO F 265 1.71 50.05 -0.43
CA PRO F 265 1.62 49.81 1.02
C PRO F 265 2.74 48.93 1.59
N VAL F 266 3.16 47.93 0.81
CA VAL F 266 4.27 47.09 1.20
C VAL F 266 5.54 47.91 1.36
N VAL F 267 5.82 48.78 0.38
CA VAL F 267 6.98 49.64 0.47
C VAL F 267 6.88 50.64 1.62
N ARG F 268 5.73 51.32 1.73
CA ARG F 268 5.51 52.27 2.82
C ARG F 268 5.81 51.59 4.17
N TRP F 269 5.26 50.39 4.35
CA TRP F 269 5.54 49.63 5.58
C TRP F 269 7.04 49.44 5.85
N LEU F 270 7.79 49.11 4.80
CA LEU F 270 9.23 48.89 4.93
C LEU F 270 9.95 50.13 5.40
N ASN F 271 9.59 51.29 4.85
CA ASN F 271 10.14 52.53 5.34
C ASN F 271 9.79 52.77 6.80
N GLU F 272 8.58 52.39 7.21
CA GLU F 272 8.09 52.62 8.57
C GLU F 272 9.03 52.16 9.70
N GLN F 273 9.47 50.90 9.67
CA GLN F 273 10.59 50.52 10.53
C GLN F 273 11.79 51.20 9.90
N ARG F 274 12.38 52.16 10.59
CA ARG F 274 13.51 52.88 10.03
C ARG F 274 14.68 51.92 10.05
N TYR F 275 14.57 50.88 9.23
CA TYR F 275 15.62 49.87 9.14
C TYR F 275 16.71 50.32 8.21
N TYR F 276 17.92 50.44 8.76
CA TYR F 276 19.06 50.94 8.02
C TYR F 276 20.19 49.92 7.95
N GLY F 277 19.94 48.69 8.42
CA GLY F 277 20.89 47.58 8.40
C GLY F 277 22.14 47.66 9.25
N GLY F 278 22.86 46.55 9.36
CA GLY F 278 24.08 46.47 10.18
C GLY F 278 23.83 45.87 11.55
N GLY F 279 24.90 45.41 12.21
CA GLY F 279 24.79 44.86 13.57
C GLY F 279 24.45 43.37 13.64
N TYR F 280 24.35 42.85 14.86
CA TYR F 280 24.21 41.40 15.10
C TYR F 280 23.02 40.77 14.39
N GLY F 281 23.30 39.72 13.62
CA GLY F 281 22.23 38.88 13.10
C GLY F 281 21.39 39.56 12.02
N SER F 282 21.94 40.58 11.39
CA SER F 282 21.18 41.36 10.41
C SER F 282 21.64 41.14 8.95
N THR F 283 22.44 40.09 8.70
CA THR F 283 22.99 39.85 7.36
C THR F 283 21.88 39.74 6.29
N GLN F 284 20.88 38.89 6.53
CA GLN F 284 19.77 38.70 5.57
C GLN F 284 18.86 39.90 5.44
N ALA F 285 18.42 40.47 6.55
CA ALA F 285 17.61 41.69 6.54
C ALA F 285 18.31 42.83 5.79
N THR F 286 19.59 43.05 6.08
CA THR F 286 20.39 44.04 5.35
C THR F 286 20.50 43.77 3.84
N PHE F 287 20.91 42.56 3.46
CA PHE F 287 21.01 42.24 2.05
C PHE F 287 19.66 42.44 1.37
N MET F 288 18.62 41.75 1.88
CA MET F 288 17.29 41.71 1.27
C MET F 288 16.53 43.05 1.25
N VAL F 289 16.55 43.81 2.33
CA VAL F 289 15.79 45.06 2.31
C VAL F 289 16.37 46.07 1.32
N PHE F 290 17.69 46.14 1.25
CA PHE F 290 18.31 47.02 0.29
C PHE F 290 18.25 46.53 -1.18
N GLN F 291 18.29 45.21 -1.39
CA GLN F 291 18.07 44.64 -2.72
C GLN F 291 16.69 45.04 -3.18
N ALA F 292 15.73 44.90 -2.28
CA ALA F 292 14.33 45.11 -2.60
C ALA F 292 14.00 46.57 -2.89
N LEU F 293 14.40 47.48 -2.02
CA LEU F 293 14.16 48.88 -2.27
C LEU F 293 14.93 49.40 -3.48
N ALA F 294 16.13 48.88 -3.71
CA ALA F 294 16.87 49.32 -4.89
C ALA F 294 16.13 48.86 -6.15
N GLN F 295 15.39 47.77 -6.01
CA GLN F 295 14.71 47.22 -7.16
C GLN F 295 13.41 47.98 -7.38
N TYR F 296 12.74 48.32 -6.29
CA TYR F 296 11.60 49.22 -6.34
C TYR F 296 11.90 50.54 -7.06
N GLN F 297 12.93 51.24 -6.63
CA GLN F 297 13.30 52.50 -7.27
C GLN F 297 13.64 52.26 -8.74
N LYS F 298 14.09 51.06 -9.07
CA LYS F 298 14.45 50.80 -10.46
C LYS F 298 13.24 50.45 -11.36
N ASP F 299 12.18 49.91 -10.77
CA ASP F 299 10.98 49.47 -11.53
C ASP F 299 9.82 50.48 -11.48
N ALA F 300 10.08 51.70 -11.02
CA ALA F 300 9.01 52.67 -10.75
C ALA F 300 8.85 53.73 -11.85
N PRO F 301 7.77 53.63 -12.66
CA PRO F 301 7.56 54.52 -13.81
C PRO F 301 6.69 55.73 -13.46
C2 BGC G . 15.48 -41.01 50.99
C3 BGC G . 16.36 -40.14 50.09
C4 BGC G . 15.50 -39.59 48.96
C5 BGC G . 14.40 -38.73 49.60
C6 BGC G . 13.55 -37.98 48.56
C1 BGC G . 14.29 -40.19 51.50
O1 BGC G . 13.41 -41.08 52.17
O2 BGC G . 16.22 -41.54 52.06
O3 BGC G . 17.43 -40.89 49.57
O4 BGC G . 16.29 -38.85 48.05
O5 BGC G . 13.59 -39.55 50.44
O6 BGC G . 12.25 -38.50 48.50
C1 GAL G . 16.50 -39.62 46.85
C2 GAL G . 16.75 -38.61 45.72
C3 GAL G . 17.25 -39.29 44.44
C4 GAL G . 18.42 -40.22 44.77
C5 GAL G . 17.95 -41.23 45.81
C6 GAL G . 19.06 -42.21 46.13
O2 GAL G . 15.57 -37.91 45.45
O3 GAL G . 17.59 -38.30 43.49
O4 GAL G . 19.55 -39.51 45.26
O5 GAL G . 17.56 -40.55 46.99
O6 GAL G . 18.50 -43.50 46.14
C1 SIA G . 17.57 -39.92 41.62
C2 SIA G . 17.16 -38.54 42.11
C3 SIA G . 17.91 -37.48 41.31
C4 SIA G . 17.50 -37.45 39.85
C5 SIA G . 15.99 -37.25 39.73
C6 SIA G . 15.39 -38.45 40.47
C7 SIA G . 13.88 -38.62 40.33
C8 SIA G . 13.36 -39.83 41.11
C9 SIA G . 12.08 -40.39 40.51
C10 SIA G . 14.68 -36.68 37.69
C11 SIA G . 14.70 -36.81 36.20
N5 SIA G . 15.72 -37.24 38.30
O1A SIA G . 18.76 -40.09 41.26
O1B SIA G . 16.71 -40.84 41.61
O4 SIA G . 18.23 -36.43 39.16
O6 SIA G . 15.74 -38.36 41.86
O7 SIA G . 13.28 -37.45 40.87
O8 SIA G . 14.35 -40.85 41.12
O9 SIA G . 11.40 -41.21 41.46
O10 SIA G . 13.77 -36.13 38.27
C2 BGC H . 18.94 -5.91 12.78
C3 BGC H . 19.52 -5.43 11.46
C4 BGC H . 18.67 -4.32 10.82
C5 BGC H . 18.39 -3.24 11.87
C6 BGC H . 17.51 -2.12 11.33
C1 BGC H . 18.60 -4.74 13.71
O1 BGC H . 17.90 -5.22 14.85
O2 BGC H . 19.86 -6.78 13.41
O3 BGC H . 19.69 -6.53 10.58
O4 BGC H . 19.36 -3.74 9.73
O5 BGC H . 17.79 -3.81 13.02
O6 BGC H . 17.62 -0.99 12.17
C1 GAL H . 18.98 -4.30 8.45
C2 GAL H . 19.37 -3.28 7.36
C3 GAL H . 19.34 -3.88 5.95
C4 GAL H . 19.78 -5.35 5.85
C5 GAL H . 19.17 -6.19 6.96
C6 GAL H . 19.63 -7.65 6.84
O2 GAL H . 18.49 -2.16 7.42
O3 GAL H . 20.07 -3.08 5.04
O4 GAL H . 21.18 -5.45 5.87
O5 GAL H . 19.54 -5.59 8.21
O6 GAL H . 18.52 -8.55 6.79
C1 SIA H . 18.97 -3.83 2.97
C2 SIA H . 19.23 -2.64 3.92
C3 SIA H . 20.06 -1.57 3.20
C4 SIA H . 19.28 -0.61 2.29
C5 SIA H . 17.85 -0.27 2.75
C6 SIA H . 17.15 -1.50 3.34
C7 SIA H . 15.74 -1.18 3.87
C8 SIA H . 15.02 -2.43 4.35
C9 SIA H . 13.55 -2.15 4.62
C10 SIA H . 16.39 1.54 1.86
C11 SIA H . 15.60 2.03 0.69
N5 SIA H . 17.03 0.35 1.70
O1A SIA H . 19.78 -4.11 2.06
O1B SIA H . 17.94 -4.53 3.16
O4 SIA H . 20.08 0.57 2.25
O6 SIA H . 17.99 -2.04 4.37
O7 SIA H . 15.82 -0.23 4.94
O8 SIA H . 15.14 -3.41 3.33
O9 SIA H . 12.85 -3.35 4.94
O10 SIA H . 16.43 2.22 2.88
C2 BGC I . -40.21 -35.68 -3.14
C3 BGC I . -40.00 -35.64 -4.65
C4 BGC I . -39.66 -34.23 -5.14
C5 BGC I . -38.54 -33.65 -4.27
C6 BGC I . -38.22 -32.21 -4.62
C1 BGC I . -39.04 -35.02 -2.41
O1 BGC I . -39.34 -34.93 -1.04
O2 BGC I . -40.40 -37.02 -2.75
O3 BGC I . -41.23 -36.07 -5.19
O4 BGC I . -39.23 -34.32 -6.48
O5 BGC I . -38.94 -33.71 -2.92
O6 BGC I . -37.66 -31.54 -3.51
C1 GAL I . -40.17 -33.69 -7.36
C2 GAL I . -39.31 -33.16 -8.47
C3 GAL I . -40.14 -32.62 -9.62
C4 GAL I . -41.27 -33.61 -10.00
C5 GAL I . -42.09 -33.95 -8.76
C6 GAL I . -43.24 -34.88 -9.17
O2 GAL I . -38.57 -32.10 -7.93
O3 GAL I . -39.20 -32.39 -10.66
O4 GAL I . -40.76 -34.84 -10.43
O5 GAL I . -41.16 -34.55 -7.87
O6 GAL I . -44.07 -35.24 -8.10
C1 SIA I . -40.63 -31.17 -12.19
C2 SIA I . -39.33 -31.12 -11.37
C3 SIA I . -38.07 -31.03 -12.24
C4 SIA I . -37.97 -29.71 -13.00
C5 SIA I . -38.14 -28.50 -12.08
C6 SIA I . -39.43 -28.71 -11.27
C7 SIA I . -39.73 -27.56 -10.33
C8 SIA I . -40.87 -27.86 -9.39
C9 SIA I . -41.26 -26.64 -8.56
C10 SIA I . -37.58 -26.21 -12.79
C11 SIA I . -37.88 -25.11 -13.78
N5 SIA I . -38.28 -27.33 -12.93
O1A SIA I . -40.70 -31.89 -13.22
O1B SIA I . -41.63 -30.51 -11.79
O4 SIA I . -36.72 -29.60 -13.64
O6 SIA I . -39.35 -29.95 -10.54
O7 SIA I . -38.58 -27.30 -9.53
O8 SIA I . -41.96 -28.32 -10.18
O9 SIA I . -42.54 -26.79 -7.92
O10 SIA I . -36.73 -26.07 -11.92
C1 GOL J . -19.06 -10.50 -8.59
O1 GOL J . -20.19 -10.06 -7.82
C2 GOL J . -17.94 -10.81 -7.62
O2 GOL J . -16.87 -11.59 -8.25
C3 GOL J . -18.84 -11.60 -6.64
O3 GOL J . -18.55 -11.21 -5.31
C1 GOL K . -5.00 -2.88 5.77
O1 GOL K . -5.50 -2.05 4.72
C2 GOL K . -5.81 -4.15 5.73
O2 GOL K . -5.12 -5.11 4.89
C3 GOL K . -7.17 -3.73 5.18
O3 GOL K . -8.18 -4.73 5.40
C1 GOL L . -1.58 -15.13 11.58
O1 GOL L . -2.14 -15.52 12.85
C2 GOL L . -2.64 -14.59 10.60
O2 GOL L . -2.60 -15.34 9.38
C3 GOL L . -4.08 -14.60 11.13
O3 GOL L . -4.99 -14.15 10.11
C1 GOL M . -1.37 -19.04 35.40
O1 GOL M . -1.97 -18.02 36.20
C2 GOL M . -0.72 -18.54 34.12
O2 GOL M . -1.31 -19.27 33.03
C3 GOL M . -0.96 -17.05 33.92
O3 GOL M . 0.26 -16.32 34.19
C1 GOL N . -45.34 -27.17 -29.32
O1 GOL N . -46.10 -26.30 -28.46
C2 GOL N . -44.50 -28.16 -28.51
O2 GOL N . -43.88 -29.12 -29.39
C3 GOL N . -45.37 -28.87 -27.46
O3 GOL N . -45.92 -30.06 -28.04
C1 GOL O . 26.14 38.36 20.61
O1 GOL O . 25.99 39.78 20.70
C2 GOL O . 25.11 37.63 21.49
O2 GOL O . 23.85 38.31 21.45
C3 GOL O . 24.94 36.20 21.02
O3 GOL O . 23.77 35.66 21.66
C1 GOL P . 21.04 25.97 6.34
O1 GOL P . 19.66 26.00 6.76
C2 GOL P . 21.90 26.35 7.53
O2 GOL P . 23.33 26.49 7.23
C3 GOL P . 21.63 25.17 8.47
O3 GOL P . 21.05 25.60 9.70
#